data_6QB2
# 
_entry.id   6QB2 
# 
_audit_conform.dict_name       mmcif_pdbx.dic 
_audit_conform.dict_version    5.383 
_audit_conform.dict_location   http://mmcif.pdb.org/dictionaries/ascii/mmcif_pdbx.dic 
# 
loop_
_database_2.database_id 
_database_2.database_code 
_database_2.pdbx_database_accession 
_database_2.pdbx_DOI 
PDB   6QB2         pdb_00006qb2 10.2210/pdb6qb2/pdb 
WWPDB D_1200013587 ?            ?                   
# 
loop_
_pdbx_audit_revision_history.ordinal 
_pdbx_audit_revision_history.data_content_type 
_pdbx_audit_revision_history.major_revision 
_pdbx_audit_revision_history.minor_revision 
_pdbx_audit_revision_history.revision_date 
1 'Structure model' 1 0 2019-07-03 
2 'Structure model' 1 1 2024-01-24 
# 
_pdbx_audit_revision_details.ordinal             1 
_pdbx_audit_revision_details.revision_ordinal    1 
_pdbx_audit_revision_details.data_content_type   'Structure model' 
_pdbx_audit_revision_details.provider            repository 
_pdbx_audit_revision_details.type                'Initial release' 
_pdbx_audit_revision_details.description         ? 
_pdbx_audit_revision_details.details             ? 
# 
loop_
_pdbx_audit_revision_group.ordinal 
_pdbx_audit_revision_group.revision_ordinal 
_pdbx_audit_revision_group.data_content_type 
_pdbx_audit_revision_group.group 
1 2 'Structure model' 'Data collection'        
2 2 'Structure model' 'Database references'    
3 2 'Structure model' 'Refinement description' 
4 2 'Structure model' 'Structure summary'      
# 
loop_
_pdbx_audit_revision_category.ordinal 
_pdbx_audit_revision_category.revision_ordinal 
_pdbx_audit_revision_category.data_content_type 
_pdbx_audit_revision_category.category 
1 2 'Structure model' chem_comp_atom                
2 2 'Structure model' chem_comp_bond                
3 2 'Structure model' database_2                    
4 2 'Structure model' pdbx_initial_refinement_model 
5 2 'Structure model' struct_keywords               
# 
loop_
_pdbx_audit_revision_item.ordinal 
_pdbx_audit_revision_item.revision_ordinal 
_pdbx_audit_revision_item.data_content_type 
_pdbx_audit_revision_item.item 
1 2 'Structure model' '_database_2.pdbx_DOI'                
2 2 'Structure model' '_database_2.pdbx_database_accession' 
3 2 'Structure model' '_struct_keywords.pdbx_keywords'      
# 
_pdbx_database_status.status_code                     REL 
_pdbx_database_status.status_code_sf                  REL 
_pdbx_database_status.status_code_mr                  ? 
_pdbx_database_status.entry_id                        6QB2 
_pdbx_database_status.recvd_initial_deposition_date   2018-12-20 
_pdbx_database_status.SG_entry                        N 
_pdbx_database_status.deposit_site                    PDBE 
_pdbx_database_status.process_site                    PDBE 
_pdbx_database_status.status_code_cs                  ? 
_pdbx_database_status.methods_development_category    ? 
_pdbx_database_status.pdb_format_compatible           Y 
_pdbx_database_status.status_code_nmr_data            ? 
# 
_audit_author.name               'Levy, C.W.' 
_audit_author.pdbx_ordinal       1 
_audit_author.identifier_ORCID   0000-0002-9724-310X 
# 
_citation.abstract                  ? 
_citation.abstract_id_CAS           ? 
_citation.book_id_ISBN              ? 
_citation.book_publisher            ? 
_citation.book_publisher_city       ? 
_citation.book_title                ? 
_citation.coordinate_linkage        ? 
_citation.country                   UK 
_citation.database_id_Medline       ? 
_citation.details                   ? 
_citation.id                        primary 
_citation.journal_abbrev            'Sci Rep' 
_citation.journal_id_ASTM           ? 
_citation.journal_id_CSD            ? 
_citation.journal_id_ISSN           2045-2322 
_citation.journal_full              ? 
_citation.journal_issue             ? 
_citation.journal_volume            9 
_citation.language                  ? 
_citation.page_first                9067 
_citation.page_last                 9067 
_citation.title                     'Studies of the oligomerisation mechanism of a cystatin-based engineered protein scaffold.' 
_citation.year                      2019 
_citation.database_id_CSD           ? 
_citation.pdbx_database_id_DOI      10.1038/s41598-019-45565-6 
_citation.pdbx_database_id_PubMed   31227800 
_citation.unpublished_flag          ? 
# 
loop_
_citation_author.citation_id 
_citation_author.name 
_citation_author.ordinal 
_citation_author.identifier_ORCID 
primary 'Zalar, M.'         1 ?                   
primary 'Indrakumar, S.'    2 ?                   
primary 'Levy, C.W.'        3 ?                   
primary 'Tunnicliffe, R.B.' 4 ?                   
primary 'Peters, G.H.J.'    5 ?                   
primary 'Golovanov, A.P.'   6 0000-0002-8592-3984 
# 
_entity.id                         1 
_entity.type                       polymer 
_entity.src_method                 man 
_entity.pdbx_description           'Monomer of SQT-1C' 
_entity.formula_weight             15321.174 
_entity.pdbx_number_of_molecules   1 
_entity.pdbx_ec                    ? 
_entity.pdbx_mutation              ? 
_entity.pdbx_fragment              ? 
_entity.details                    ? 
# 
_entity_poly.entity_id                      1 
_entity_poly.type                           'polypeptide(L)' 
_entity_poly.nstd_linkage                   no 
_entity_poly.nstd_monomer                   no 
_entity_poly.pdbx_seq_one_letter_code       
;MIPRGLSEAKPATPEIQEIVDKVKPQLEEKTNETYGKLEAVQYKTQVLDTYRYILASTNYYIKVRAGDNKYMHLKVFNGP
EQKLISEEDLADRVLTGYQVDKNKDDELTGFENLYFQSLERYLEHHHHHH
;
_entity_poly.pdbx_seq_one_letter_code_can   
;MIPRGLSEAKPATPEIQEIVDKVKPQLEEKTNETYGKLEAVQYKTQVLDTYRYILASTNYYIKVRAGDNKYMHLKVFNGP
EQKLISEEDLADRVLTGYQVDKNKDDELTGFENLYFQSLERYLEHHHHHH
;
_entity_poly.pdbx_strand_id                 A 
_entity_poly.pdbx_target_identifier         ? 
# 
loop_
_entity_poly_seq.entity_id 
_entity_poly_seq.num 
_entity_poly_seq.mon_id 
_entity_poly_seq.hetero 
1 1   MET n 
1 2   ILE n 
1 3   PRO n 
1 4   ARG n 
1 5   GLY n 
1 6   LEU n 
1 7   SER n 
1 8   GLU n 
1 9   ALA n 
1 10  LYS n 
1 11  PRO n 
1 12  ALA n 
1 13  THR n 
1 14  PRO n 
1 15  GLU n 
1 16  ILE n 
1 17  GLN n 
1 18  GLU n 
1 19  ILE n 
1 20  VAL n 
1 21  ASP n 
1 22  LYS n 
1 23  VAL n 
1 24  LYS n 
1 25  PRO n 
1 26  GLN n 
1 27  LEU n 
1 28  GLU n 
1 29  GLU n 
1 30  LYS n 
1 31  THR n 
1 32  ASN n 
1 33  GLU n 
1 34  THR n 
1 35  TYR n 
1 36  GLY n 
1 37  LYS n 
1 38  LEU n 
1 39  GLU n 
1 40  ALA n 
1 41  VAL n 
1 42  GLN n 
1 43  TYR n 
1 44  LYS n 
1 45  THR n 
1 46  GLN n 
1 47  VAL n 
1 48  LEU n 
1 49  ASP n 
1 50  THR n 
1 51  TYR n 
1 52  ARG n 
1 53  TYR n 
1 54  ILE n 
1 55  LEU n 
1 56  ALA n 
1 57  SER n 
1 58  THR n 
1 59  ASN n 
1 60  TYR n 
1 61  TYR n 
1 62  ILE n 
1 63  LYS n 
1 64  VAL n 
1 65  ARG n 
1 66  ALA n 
1 67  GLY n 
1 68  ASP n 
1 69  ASN n 
1 70  LYS n 
1 71  TYR n 
1 72  MET n 
1 73  HIS n 
1 74  LEU n 
1 75  LYS n 
1 76  VAL n 
1 77  PHE n 
1 78  ASN n 
1 79  GLY n 
1 80  PRO n 
1 81  GLU n 
1 82  GLN n 
1 83  LYS n 
1 84  LEU n 
1 85  ILE n 
1 86  SER n 
1 87  GLU n 
1 88  GLU n 
1 89  ASP n 
1 90  LEU n 
1 91  ALA n 
1 92  ASP n 
1 93  ARG n 
1 94  VAL n 
1 95  LEU n 
1 96  THR n 
1 97  GLY n 
1 98  TYR n 
1 99  GLN n 
1 100 VAL n 
1 101 ASP n 
1 102 LYS n 
1 103 ASN n 
1 104 LYS n 
1 105 ASP n 
1 106 ASP n 
1 107 GLU n 
1 108 LEU n 
1 109 THR n 
1 110 GLY n 
1 111 PHE n 
1 112 GLU n 
1 113 ASN n 
1 114 LEU n 
1 115 TYR n 
1 116 PHE n 
1 117 GLN n 
1 118 SER n 
1 119 LEU n 
1 120 GLU n 
1 121 ARG n 
1 122 TYR n 
1 123 LEU n 
1 124 GLU n 
1 125 HIS n 
1 126 HIS n 
1 127 HIS n 
1 128 HIS n 
1 129 HIS n 
1 130 HIS n 
# 
_entity_src_gen.entity_id                          1 
_entity_src_gen.pdbx_src_id                        1 
_entity_src_gen.pdbx_alt_source_flag               sample 
_entity_src_gen.pdbx_seq_type                      'Biological sequence' 
_entity_src_gen.pdbx_beg_seq_num                   1 
_entity_src_gen.pdbx_end_seq_num                   130 
_entity_src_gen.gene_src_common_name               ? 
_entity_src_gen.gene_src_genus                     ? 
_entity_src_gen.pdbx_gene_src_gene                 ? 
_entity_src_gen.gene_src_species                   ? 
_entity_src_gen.gene_src_strain                    ? 
_entity_src_gen.gene_src_tissue                    ? 
_entity_src_gen.gene_src_tissue_fraction           ? 
_entity_src_gen.gene_src_details                   ? 
_entity_src_gen.pdbx_gene_src_fragment             ? 
_entity_src_gen.pdbx_gene_src_scientific_name      'synthetic construct' 
_entity_src_gen.pdbx_gene_src_ncbi_taxonomy_id     32630 
_entity_src_gen.pdbx_gene_src_variant              ? 
_entity_src_gen.pdbx_gene_src_cell_line            ? 
_entity_src_gen.pdbx_gene_src_atcc                 ? 
_entity_src_gen.pdbx_gene_src_organ                ? 
_entity_src_gen.pdbx_gene_src_organelle            ? 
_entity_src_gen.pdbx_gene_src_cell                 ? 
_entity_src_gen.pdbx_gene_src_cellular_location    ? 
_entity_src_gen.host_org_common_name               ? 
_entity_src_gen.pdbx_host_org_scientific_name      'Escherichia coli' 
_entity_src_gen.pdbx_host_org_ncbi_taxonomy_id     562 
_entity_src_gen.host_org_genus                     ? 
_entity_src_gen.pdbx_host_org_gene                 ? 
_entity_src_gen.pdbx_host_org_organ                ? 
_entity_src_gen.host_org_species                   ? 
_entity_src_gen.pdbx_host_org_tissue               ? 
_entity_src_gen.pdbx_host_org_tissue_fraction      ? 
_entity_src_gen.pdbx_host_org_strain               ? 
_entity_src_gen.pdbx_host_org_variant              ? 
_entity_src_gen.pdbx_host_org_cell_line            ? 
_entity_src_gen.pdbx_host_org_atcc                 ? 
_entity_src_gen.pdbx_host_org_culture_collection   ? 
_entity_src_gen.pdbx_host_org_cell                 ? 
_entity_src_gen.pdbx_host_org_organelle            ? 
_entity_src_gen.pdbx_host_org_cellular_location    ? 
_entity_src_gen.pdbx_host_org_vector_type          ? 
_entity_src_gen.pdbx_host_org_vector               ? 
_entity_src_gen.host_org_details                   ? 
_entity_src_gen.expression_system_id               ? 
_entity_src_gen.plasmid_name                       ? 
_entity_src_gen.plasmid_details                    ? 
_entity_src_gen.pdbx_description                   ? 
# 
loop_
_chem_comp.id 
_chem_comp.type 
_chem_comp.mon_nstd_flag 
_chem_comp.name 
_chem_comp.pdbx_synonyms 
_chem_comp.formula 
_chem_comp.formula_weight 
ALA 'L-peptide linking' y ALANINE         ? 'C3 H7 N O2'     89.093  
ARG 'L-peptide linking' y ARGININE        ? 'C6 H15 N4 O2 1' 175.209 
ASN 'L-peptide linking' y ASPARAGINE      ? 'C4 H8 N2 O3'    132.118 
ASP 'L-peptide linking' y 'ASPARTIC ACID' ? 'C4 H7 N O4'     133.103 
GLN 'L-peptide linking' y GLUTAMINE       ? 'C5 H10 N2 O3'   146.144 
GLU 'L-peptide linking' y 'GLUTAMIC ACID' ? 'C5 H9 N O4'     147.129 
GLY 'peptide linking'   y GLYCINE         ? 'C2 H5 N O2'     75.067  
HIS 'L-peptide linking' y HISTIDINE       ? 'C6 H10 N3 O2 1' 156.162 
ILE 'L-peptide linking' y ISOLEUCINE      ? 'C6 H13 N O2'    131.173 
LEU 'L-peptide linking' y LEUCINE         ? 'C6 H13 N O2'    131.173 
LYS 'L-peptide linking' y LYSINE          ? 'C6 H15 N2 O2 1' 147.195 
MET 'L-peptide linking' y METHIONINE      ? 'C5 H11 N O2 S'  149.211 
PHE 'L-peptide linking' y PHENYLALANINE   ? 'C9 H11 N O2'    165.189 
PRO 'L-peptide linking' y PROLINE         ? 'C5 H9 N O2'     115.130 
SER 'L-peptide linking' y SERINE          ? 'C3 H7 N O3'     105.093 
THR 'L-peptide linking' y THREONINE       ? 'C4 H9 N O3'     119.119 
TYR 'L-peptide linking' y TYROSINE        ? 'C9 H11 N O3'    181.189 
VAL 'L-peptide linking' y VALINE          ? 'C5 H11 N O2'    117.146 
# 
loop_
_pdbx_poly_seq_scheme.asym_id 
_pdbx_poly_seq_scheme.entity_id 
_pdbx_poly_seq_scheme.seq_id 
_pdbx_poly_seq_scheme.mon_id 
_pdbx_poly_seq_scheme.ndb_seq_num 
_pdbx_poly_seq_scheme.pdb_seq_num 
_pdbx_poly_seq_scheme.auth_seq_num 
_pdbx_poly_seq_scheme.pdb_mon_id 
_pdbx_poly_seq_scheme.auth_mon_id 
_pdbx_poly_seq_scheme.pdb_strand_id 
_pdbx_poly_seq_scheme.pdb_ins_code 
_pdbx_poly_seq_scheme.hetero 
A 1 1   MET 1   1   ?   ?   ?   A . n 
A 1 2   ILE 2   2   ?   ?   ?   A . n 
A 1 3   PRO 3   3   ?   ?   ?   A . n 
A 1 4   ARG 4   4   4   ARG ARG A . n 
A 1 5   GLY 5   5   5   GLY GLY A . n 
A 1 6   LEU 6   6   6   LEU LEU A . n 
A 1 7   SER 7   7   7   SER SER A . n 
A 1 8   GLU 8   8   8   GLU GLU A . n 
A 1 9   ALA 9   9   9   ALA ALA A . n 
A 1 10  LYS 10  10  10  LYS LYS A . n 
A 1 11  PRO 11  11  11  PRO PRO A . n 
A 1 12  ALA 12  12  12  ALA ALA A . n 
A 1 13  THR 13  13  13  THR THR A . n 
A 1 14  PRO 14  14  14  PRO PRO A . n 
A 1 15  GLU 15  15  15  GLU GLU A . n 
A 1 16  ILE 16  16  16  ILE ILE A . n 
A 1 17  GLN 17  17  17  GLN GLN A . n 
A 1 18  GLU 18  18  18  GLU GLU A . n 
A 1 19  ILE 19  19  19  ILE ILE A . n 
A 1 20  VAL 20  20  20  VAL VAL A . n 
A 1 21  ASP 21  21  21  ASP ASP A . n 
A 1 22  LYS 22  22  22  LYS LYS A . n 
A 1 23  VAL 23  23  23  VAL VAL A . n 
A 1 24  LYS 24  24  24  LYS LYS A . n 
A 1 25  PRO 25  25  25  PRO PRO A . n 
A 1 26  GLN 26  26  26  GLN GLN A . n 
A 1 27  LEU 27  27  27  LEU LEU A . n 
A 1 28  GLU 28  28  28  GLU GLU A . n 
A 1 29  GLU 29  29  29  GLU GLU A . n 
A 1 30  LYS 30  30  30  LYS LYS A . n 
A 1 31  THR 31  31  31  THR THR A . n 
A 1 32  ASN 32  32  32  ASN ASN A . n 
A 1 33  GLU 33  33  33  GLU GLU A . n 
A 1 34  THR 34  34  34  THR THR A . n 
A 1 35  TYR 35  35  35  TYR TYR A . n 
A 1 36  GLY 36  36  36  GLY GLY A . n 
A 1 37  LYS 37  37  37  LYS LYS A . n 
A 1 38  LEU 38  38  38  LEU LEU A . n 
A 1 39  GLU 39  39  39  GLU GLU A . n 
A 1 40  ALA 40  40  40  ALA ALA A . n 
A 1 41  VAL 41  41  41  VAL VAL A . n 
A 1 42  GLN 42  42  42  GLN GLN A . n 
A 1 43  TYR 43  43  43  TYR TYR A . n 
A 1 44  LYS 44  44  44  LYS LYS A . n 
A 1 45  THR 45  45  45  THR THR A . n 
A 1 46  GLN 46  46  46  GLN GLN A . n 
A 1 47  VAL 47  47  47  VAL VAL A . n 
A 1 48  LEU 48  48  48  LEU LEU A . n 
A 1 49  ASP 49  49  49  ASP ASP A . n 
A 1 50  THR 50  50  50  THR THR A . n 
A 1 51  TYR 51  51  51  TYR TYR A . n 
A 1 52  ARG 52  52  52  ARG ARG A . n 
A 1 53  TYR 53  53  53  TYR TYR A . n 
A 1 54  ILE 54  54  54  ILE ILE A . n 
A 1 55  LEU 55  55  55  LEU LEU A . n 
A 1 56  ALA 56  56  56  ALA ALA A . n 
A 1 57  SER 57  57  57  SER SER A . n 
A 1 58  THR 58  58  58  THR THR A . n 
A 1 59  ASN 59  59  59  ASN ASN A . n 
A 1 60  TYR 60  60  60  TYR TYR A . n 
A 1 61  TYR 61  61  61  TYR TYR A . n 
A 1 62  ILE 62  62  62  ILE ILE A . n 
A 1 63  LYS 63  63  63  LYS LYS A . n 
A 1 64  VAL 64  64  64  VAL VAL A . n 
A 1 65  ARG 65  65  65  ARG ARG A . n 
A 1 66  ALA 66  66  66  ALA ALA A . n 
A 1 67  GLY 67  67  67  GLY GLY A . n 
A 1 68  ASP 68  68  68  ASP ASP A . n 
A 1 69  ASN 69  69  69  ASN ASN A . n 
A 1 70  LYS 70  70  70  LYS LYS A . n 
A 1 71  TYR 71  71  71  TYR TYR A . n 
A 1 72  MET 72  72  72  MET MET A . n 
A 1 73  HIS 73  73  73  HIS HIS A . n 
A 1 74  LEU 74  74  74  LEU LEU A . n 
A 1 75  LYS 75  75  75  LYS LYS A . n 
A 1 76  VAL 76  76  76  VAL VAL A . n 
A 1 77  PHE 77  77  77  PHE PHE A . n 
A 1 78  ASN 78  78  ?   ?   ?   A . n 
A 1 79  GLY 79  79  ?   ?   ?   A . n 
A 1 80  PRO 80  80  ?   ?   ?   A . n 
A 1 81  GLU 81  81  ?   ?   ?   A . n 
A 1 82  GLN 82  82  ?   ?   ?   A . n 
A 1 83  LYS 83  83  ?   ?   ?   A . n 
A 1 84  LEU 84  84  ?   ?   ?   A . n 
A 1 85  ILE 85  85  ?   ?   ?   A . n 
A 1 86  SER 86  86  ?   ?   ?   A . n 
A 1 87  GLU 87  87  ?   ?   ?   A . n 
A 1 88  GLU 88  88  ?   ?   ?   A . n 
A 1 89  ASP 89  89  ?   ?   ?   A . n 
A 1 90  LEU 90  90  ?   ?   ?   A . n 
A 1 91  ALA 91  91  ?   ?   ?   A . n 
A 1 92  ASP 92  92  ?   ?   ?   A . n 
A 1 93  ARG 93  93  93  ARG ARG A . n 
A 1 94  VAL 94  94  94  VAL VAL A . n 
A 1 95  LEU 95  95  95  LEU LEU A . n 
A 1 96  THR 96  96  96  THR THR A . n 
A 1 97  GLY 97  97  97  GLY GLY A . n 
A 1 98  TYR 98  98  98  TYR TYR A . n 
A 1 99  GLN 99  99  99  GLN GLN A . n 
A 1 100 VAL 100 100 100 VAL VAL A . n 
A 1 101 ASP 101 101 101 ASP ASP A . n 
A 1 102 LYS 102 102 102 LYS LYS A . n 
A 1 103 ASN 103 103 103 ASN ASN A . n 
A 1 104 LYS 104 104 104 LYS LYS A . n 
A 1 105 ASP 105 105 105 ASP ASP A . n 
A 1 106 ASP 106 106 106 ASP ASP A . n 
A 1 107 GLU 107 107 107 GLU GLU A . n 
A 1 108 LEU 108 108 108 LEU LEU A . n 
A 1 109 THR 109 109 109 THR THR A . n 
A 1 110 GLY 110 110 110 GLY GLY A . n 
A 1 111 PHE 111 111 111 PHE PHE A . n 
A 1 112 GLU 112 112 112 GLU GLU A . n 
A 1 113 ASN 113 113 113 ASN ASN A . n 
A 1 114 LEU 114 114 ?   ?   ?   A . n 
A 1 115 TYR 115 115 ?   ?   ?   A . n 
A 1 116 PHE 116 116 ?   ?   ?   A . n 
A 1 117 GLN 117 117 ?   ?   ?   A . n 
A 1 118 SER 118 118 ?   ?   ?   A . n 
A 1 119 LEU 119 119 ?   ?   ?   A . n 
A 1 120 GLU 120 120 ?   ?   ?   A . n 
A 1 121 ARG 121 121 ?   ?   ?   A . n 
A 1 122 TYR 122 122 ?   ?   ?   A . n 
A 1 123 LEU 123 123 ?   ?   ?   A . n 
A 1 124 GLU 124 124 ?   ?   ?   A . n 
A 1 125 HIS 125 125 ?   ?   ?   A . n 
A 1 126 HIS 126 126 ?   ?   ?   A . n 
A 1 127 HIS 127 127 ?   ?   ?   A . n 
A 1 128 HIS 128 128 ?   ?   ?   A . n 
A 1 129 HIS 129 129 ?   ?   ?   A . n 
A 1 130 HIS 130 130 ?   ?   ?   A . n 
# 
loop_
_pdbx_unobs_or_zero_occ_atoms.id 
_pdbx_unobs_or_zero_occ_atoms.PDB_model_num 
_pdbx_unobs_or_zero_occ_atoms.polymer_flag 
_pdbx_unobs_or_zero_occ_atoms.occupancy_flag 
_pdbx_unobs_or_zero_occ_atoms.auth_asym_id 
_pdbx_unobs_or_zero_occ_atoms.auth_comp_id 
_pdbx_unobs_or_zero_occ_atoms.auth_seq_id 
_pdbx_unobs_or_zero_occ_atoms.PDB_ins_code 
_pdbx_unobs_or_zero_occ_atoms.auth_atom_id 
_pdbx_unobs_or_zero_occ_atoms.label_alt_id 
_pdbx_unobs_or_zero_occ_atoms.label_asym_id 
_pdbx_unobs_or_zero_occ_atoms.label_comp_id 
_pdbx_unobs_or_zero_occ_atoms.label_seq_id 
_pdbx_unobs_or_zero_occ_atoms.label_atom_id 
1  1 Y 1 A TYR 53  ? CG  ? A TYR 53  CG  
2  1 Y 1 A TYR 53  ? CD1 ? A TYR 53  CD1 
3  1 Y 1 A TYR 53  ? CD2 ? A TYR 53  CD2 
4  1 Y 1 A TYR 53  ? CE1 ? A TYR 53  CE1 
5  1 Y 1 A TYR 53  ? CE2 ? A TYR 53  CE2 
6  1 Y 1 A TYR 53  ? CZ  ? A TYR 53  CZ  
7  1 Y 1 A TYR 53  ? OH  ? A TYR 53  OH  
8  1 Y 1 A ILE 54  ? CG1 ? A ILE 54  CG1 
9  1 Y 1 A ILE 54  ? CG2 ? A ILE 54  CG2 
10 1 Y 1 A ILE 54  ? CD1 ? A ILE 54  CD1 
11 1 Y 1 A LEU 55  ? CG  ? A LEU 55  CG  
12 1 Y 1 A LEU 55  ? CD1 ? A LEU 55  CD1 
13 1 Y 1 A LEU 55  ? CD2 ? A LEU 55  CD2 
14 1 Y 1 A ARG 93  ? CG  ? A ARG 93  CG  
15 1 Y 1 A ARG 93  ? CD  ? A ARG 93  CD  
16 1 Y 1 A ARG 93  ? NE  ? A ARG 93  NE  
17 1 Y 1 A ARG 93  ? CZ  ? A ARG 93  CZ  
18 1 Y 1 A ARG 93  ? NH1 ? A ARG 93  NH1 
19 1 Y 1 A ARG 93  ? NH2 ? A ARG 93  NH2 
20 1 Y 1 A GLU 112 ? CG  ? A GLU 112 CG  
21 1 Y 1 A GLU 112 ? CD  ? A GLU 112 CD  
22 1 Y 1 A GLU 112 ? OE1 ? A GLU 112 OE1 
23 1 Y 1 A GLU 112 ? OE2 ? A GLU 112 OE2 
# 
loop_
_software.citation_id 
_software.classification 
_software.compiler_name 
_software.compiler_version 
_software.contact_author 
_software.contact_author_email 
_software.date 
_software.description 
_software.dependencies 
_software.hardware 
_software.language 
_software.location 
_software.mods 
_software.name 
_software.os 
_software.os_version 
_software.type 
_software.version 
_software.pdbx_ordinal 
? refinement       ? ? ? ? ? ? ? ? ? ? ? PHENIX ? ? ? 1.14_3260 1 
? 'data reduction' ? ? ? ? ? ? ? ? ? ? ? DIALS  ? ? ? .         2 
? 'data scaling'   ? ? ? ? ? ? ? ? ? ? ? DIALS  ? ? ? .         3 
? phasing          ? ? ? ? ? ? ? ? ? ? ? PHASER ? ? ? .         4 
# 
_cell.angle_alpha                  90.000 
_cell.angle_alpha_esd              ? 
_cell.angle_beta                   90.000 
_cell.angle_beta_esd               ? 
_cell.angle_gamma                  90.000 
_cell.angle_gamma_esd              ? 
_cell.entry_id                     6QB2 
_cell.details                      ? 
_cell.formula_units_Z              ? 
_cell.length_a                     96.124 
_cell.length_a_esd                 ? 
_cell.length_b                     96.124 
_cell.length_b_esd                 ? 
_cell.length_c                     29.859 
_cell.length_c_esd                 ? 
_cell.volume                       275894.658 
_cell.volume_esd                   ? 
_cell.Z_PDB                        8 
_cell.reciprocal_angle_alpha       ? 
_cell.reciprocal_angle_beta        ? 
_cell.reciprocal_angle_gamma       ? 
_cell.reciprocal_angle_alpha_esd   ? 
_cell.reciprocal_angle_beta_esd    ? 
_cell.reciprocal_angle_gamma_esd   ? 
_cell.reciprocal_length_a          ? 
_cell.reciprocal_length_b          ? 
_cell.reciprocal_length_c          ? 
_cell.reciprocal_length_a_esd      ? 
_cell.reciprocal_length_b_esd      ? 
_cell.reciprocal_length_c_esd      ? 
_cell.pdbx_unique_axis             ? 
# 
_symmetry.entry_id                         6QB2 
_symmetry.cell_setting                     ? 
_symmetry.Int_Tables_number                90 
_symmetry.space_group_name_Hall            'P 4ab 2ab' 
_symmetry.space_group_name_H-M             'P 4 21 2' 
_symmetry.pdbx_full_space_group_name_H-M   ? 
# 
_exptl.absorpt_coefficient_mu     ? 
_exptl.absorpt_correction_T_max   ? 
_exptl.absorpt_correction_T_min   ? 
_exptl.absorpt_correction_type    ? 
_exptl.absorpt_process_details    ? 
_exptl.entry_id                   6QB2 
_exptl.crystals_number            1 
_exptl.details                    ? 
_exptl.method                     'X-RAY DIFFRACTION' 
_exptl.method_details             ? 
# 
_exptl_crystal.colour                      ? 
_exptl_crystal.density_diffrn              ? 
_exptl_crystal.density_Matthews            3.12 
_exptl_crystal.density_method              ? 
_exptl_crystal.density_percent_sol         60.53 
_exptl_crystal.description                 ? 
_exptl_crystal.F_000                       ? 
_exptl_crystal.id                          1 
_exptl_crystal.preparation                 ? 
_exptl_crystal.size_max                    ? 
_exptl_crystal.size_mid                    ? 
_exptl_crystal.size_min                    ? 
_exptl_crystal.size_rad                    ? 
_exptl_crystal.colour_lustre               ? 
_exptl_crystal.colour_modifier             ? 
_exptl_crystal.colour_primary              ? 
_exptl_crystal.density_meas                ? 
_exptl_crystal.density_meas_esd            ? 
_exptl_crystal.density_meas_gt             ? 
_exptl_crystal.density_meas_lt             ? 
_exptl_crystal.density_meas_temp           ? 
_exptl_crystal.density_meas_temp_esd       ? 
_exptl_crystal.density_meas_temp_gt        ? 
_exptl_crystal.density_meas_temp_lt        ? 
_exptl_crystal.pdbx_crystal_image_url      ? 
_exptl_crystal.pdbx_crystal_image_format   ? 
_exptl_crystal.pdbx_mosaicity              ? 
_exptl_crystal.pdbx_mosaicity_esd          ? 
# 
_exptl_crystal_grow.apparatus       ? 
_exptl_crystal_grow.atmosphere      ? 
_exptl_crystal_grow.crystal_id      1 
_exptl_crystal_grow.details         ? 
_exptl_crystal_grow.method          'VAPOR DIFFUSION, SITTING DROP' 
_exptl_crystal_grow.method_ref      ? 
_exptl_crystal_grow.pH              ? 
_exptl_crystal_grow.pressure        ? 
_exptl_crystal_grow.pressure_esd    ? 
_exptl_crystal_grow.seeding         ? 
_exptl_crystal_grow.seeding_ref     ? 
_exptl_crystal_grow.temp            277 
_exptl_crystal_grow.temp_details    'cold room' 
_exptl_crystal_grow.temp_esd        ? 
_exptl_crystal_grow.time            ? 
_exptl_crystal_grow.pdbx_details    '38% Dioxane' 
_exptl_crystal_grow.pdbx_pH_range   ? 
# 
_diffrn.ambient_environment              ? 
_diffrn.ambient_temp                     100 
_diffrn.ambient_temp_details             ? 
_diffrn.ambient_temp_esd                 ? 
_diffrn.crystal_id                       1 
_diffrn.crystal_support                  ? 
_diffrn.crystal_treatment                ? 
_diffrn.details                          ? 
_diffrn.id                               1 
_diffrn.ambient_pressure                 ? 
_diffrn.ambient_pressure_esd             ? 
_diffrn.ambient_pressure_gt              ? 
_diffrn.ambient_pressure_lt              ? 
_diffrn.ambient_temp_gt                  ? 
_diffrn.ambient_temp_lt                  ? 
_diffrn.pdbx_serial_crystal_experiment   N 
# 
_diffrn_detector.details                      ? 
_diffrn_detector.detector                     PIXEL 
_diffrn_detector.diffrn_id                    1 
_diffrn_detector.type                         'DECTRIS PILATUS 6M' 
_diffrn_detector.area_resol_mean              ? 
_diffrn_detector.dtime                        ? 
_diffrn_detector.pdbx_frames_total            ? 
_diffrn_detector.pdbx_collection_time_total   ? 
_diffrn_detector.pdbx_collection_date         2018-04-22 
_diffrn_detector.pdbx_frequency               ? 
# 
_diffrn_radiation.collimation                      ? 
_diffrn_radiation.diffrn_id                        1 
_diffrn_radiation.filter_edge                      ? 
_diffrn_radiation.inhomogeneity                    ? 
_diffrn_radiation.monochromator                    ? 
_diffrn_radiation.polarisn_norm                    ? 
_diffrn_radiation.polarisn_ratio                   ? 
_diffrn_radiation.probe                            ? 
_diffrn_radiation.type                             ? 
_diffrn_radiation.xray_symbol                      ? 
_diffrn_radiation.wavelength_id                    1 
_diffrn_radiation.pdbx_monochromatic_or_laue_m_l   M 
_diffrn_radiation.pdbx_wavelength_list             ? 
_diffrn_radiation.pdbx_wavelength                  ? 
_diffrn_radiation.pdbx_diffrn_protocol             'SINGLE WAVELENGTH' 
_diffrn_radiation.pdbx_analyzer                    ? 
_diffrn_radiation.pdbx_scattering_type             x-ray 
# 
_diffrn_radiation_wavelength.id           1 
_diffrn_radiation_wavelength.wavelength   0.9 
_diffrn_radiation_wavelength.wt           1.0 
# 
_diffrn_source.current                     ? 
_diffrn_source.details                     ? 
_diffrn_source.diffrn_id                   1 
_diffrn_source.power                       ? 
_diffrn_source.size                        ? 
_diffrn_source.source                      SYNCHROTRON 
_diffrn_source.target                      ? 
_diffrn_source.type                        'DIAMOND BEAMLINE I03' 
_diffrn_source.voltage                     ? 
_diffrn_source.take-off_angle              ? 
_diffrn_source.pdbx_wavelength_list        0.9 
_diffrn_source.pdbx_wavelength             ? 
_diffrn_source.pdbx_synchrotron_beamline   I03 
_diffrn_source.pdbx_synchrotron_site       Diamond 
# 
_reflns.B_iso_Wilson_estimate            84.09 
_reflns.entry_id                         6QB2 
_reflns.data_reduction_details           ? 
_reflns.data_reduction_method            ? 
_reflns.d_resolution_high                2.5 
_reflns.d_resolution_low                 42.99 
_reflns.details                          ? 
_reflns.limit_h_max                      ? 
_reflns.limit_h_min                      ? 
_reflns.limit_k_max                      ? 
_reflns.limit_k_min                      ? 
_reflns.limit_l_max                      ? 
_reflns.limit_l_min                      ? 
_reflns.number_all                       ? 
_reflns.number_obs                       5209 
_reflns.observed_criterion               ? 
_reflns.observed_criterion_F_max         ? 
_reflns.observed_criterion_F_min         ? 
_reflns.observed_criterion_I_max         ? 
_reflns.observed_criterion_I_min         ? 
_reflns.observed_criterion_sigma_F       ? 
_reflns.observed_criterion_sigma_I       ? 
_reflns.percent_possible_obs             99.79 
_reflns.R_free_details                   ? 
_reflns.Rmerge_F_all                     ? 
_reflns.Rmerge_F_obs                     ? 
_reflns.Friedel_coverage                 ? 
_reflns.number_gt                        ? 
_reflns.threshold_expression             ? 
_reflns.pdbx_redundancy                  11.9 
_reflns.pdbx_Rmerge_I_obs                0.058 
_reflns.pdbx_Rmerge_I_all                ? 
_reflns.pdbx_Rsym_value                  ? 
_reflns.pdbx_netI_over_av_sigmaI         ? 
_reflns.pdbx_netI_over_sigmaI            17.39 
_reflns.pdbx_res_netI_over_av_sigmaI_2   ? 
_reflns.pdbx_res_netI_over_sigmaI_2      ? 
_reflns.pdbx_chi_squared                 ? 
_reflns.pdbx_scaling_rejects             ? 
_reflns.pdbx_d_res_high_opt              ? 
_reflns.pdbx_d_res_low_opt               ? 
_reflns.pdbx_d_res_opt_method            ? 
_reflns.phase_calculation_details        ? 
_reflns.pdbx_Rrim_I_all                  0.061 
_reflns.pdbx_Rpim_I_all                  0.018 
_reflns.pdbx_d_opt                       ? 
_reflns.pdbx_number_measured_all         ? 
_reflns.pdbx_diffrn_id                   1 
_reflns.pdbx_ordinal                     1 
_reflns.pdbx_CC_half                     0.998 
_reflns.pdbx_R_split                     ? 
# 
_reflns_shell.d_res_high                  2.5 
_reflns_shell.d_res_low                   2.589 
_reflns_shell.meanI_over_sigI_all         ? 
_reflns_shell.meanI_over_sigI_obs         2.37 
_reflns_shell.number_measured_all         ? 
_reflns_shell.number_measured_obs         ? 
_reflns_shell.number_possible             ? 
_reflns_shell.number_unique_all           ? 
_reflns_shell.number_unique_obs           497 
_reflns_shell.percent_possible_all        99.6 
_reflns_shell.percent_possible_obs        ? 
_reflns_shell.Rmerge_F_all                ? 
_reflns_shell.Rmerge_F_obs                ? 
_reflns_shell.Rmerge_I_all                ? 
_reflns_shell.Rmerge_I_obs                0.92 
_reflns_shell.meanI_over_sigI_gt          ? 
_reflns_shell.meanI_over_uI_all           ? 
_reflns_shell.meanI_over_uI_gt            ? 
_reflns_shell.number_measured_gt          ? 
_reflns_shell.number_unique_gt            ? 
_reflns_shell.percent_possible_gt         ? 
_reflns_shell.Rmerge_F_gt                 ? 
_reflns_shell.Rmerge_I_gt                 ? 
_reflns_shell.pdbx_redundancy             12.6 
_reflns_shell.pdbx_Rsym_value             ? 
_reflns_shell.pdbx_chi_squared            ? 
_reflns_shell.pdbx_netI_over_sigmaI_all   ? 
_reflns_shell.pdbx_netI_over_sigmaI_obs   ? 
_reflns_shell.pdbx_Rrim_I_all             ? 
_reflns_shell.pdbx_Rpim_I_all             0.27 
_reflns_shell.pdbx_rejects                ? 
_reflns_shell.pdbx_ordinal                1 
_reflns_shell.pdbx_diffrn_id              1 
_reflns_shell.pdbx_CC_half                0.685 
_reflns_shell.pdbx_R_split                ? 
# 
_refine.aniso_B[1][1]                            ? 
_refine.aniso_B[1][2]                            ? 
_refine.aniso_B[1][3]                            ? 
_refine.aniso_B[2][2]                            ? 
_refine.aniso_B[2][3]                            ? 
_refine.aniso_B[3][3]                            ? 
_refine.B_iso_max                                ? 
_refine.B_iso_mean                               106.40 
_refine.B_iso_min                                ? 
_refine.correlation_coeff_Fo_to_Fc               ? 
_refine.correlation_coeff_Fo_to_Fc_free          ? 
_refine.details                                  ? 
_refine.diff_density_max                         ? 
_refine.diff_density_max_esd                     ? 
_refine.diff_density_min                         ? 
_refine.diff_density_min_esd                     ? 
_refine.diff_density_rms                         ? 
_refine.diff_density_rms_esd                     ? 
_refine.entry_id                                 6QB2 
_refine.pdbx_refine_id                           'X-RAY DIFFRACTION' 
_refine.ls_abs_structure_details                 ? 
_refine.ls_abs_structure_Flack                   ? 
_refine.ls_abs_structure_Flack_esd               ? 
_refine.ls_abs_structure_Rogers                  ? 
_refine.ls_abs_structure_Rogers_esd              ? 
_refine.ls_d_res_high                            2.50 
_refine.ls_d_res_low                             42.99 
_refine.ls_extinction_coef                       ? 
_refine.ls_extinction_coef_esd                   ? 
_refine.ls_extinction_expression                 ? 
_refine.ls_extinction_method                     ? 
_refine.ls_goodness_of_fit_all                   ? 
_refine.ls_goodness_of_fit_all_esd               ? 
_refine.ls_goodness_of_fit_obs                   ? 
_refine.ls_goodness_of_fit_obs_esd               ? 
_refine.ls_hydrogen_treatment                    ? 
_refine.ls_matrix_type                           ? 
_refine.ls_number_constraints                    ? 
_refine.ls_number_parameters                     ? 
_refine.ls_number_reflns_all                     ? 
_refine.ls_number_reflns_obs                     5207 
_refine.ls_number_reflns_R_free                  256 
_refine.ls_number_reflns_R_work                  ? 
_refine.ls_number_restraints                     ? 
_refine.ls_percent_reflns_obs                    99.83 
_refine.ls_percent_reflns_R_free                 4.92 
_refine.ls_R_factor_all                          ? 
_refine.ls_R_factor_obs                          0.2760 
_refine.ls_R_factor_R_free                       0.2948 
_refine.ls_R_factor_R_free_error                 ? 
_refine.ls_R_factor_R_free_error_details         ? 
_refine.ls_R_factor_R_work                       0.2750 
_refine.ls_R_Fsqd_factor_obs                     ? 
_refine.ls_R_I_factor_obs                        ? 
_refine.ls_redundancy_reflns_all                 ? 
_refine.ls_redundancy_reflns_obs                 ? 
_refine.ls_restrained_S_all                      ? 
_refine.ls_restrained_S_obs                      ? 
_refine.ls_shift_over_esd_max                    ? 
_refine.ls_shift_over_esd_mean                   ? 
_refine.ls_structure_factor_coef                 ? 
_refine.ls_weighting_details                     ? 
_refine.ls_weighting_scheme                      ? 
_refine.ls_wR_factor_all                         ? 
_refine.ls_wR_factor_obs                         ? 
_refine.ls_wR_factor_R_free                      ? 
_refine.ls_wR_factor_R_work                      ? 
_refine.occupancy_max                            ? 
_refine.occupancy_min                            ? 
_refine.solvent_model_details                    ? 
_refine.solvent_model_param_bsol                 ? 
_refine.solvent_model_param_ksol                 ? 
_refine.ls_R_factor_gt                           ? 
_refine.ls_goodness_of_fit_gt                    ? 
_refine.ls_goodness_of_fit_ref                   ? 
_refine.ls_shift_over_su_max                     ? 
_refine.ls_shift_over_su_max_lt                  ? 
_refine.ls_shift_over_su_mean                    ? 
_refine.ls_shift_over_su_mean_lt                 ? 
_refine.pdbx_ls_sigma_I                          ? 
_refine.pdbx_ls_sigma_F                          1.50 
_refine.pdbx_ls_sigma_Fsqd                       ? 
_refine.pdbx_data_cutoff_high_absF               ? 
_refine.pdbx_data_cutoff_high_rms_absF           ? 
_refine.pdbx_data_cutoff_low_absF                ? 
_refine.pdbx_isotropic_thermal_model             ? 
_refine.pdbx_ls_cross_valid_method               'FREE R-VALUE' 
_refine.pdbx_method_to_determine_struct          'MOLECULAR REPLACEMENT' 
_refine.pdbx_starting_model                      3K9M 
_refine.pdbx_stereochemistry_target_values       ? 
_refine.pdbx_R_Free_selection_details            ? 
_refine.pdbx_stereochem_target_val_spec_case     ? 
_refine.pdbx_overall_ESU_R                       ? 
_refine.pdbx_overall_ESU_R_Free                  ? 
_refine.pdbx_solvent_vdw_probe_radii             1.1100 
_refine.pdbx_solvent_ion_probe_radii             ? 
_refine.pdbx_solvent_shrinkage_radii             0.9000 
_refine.pdbx_real_space_R                        ? 
_refine.pdbx_density_correlation                 ? 
_refine.pdbx_pd_number_of_powder_patterns        ? 
_refine.pdbx_pd_number_of_points                 ? 
_refine.pdbx_pd_meas_number_of_points            ? 
_refine.pdbx_pd_proc_ls_prof_R_factor            ? 
_refine.pdbx_pd_proc_ls_prof_wR_factor           ? 
_refine.pdbx_pd_Marquardt_correlation_coeff      ? 
_refine.pdbx_pd_Fsqrd_R_factor                   ? 
_refine.pdbx_pd_ls_matrix_band_width             ? 
_refine.pdbx_overall_phase_error                 28.5026 
_refine.pdbx_overall_SU_R_free_Cruickshank_DPI   ? 
_refine.pdbx_overall_SU_R_free_Blow_DPI          ? 
_refine.pdbx_overall_SU_R_Blow_DPI               ? 
_refine.pdbx_TLS_residual_ADP_flag               ? 
_refine.pdbx_diffrn_id                           1 
_refine.overall_SU_B                             ? 
_refine.overall_SU_ML                            0.3765 
_refine.overall_SU_R_Cruickshank_DPI             ? 
_refine.overall_SU_R_free                        ? 
_refine.overall_FOM_free_R_set                   ? 
_refine.overall_FOM_work_R_set                   ? 
_refine.pdbx_average_fsc_overall                 ? 
_refine.pdbx_average_fsc_work                    ? 
_refine.pdbx_average_fsc_free                    ? 
# 
_refine_hist.pdbx_refine_id                   'X-RAY DIFFRACTION' 
_refine_hist.cycle_id                         LAST 
_refine_hist.pdbx_number_atoms_protein        756 
_refine_hist.pdbx_number_atoms_nucleic_acid   0 
_refine_hist.pdbx_number_atoms_ligand         0 
_refine_hist.number_atoms_solvent             0 
_refine_hist.number_atoms_total               756 
_refine_hist.d_res_high                       2.50 
_refine_hist.d_res_low                        42.99 
# 
loop_
_refine_ls_restr.pdbx_refine_id 
_refine_ls_restr.criterion 
_refine_ls_restr.dev_ideal 
_refine_ls_restr.dev_ideal_target 
_refine_ls_restr.number 
_refine_ls_restr.rejects 
_refine_ls_restr.type 
_refine_ls_restr.weight 
_refine_ls_restr.pdbx_restraint_function 
'X-RAY DIFFRACTION' ? 0.0023  ? 767  ? f_bond_d           ? ? 
'X-RAY DIFFRACTION' ? 0.5749  ? 1034 ? f_angle_d          ? ? 
'X-RAY DIFFRACTION' ? 0.0442  ? 116  ? f_chiral_restr     ? ? 
'X-RAY DIFFRACTION' ? 0.0048  ? 133  ? f_plane_restr      ? ? 
'X-RAY DIFFRACTION' ? 14.9219 ? 470  ? f_dihedral_angle_d ? ? 
# 
loop_
_refine_ls_shell.pdbx_refine_id 
_refine_ls_shell.d_res_high 
_refine_ls_shell.d_res_low 
_refine_ls_shell.number_reflns_all 
_refine_ls_shell.number_reflns_obs 
_refine_ls_shell.number_reflns_R_free 
_refine_ls_shell.number_reflns_R_work 
_refine_ls_shell.percent_reflns_obs 
_refine_ls_shell.percent_reflns_R_free 
_refine_ls_shell.R_factor_all 
_refine_ls_shell.R_factor_obs 
_refine_ls_shell.R_factor_R_free 
_refine_ls_shell.R_factor_R_free_error 
_refine_ls_shell.R_factor_R_work 
_refine_ls_shell.redundancy_reflns_all 
_refine_ls_shell.redundancy_reflns_obs 
_refine_ls_shell.wR_factor_all 
_refine_ls_shell.wR_factor_obs 
_refine_ls_shell.wR_factor_R_free 
_refine_ls_shell.wR_factor_R_work 
_refine_ls_shell.pdbx_total_number_of_bins_used 
_refine_ls_shell.pdbx_phase_error 
_refine_ls_shell.pdbx_fsc_work 
_refine_ls_shell.pdbx_fsc_free 
'X-RAY DIFFRACTION' 2.50 3.15  . . 126 2398 99.72 . . . 0.4244 . 0.3260 . . . . . . . . . . 
'X-RAY DIFFRACTION' 3.15 42.99 . . 130 2553 99.93 . . . 0.2767 . 0.2671 . . . . . . . . . . 
# 
_struct.entry_id                     6QB2 
_struct.title                        'Crystal structure of the cystatin-based engineered protein scaffold SQT-1C' 
_struct.pdbx_model_details           ? 
_struct.pdbx_formula_weight          ? 
_struct.pdbx_formula_weight_method   ? 
_struct.pdbx_model_type_details      ? 
_struct.pdbx_CASP_flag               N 
# 
_struct_keywords.entry_id        6QB2 
_struct_keywords.text            'Engineered Scaffold protein, De novo protein' 
_struct_keywords.pdbx_keywords   'DE NOVO PROTEIN' 
# 
_struct_asym.id                            A 
_struct_asym.pdbx_blank_PDB_chainid_flag   N 
_struct_asym.pdbx_modified                 N 
_struct_asym.entity_id                     1 
_struct_asym.details                       ? 
# 
_struct_ref.id                         1 
_struct_ref.db_name                    PDB 
_struct_ref.db_code                    6QB2 
_struct_ref.pdbx_db_accession          6QB2 
_struct_ref.pdbx_db_isoform            ? 
_struct_ref.entity_id                  1 
_struct_ref.pdbx_seq_one_letter_code   ? 
_struct_ref.pdbx_align_begin           1 
# 
_struct_ref_seq.align_id                      1 
_struct_ref_seq.ref_id                        1 
_struct_ref_seq.pdbx_PDB_id_code              6QB2 
_struct_ref_seq.pdbx_strand_id                A 
_struct_ref_seq.seq_align_beg                 1 
_struct_ref_seq.pdbx_seq_align_beg_ins_code   ? 
_struct_ref_seq.seq_align_end                 130 
_struct_ref_seq.pdbx_seq_align_end_ins_code   ? 
_struct_ref_seq.pdbx_db_accession             6QB2 
_struct_ref_seq.db_align_beg                  1 
_struct_ref_seq.pdbx_db_align_beg_ins_code    ? 
_struct_ref_seq.db_align_end                  130 
_struct_ref_seq.pdbx_db_align_end_ins_code    ? 
_struct_ref_seq.pdbx_auth_seq_align_beg       1 
_struct_ref_seq.pdbx_auth_seq_align_end       130 
# 
_pdbx_struct_assembly.id                   1 
_pdbx_struct_assembly.details              author_and_software_defined_assembly 
_pdbx_struct_assembly.method_details       PISA 
_pdbx_struct_assembly.oligomeric_details   monomeric 
_pdbx_struct_assembly.oligomeric_count     1 
# 
loop_
_pdbx_struct_assembly_prop.biol_id 
_pdbx_struct_assembly_prop.type 
_pdbx_struct_assembly_prop.value 
_pdbx_struct_assembly_prop.details 
1 'ABSA (A^2)' 0    ? 
1 MORE         0    ? 
1 'SSA (A^2)'  6080 ? 
# 
_pdbx_struct_assembly_gen.assembly_id       1 
_pdbx_struct_assembly_gen.oper_expression   1 
_pdbx_struct_assembly_gen.asym_id_list      A 
# 
_pdbx_struct_assembly_auth_evidence.id                     1 
_pdbx_struct_assembly_auth_evidence.assembly_id            1 
_pdbx_struct_assembly_auth_evidence.experimental_support   'gel filtration' 
_pdbx_struct_assembly_auth_evidence.details                ? 
# 
_pdbx_struct_oper_list.id                   1 
_pdbx_struct_oper_list.type                 'identity operation' 
_pdbx_struct_oper_list.name                 1_555 
_pdbx_struct_oper_list.symmetry_operation   x,y,z 
_pdbx_struct_oper_list.matrix[1][1]         1.0000000000 
_pdbx_struct_oper_list.matrix[1][2]         0.0000000000 
_pdbx_struct_oper_list.matrix[1][3]         0.0000000000 
_pdbx_struct_oper_list.vector[1]            0.0000000000 
_pdbx_struct_oper_list.matrix[2][1]         0.0000000000 
_pdbx_struct_oper_list.matrix[2][2]         1.0000000000 
_pdbx_struct_oper_list.matrix[2][3]         0.0000000000 
_pdbx_struct_oper_list.vector[2]            0.0000000000 
_pdbx_struct_oper_list.matrix[3][1]         0.0000000000 
_pdbx_struct_oper_list.matrix[3][2]         0.0000000000 
_pdbx_struct_oper_list.matrix[3][3]         1.0000000000 
_pdbx_struct_oper_list.vector[3]            0.0000000000 
# 
_struct_conf.conf_type_id            HELX_P 
_struct_conf.id                      HELX_P1 
_struct_conf.pdbx_PDB_helix_id       AA1 
_struct_conf.beg_label_comp_id       THR 
_struct_conf.beg_label_asym_id       A 
_struct_conf.beg_label_seq_id        13 
_struct_conf.pdbx_beg_PDB_ins_code   ? 
_struct_conf.end_label_comp_id       ASN 
_struct_conf.end_label_asym_id       A 
_struct_conf.end_label_seq_id        32 
_struct_conf.pdbx_end_PDB_ins_code   ? 
_struct_conf.beg_auth_comp_id        THR 
_struct_conf.beg_auth_asym_id        A 
_struct_conf.beg_auth_seq_id         13 
_struct_conf.end_auth_comp_id        ASN 
_struct_conf.end_auth_asym_id        A 
_struct_conf.end_auth_seq_id         32 
_struct_conf.pdbx_PDB_helix_class    1 
_struct_conf.details                 ? 
_struct_conf.pdbx_PDB_helix_length   20 
# 
_struct_conf_type.id          HELX_P 
_struct_conf_type.criteria    ? 
_struct_conf_type.reference   ? 
# 
_struct_sheet.id               AA1 
_struct_sheet.type             ? 
_struct_sheet.number_strands   5 
_struct_sheet.details          ? 
# 
loop_
_struct_sheet_order.sheet_id 
_struct_sheet_order.range_id_1 
_struct_sheet_order.range_id_2 
_struct_sheet_order.offset 
_struct_sheet_order.sense 
AA1 1 2 ? anti-parallel 
AA1 2 3 ? anti-parallel 
AA1 3 4 ? anti-parallel 
AA1 4 5 ? anti-parallel 
# 
loop_
_struct_sheet_range.sheet_id 
_struct_sheet_range.id 
_struct_sheet_range.beg_label_comp_id 
_struct_sheet_range.beg_label_asym_id 
_struct_sheet_range.beg_label_seq_id 
_struct_sheet_range.pdbx_beg_PDB_ins_code 
_struct_sheet_range.end_label_comp_id 
_struct_sheet_range.end_label_asym_id 
_struct_sheet_range.end_label_seq_id 
_struct_sheet_range.pdbx_end_PDB_ins_code 
_struct_sheet_range.beg_auth_comp_id 
_struct_sheet_range.beg_auth_asym_id 
_struct_sheet_range.beg_auth_seq_id 
_struct_sheet_range.end_auth_comp_id 
_struct_sheet_range.end_auth_asym_id 
_struct_sheet_range.end_auth_seq_id 
AA1 1 LYS A 10 ? PRO A 11  ? LYS A 10 PRO A 11  
AA1 2 GLN A 42 ? VAL A 47  ? GLN A 42 VAL A 47  
AA1 3 THR A 58 ? GLY A 67  ? THR A 58 GLY A 67  
AA1 4 LYS A 70 ? VAL A 76  ? LYS A 70 VAL A 76  
AA1 5 LEU A 95 ? LYS A 102 ? LEU A 95 LYS A 102 
# 
loop_
_pdbx_struct_sheet_hbond.sheet_id 
_pdbx_struct_sheet_hbond.range_id_1 
_pdbx_struct_sheet_hbond.range_id_2 
_pdbx_struct_sheet_hbond.range_1_label_atom_id 
_pdbx_struct_sheet_hbond.range_1_label_comp_id 
_pdbx_struct_sheet_hbond.range_1_label_asym_id 
_pdbx_struct_sheet_hbond.range_1_label_seq_id 
_pdbx_struct_sheet_hbond.range_1_PDB_ins_code 
_pdbx_struct_sheet_hbond.range_1_auth_atom_id 
_pdbx_struct_sheet_hbond.range_1_auth_comp_id 
_pdbx_struct_sheet_hbond.range_1_auth_asym_id 
_pdbx_struct_sheet_hbond.range_1_auth_seq_id 
_pdbx_struct_sheet_hbond.range_2_label_atom_id 
_pdbx_struct_sheet_hbond.range_2_label_comp_id 
_pdbx_struct_sheet_hbond.range_2_label_asym_id 
_pdbx_struct_sheet_hbond.range_2_label_seq_id 
_pdbx_struct_sheet_hbond.range_2_PDB_ins_code 
_pdbx_struct_sheet_hbond.range_2_auth_atom_id 
_pdbx_struct_sheet_hbond.range_2_auth_comp_id 
_pdbx_struct_sheet_hbond.range_2_auth_asym_id 
_pdbx_struct_sheet_hbond.range_2_auth_seq_id 
AA1 1 2 N LYS A 10 ? N LYS A 10 O TYR A 43 ? O TYR A 43 
AA1 2 3 N LYS A 44 ? N LYS A 44 O TYR A 61 ? O TYR A 61 
AA1 3 4 N ILE A 62 ? N ILE A 62 O LEU A 74 ? O LEU A 74 
AA1 4 5 N LYS A 75 ? N LYS A 75 O GLY A 97 ? O GLY A 97 
# 
loop_
_pdbx_validate_torsion.id 
_pdbx_validate_torsion.PDB_model_num 
_pdbx_validate_torsion.auth_comp_id 
_pdbx_validate_torsion.auth_asym_id 
_pdbx_validate_torsion.auth_seq_id 
_pdbx_validate_torsion.PDB_ins_code 
_pdbx_validate_torsion.label_alt_id 
_pdbx_validate_torsion.phi 
_pdbx_validate_torsion.psi 
1 1 ALA A 40 ? ? 59.00   72.24   
2 1 TYR A 53 ? ? -80.88  -74.81  
3 1 LEU A 55 ? ? -139.27 -42.38  
4 1 ALA A 56 ? ? -169.43 -167.65 
5 1 SER A 57 ? ? 62.28   60.88   
# 
loop_
_space_group_symop.id 
_space_group_symop.operation_xyz 
1 x,y,z           
2 -y+1/2,x+1/2,z  
3 y+1/2,-x+1/2,z  
4 x+1/2,-y+1/2,-z 
5 -x+1/2,y+1/2,-z 
6 -x,-y,z         
7 y,x,-z          
8 -y,-x,-z        
# 
_pdbx_refine_tls.id               1 
_pdbx_refine_tls.details          ? 
_pdbx_refine_tls.method           refined 
_pdbx_refine_tls.origin_x         -0.0186378396 
_pdbx_refine_tls.origin_y         0.2014504134 
_pdbx_refine_tls.origin_z         0.217531966336 
_pdbx_refine_tls.T[1][1]          0.767941186875 
_pdbx_refine_tls.T[2][2]          0.861725502687 
_pdbx_refine_tls.T[3][3]          0.665898070458 
_pdbx_refine_tls.T[1][2]          0.186459033519 
_pdbx_refine_tls.T[1][3]          -0.029654850644 
_pdbx_refine_tls.T[2][3]          -0.006697053537 
_pdbx_refine_tls.L[1][1]          3.99786802481 
_pdbx_refine_tls.L[2][2]          9.90981684066 
_pdbx_refine_tls.L[3][3]          5.22460024565 
_pdbx_refine_tls.L[1][2]          0.23886959302 
_pdbx_refine_tls.L[1][3]          2.041439190789 
_pdbx_refine_tls.L[2][3]          0.6667062651 
_pdbx_refine_tls.S[1][1]          0.71827695320 
_pdbx_refine_tls.S[1][2]          -0.298188373815 
_pdbx_refine_tls.S[1][3]          0.220233289567 
_pdbx_refine_tls.S[2][1]          -0.20190667273 
_pdbx_refine_tls.S[2][2]          -0.494202861921 
_pdbx_refine_tls.S[2][3]          0.402635977137 
_pdbx_refine_tls.S[3][1]          0.649166818278 
_pdbx_refine_tls.S[3][2]          -0.286665226678 
_pdbx_refine_tls.S[3][3]          -0.328165828166 
_pdbx_refine_tls.pdbx_refine_id   'X-RAY DIFFRACTION' 
# 
_pdbx_refine_tls_group.id                  1 
_pdbx_refine_tls_group.refine_tls_id       1 
_pdbx_refine_tls_group.selection           ? 
_pdbx_refine_tls_group.selection_details   all 
_pdbx_refine_tls_group.pdbx_refine_id      'X-RAY DIFFRACTION' 
_pdbx_refine_tls_group.beg_auth_asym_id    ? 
_pdbx_refine_tls_group.beg_auth_seq_id     ? 
_pdbx_refine_tls_group.beg_label_asym_id   ? 
_pdbx_refine_tls_group.beg_label_seq_id    ? 
_pdbx_refine_tls_group.end_auth_asym_id    ? 
_pdbx_refine_tls_group.end_auth_seq_id     ? 
_pdbx_refine_tls_group.end_label_asym_id   ? 
_pdbx_refine_tls_group.end_label_seq_id    ? 
# 
loop_
_pdbx_unobs_or_zero_occ_residues.id 
_pdbx_unobs_or_zero_occ_residues.PDB_model_num 
_pdbx_unobs_or_zero_occ_residues.polymer_flag 
_pdbx_unobs_or_zero_occ_residues.occupancy_flag 
_pdbx_unobs_or_zero_occ_residues.auth_asym_id 
_pdbx_unobs_or_zero_occ_residues.auth_comp_id 
_pdbx_unobs_or_zero_occ_residues.auth_seq_id 
_pdbx_unobs_or_zero_occ_residues.PDB_ins_code 
_pdbx_unobs_or_zero_occ_residues.label_asym_id 
_pdbx_unobs_or_zero_occ_residues.label_comp_id 
_pdbx_unobs_or_zero_occ_residues.label_seq_id 
1  1 Y 1 A MET 1   ? A MET 1   
2  1 Y 1 A ILE 2   ? A ILE 2   
3  1 Y 1 A PRO 3   ? A PRO 3   
4  1 Y 1 A ASN 78  ? A ASN 78  
5  1 Y 1 A GLY 79  ? A GLY 79  
6  1 Y 1 A PRO 80  ? A PRO 80  
7  1 Y 1 A GLU 81  ? A GLU 81  
8  1 Y 1 A GLN 82  ? A GLN 82  
9  1 Y 1 A LYS 83  ? A LYS 83  
10 1 Y 1 A LEU 84  ? A LEU 84  
11 1 Y 1 A ILE 85  ? A ILE 85  
12 1 Y 1 A SER 86  ? A SER 86  
13 1 Y 1 A GLU 87  ? A GLU 87  
14 1 Y 1 A GLU 88  ? A GLU 88  
15 1 Y 1 A ASP 89  ? A ASP 89  
16 1 Y 1 A LEU 90  ? A LEU 90  
17 1 Y 1 A ALA 91  ? A ALA 91  
18 1 Y 1 A ASP 92  ? A ASP 92  
19 1 Y 1 A LEU 114 ? A LEU 114 
20 1 Y 1 A TYR 115 ? A TYR 115 
21 1 Y 1 A PHE 116 ? A PHE 116 
22 1 Y 1 A GLN 117 ? A GLN 117 
23 1 Y 1 A SER 118 ? A SER 118 
24 1 Y 1 A LEU 119 ? A LEU 119 
25 1 Y 1 A GLU 120 ? A GLU 120 
26 1 Y 1 A ARG 121 ? A ARG 121 
27 1 Y 1 A TYR 122 ? A TYR 122 
28 1 Y 1 A LEU 123 ? A LEU 123 
29 1 Y 1 A GLU 124 ? A GLU 124 
30 1 Y 1 A HIS 125 ? A HIS 125 
31 1 Y 1 A HIS 126 ? A HIS 126 
32 1 Y 1 A HIS 127 ? A HIS 127 
33 1 Y 1 A HIS 128 ? A HIS 128 
34 1 Y 1 A HIS 129 ? A HIS 129 
35 1 Y 1 A HIS 130 ? A HIS 130 
# 
loop_
_chem_comp_atom.comp_id 
_chem_comp_atom.atom_id 
_chem_comp_atom.type_symbol 
_chem_comp_atom.pdbx_aromatic_flag 
_chem_comp_atom.pdbx_stereo_config 
_chem_comp_atom.pdbx_ordinal 
ALA N    N N N 1   
ALA CA   C N S 2   
ALA C    C N N 3   
ALA O    O N N 4   
ALA CB   C N N 5   
ALA OXT  O N N 6   
ALA H    H N N 7   
ALA H2   H N N 8   
ALA HA   H N N 9   
ALA HB1  H N N 10  
ALA HB2  H N N 11  
ALA HB3  H N N 12  
ALA HXT  H N N 13  
ARG N    N N N 14  
ARG CA   C N S 15  
ARG C    C N N 16  
ARG O    O N N 17  
ARG CB   C N N 18  
ARG CG   C N N 19  
ARG CD   C N N 20  
ARG NE   N N N 21  
ARG CZ   C N N 22  
ARG NH1  N N N 23  
ARG NH2  N N N 24  
ARG OXT  O N N 25  
ARG H    H N N 26  
ARG H2   H N N 27  
ARG HA   H N N 28  
ARG HB2  H N N 29  
ARG HB3  H N N 30  
ARG HG2  H N N 31  
ARG HG3  H N N 32  
ARG HD2  H N N 33  
ARG HD3  H N N 34  
ARG HE   H N N 35  
ARG HH11 H N N 36  
ARG HH12 H N N 37  
ARG HH21 H N N 38  
ARG HH22 H N N 39  
ARG HXT  H N N 40  
ASN N    N N N 41  
ASN CA   C N S 42  
ASN C    C N N 43  
ASN O    O N N 44  
ASN CB   C N N 45  
ASN CG   C N N 46  
ASN OD1  O N N 47  
ASN ND2  N N N 48  
ASN OXT  O N N 49  
ASN H    H N N 50  
ASN H2   H N N 51  
ASN HA   H N N 52  
ASN HB2  H N N 53  
ASN HB3  H N N 54  
ASN HD21 H N N 55  
ASN HD22 H N N 56  
ASN HXT  H N N 57  
ASP N    N N N 58  
ASP CA   C N S 59  
ASP C    C N N 60  
ASP O    O N N 61  
ASP CB   C N N 62  
ASP CG   C N N 63  
ASP OD1  O N N 64  
ASP OD2  O N N 65  
ASP OXT  O N N 66  
ASP H    H N N 67  
ASP H2   H N N 68  
ASP HA   H N N 69  
ASP HB2  H N N 70  
ASP HB3  H N N 71  
ASP HD2  H N N 72  
ASP HXT  H N N 73  
GLN N    N N N 74  
GLN CA   C N S 75  
GLN C    C N N 76  
GLN O    O N N 77  
GLN CB   C N N 78  
GLN CG   C N N 79  
GLN CD   C N N 80  
GLN OE1  O N N 81  
GLN NE2  N N N 82  
GLN OXT  O N N 83  
GLN H    H N N 84  
GLN H2   H N N 85  
GLN HA   H N N 86  
GLN HB2  H N N 87  
GLN HB3  H N N 88  
GLN HG2  H N N 89  
GLN HG3  H N N 90  
GLN HE21 H N N 91  
GLN HE22 H N N 92  
GLN HXT  H N N 93  
GLU N    N N N 94  
GLU CA   C N S 95  
GLU C    C N N 96  
GLU O    O N N 97  
GLU CB   C N N 98  
GLU CG   C N N 99  
GLU CD   C N N 100 
GLU OE1  O N N 101 
GLU OE2  O N N 102 
GLU OXT  O N N 103 
GLU H    H N N 104 
GLU H2   H N N 105 
GLU HA   H N N 106 
GLU HB2  H N N 107 
GLU HB3  H N N 108 
GLU HG2  H N N 109 
GLU HG3  H N N 110 
GLU HE2  H N N 111 
GLU HXT  H N N 112 
GLY N    N N N 113 
GLY CA   C N N 114 
GLY C    C N N 115 
GLY O    O N N 116 
GLY OXT  O N N 117 
GLY H    H N N 118 
GLY H2   H N N 119 
GLY HA2  H N N 120 
GLY HA3  H N N 121 
GLY HXT  H N N 122 
HIS N    N N N 123 
HIS CA   C N S 124 
HIS C    C N N 125 
HIS O    O N N 126 
HIS CB   C N N 127 
HIS CG   C Y N 128 
HIS ND1  N Y N 129 
HIS CD2  C Y N 130 
HIS CE1  C Y N 131 
HIS NE2  N Y N 132 
HIS OXT  O N N 133 
HIS H    H N N 134 
HIS H2   H N N 135 
HIS HA   H N N 136 
HIS HB2  H N N 137 
HIS HB3  H N N 138 
HIS HD1  H N N 139 
HIS HD2  H N N 140 
HIS HE1  H N N 141 
HIS HE2  H N N 142 
HIS HXT  H N N 143 
ILE N    N N N 144 
ILE CA   C N S 145 
ILE C    C N N 146 
ILE O    O N N 147 
ILE CB   C N S 148 
ILE CG1  C N N 149 
ILE CG2  C N N 150 
ILE CD1  C N N 151 
ILE OXT  O N N 152 
ILE H    H N N 153 
ILE H2   H N N 154 
ILE HA   H N N 155 
ILE HB   H N N 156 
ILE HG12 H N N 157 
ILE HG13 H N N 158 
ILE HG21 H N N 159 
ILE HG22 H N N 160 
ILE HG23 H N N 161 
ILE HD11 H N N 162 
ILE HD12 H N N 163 
ILE HD13 H N N 164 
ILE HXT  H N N 165 
LEU N    N N N 166 
LEU CA   C N S 167 
LEU C    C N N 168 
LEU O    O N N 169 
LEU CB   C N N 170 
LEU CG   C N N 171 
LEU CD1  C N N 172 
LEU CD2  C N N 173 
LEU OXT  O N N 174 
LEU H    H N N 175 
LEU H2   H N N 176 
LEU HA   H N N 177 
LEU HB2  H N N 178 
LEU HB3  H N N 179 
LEU HG   H N N 180 
LEU HD11 H N N 181 
LEU HD12 H N N 182 
LEU HD13 H N N 183 
LEU HD21 H N N 184 
LEU HD22 H N N 185 
LEU HD23 H N N 186 
LEU HXT  H N N 187 
LYS N    N N N 188 
LYS CA   C N S 189 
LYS C    C N N 190 
LYS O    O N N 191 
LYS CB   C N N 192 
LYS CG   C N N 193 
LYS CD   C N N 194 
LYS CE   C N N 195 
LYS NZ   N N N 196 
LYS OXT  O N N 197 
LYS H    H N N 198 
LYS H2   H N N 199 
LYS HA   H N N 200 
LYS HB2  H N N 201 
LYS HB3  H N N 202 
LYS HG2  H N N 203 
LYS HG3  H N N 204 
LYS HD2  H N N 205 
LYS HD3  H N N 206 
LYS HE2  H N N 207 
LYS HE3  H N N 208 
LYS HZ1  H N N 209 
LYS HZ2  H N N 210 
LYS HZ3  H N N 211 
LYS HXT  H N N 212 
MET N    N N N 213 
MET CA   C N S 214 
MET C    C N N 215 
MET O    O N N 216 
MET CB   C N N 217 
MET CG   C N N 218 
MET SD   S N N 219 
MET CE   C N N 220 
MET OXT  O N N 221 
MET H    H N N 222 
MET H2   H N N 223 
MET HA   H N N 224 
MET HB2  H N N 225 
MET HB3  H N N 226 
MET HG2  H N N 227 
MET HG3  H N N 228 
MET HE1  H N N 229 
MET HE2  H N N 230 
MET HE3  H N N 231 
MET HXT  H N N 232 
PHE N    N N N 233 
PHE CA   C N S 234 
PHE C    C N N 235 
PHE O    O N N 236 
PHE CB   C N N 237 
PHE CG   C Y N 238 
PHE CD1  C Y N 239 
PHE CD2  C Y N 240 
PHE CE1  C Y N 241 
PHE CE2  C Y N 242 
PHE CZ   C Y N 243 
PHE OXT  O N N 244 
PHE H    H N N 245 
PHE H2   H N N 246 
PHE HA   H N N 247 
PHE HB2  H N N 248 
PHE HB3  H N N 249 
PHE HD1  H N N 250 
PHE HD2  H N N 251 
PHE HE1  H N N 252 
PHE HE2  H N N 253 
PHE HZ   H N N 254 
PHE HXT  H N N 255 
PRO N    N N N 256 
PRO CA   C N S 257 
PRO C    C N N 258 
PRO O    O N N 259 
PRO CB   C N N 260 
PRO CG   C N N 261 
PRO CD   C N N 262 
PRO OXT  O N N 263 
PRO H    H N N 264 
PRO HA   H N N 265 
PRO HB2  H N N 266 
PRO HB3  H N N 267 
PRO HG2  H N N 268 
PRO HG3  H N N 269 
PRO HD2  H N N 270 
PRO HD3  H N N 271 
PRO HXT  H N N 272 
SER N    N N N 273 
SER CA   C N S 274 
SER C    C N N 275 
SER O    O N N 276 
SER CB   C N N 277 
SER OG   O N N 278 
SER OXT  O N N 279 
SER H    H N N 280 
SER H2   H N N 281 
SER HA   H N N 282 
SER HB2  H N N 283 
SER HB3  H N N 284 
SER HG   H N N 285 
SER HXT  H N N 286 
THR N    N N N 287 
THR CA   C N S 288 
THR C    C N N 289 
THR O    O N N 290 
THR CB   C N R 291 
THR OG1  O N N 292 
THR CG2  C N N 293 
THR OXT  O N N 294 
THR H    H N N 295 
THR H2   H N N 296 
THR HA   H N N 297 
THR HB   H N N 298 
THR HG1  H N N 299 
THR HG21 H N N 300 
THR HG22 H N N 301 
THR HG23 H N N 302 
THR HXT  H N N 303 
TYR N    N N N 304 
TYR CA   C N S 305 
TYR C    C N N 306 
TYR O    O N N 307 
TYR CB   C N N 308 
TYR CG   C Y N 309 
TYR CD1  C Y N 310 
TYR CD2  C Y N 311 
TYR CE1  C Y N 312 
TYR CE2  C Y N 313 
TYR CZ   C Y N 314 
TYR OH   O N N 315 
TYR OXT  O N N 316 
TYR H    H N N 317 
TYR H2   H N N 318 
TYR HA   H N N 319 
TYR HB2  H N N 320 
TYR HB3  H N N 321 
TYR HD1  H N N 322 
TYR HD2  H N N 323 
TYR HE1  H N N 324 
TYR HE2  H N N 325 
TYR HH   H N N 326 
TYR HXT  H N N 327 
VAL N    N N N 328 
VAL CA   C N S 329 
VAL C    C N N 330 
VAL O    O N N 331 
VAL CB   C N N 332 
VAL CG1  C N N 333 
VAL CG2  C N N 334 
VAL OXT  O N N 335 
VAL H    H N N 336 
VAL H2   H N N 337 
VAL HA   H N N 338 
VAL HB   H N N 339 
VAL HG11 H N N 340 
VAL HG12 H N N 341 
VAL HG13 H N N 342 
VAL HG21 H N N 343 
VAL HG22 H N N 344 
VAL HG23 H N N 345 
VAL HXT  H N N 346 
# 
loop_
_chem_comp_bond.comp_id 
_chem_comp_bond.atom_id_1 
_chem_comp_bond.atom_id_2 
_chem_comp_bond.value_order 
_chem_comp_bond.pdbx_aromatic_flag 
_chem_comp_bond.pdbx_stereo_config 
_chem_comp_bond.pdbx_ordinal 
ALA N   CA   sing N N 1   
ALA N   H    sing N N 2   
ALA N   H2   sing N N 3   
ALA CA  C    sing N N 4   
ALA CA  CB   sing N N 5   
ALA CA  HA   sing N N 6   
ALA C   O    doub N N 7   
ALA C   OXT  sing N N 8   
ALA CB  HB1  sing N N 9   
ALA CB  HB2  sing N N 10  
ALA CB  HB3  sing N N 11  
ALA OXT HXT  sing N N 12  
ARG N   CA   sing N N 13  
ARG N   H    sing N N 14  
ARG N   H2   sing N N 15  
ARG CA  C    sing N N 16  
ARG CA  CB   sing N N 17  
ARG CA  HA   sing N N 18  
ARG C   O    doub N N 19  
ARG C   OXT  sing N N 20  
ARG CB  CG   sing N N 21  
ARG CB  HB2  sing N N 22  
ARG CB  HB3  sing N N 23  
ARG CG  CD   sing N N 24  
ARG CG  HG2  sing N N 25  
ARG CG  HG3  sing N N 26  
ARG CD  NE   sing N N 27  
ARG CD  HD2  sing N N 28  
ARG CD  HD3  sing N N 29  
ARG NE  CZ   sing N N 30  
ARG NE  HE   sing N N 31  
ARG CZ  NH1  sing N N 32  
ARG CZ  NH2  doub N N 33  
ARG NH1 HH11 sing N N 34  
ARG NH1 HH12 sing N N 35  
ARG NH2 HH21 sing N N 36  
ARG NH2 HH22 sing N N 37  
ARG OXT HXT  sing N N 38  
ASN N   CA   sing N N 39  
ASN N   H    sing N N 40  
ASN N   H2   sing N N 41  
ASN CA  C    sing N N 42  
ASN CA  CB   sing N N 43  
ASN CA  HA   sing N N 44  
ASN C   O    doub N N 45  
ASN C   OXT  sing N N 46  
ASN CB  CG   sing N N 47  
ASN CB  HB2  sing N N 48  
ASN CB  HB3  sing N N 49  
ASN CG  OD1  doub N N 50  
ASN CG  ND2  sing N N 51  
ASN ND2 HD21 sing N N 52  
ASN ND2 HD22 sing N N 53  
ASN OXT HXT  sing N N 54  
ASP N   CA   sing N N 55  
ASP N   H    sing N N 56  
ASP N   H2   sing N N 57  
ASP CA  C    sing N N 58  
ASP CA  CB   sing N N 59  
ASP CA  HA   sing N N 60  
ASP C   O    doub N N 61  
ASP C   OXT  sing N N 62  
ASP CB  CG   sing N N 63  
ASP CB  HB2  sing N N 64  
ASP CB  HB3  sing N N 65  
ASP CG  OD1  doub N N 66  
ASP CG  OD2  sing N N 67  
ASP OD2 HD2  sing N N 68  
ASP OXT HXT  sing N N 69  
GLN N   CA   sing N N 70  
GLN N   H    sing N N 71  
GLN N   H2   sing N N 72  
GLN CA  C    sing N N 73  
GLN CA  CB   sing N N 74  
GLN CA  HA   sing N N 75  
GLN C   O    doub N N 76  
GLN C   OXT  sing N N 77  
GLN CB  CG   sing N N 78  
GLN CB  HB2  sing N N 79  
GLN CB  HB3  sing N N 80  
GLN CG  CD   sing N N 81  
GLN CG  HG2  sing N N 82  
GLN CG  HG3  sing N N 83  
GLN CD  OE1  doub N N 84  
GLN CD  NE2  sing N N 85  
GLN NE2 HE21 sing N N 86  
GLN NE2 HE22 sing N N 87  
GLN OXT HXT  sing N N 88  
GLU N   CA   sing N N 89  
GLU N   H    sing N N 90  
GLU N   H2   sing N N 91  
GLU CA  C    sing N N 92  
GLU CA  CB   sing N N 93  
GLU CA  HA   sing N N 94  
GLU C   O    doub N N 95  
GLU C   OXT  sing N N 96  
GLU CB  CG   sing N N 97  
GLU CB  HB2  sing N N 98  
GLU CB  HB3  sing N N 99  
GLU CG  CD   sing N N 100 
GLU CG  HG2  sing N N 101 
GLU CG  HG3  sing N N 102 
GLU CD  OE1  doub N N 103 
GLU CD  OE2  sing N N 104 
GLU OE2 HE2  sing N N 105 
GLU OXT HXT  sing N N 106 
GLY N   CA   sing N N 107 
GLY N   H    sing N N 108 
GLY N   H2   sing N N 109 
GLY CA  C    sing N N 110 
GLY CA  HA2  sing N N 111 
GLY CA  HA3  sing N N 112 
GLY C   O    doub N N 113 
GLY C   OXT  sing N N 114 
GLY OXT HXT  sing N N 115 
HIS N   CA   sing N N 116 
HIS N   H    sing N N 117 
HIS N   H2   sing N N 118 
HIS CA  C    sing N N 119 
HIS CA  CB   sing N N 120 
HIS CA  HA   sing N N 121 
HIS C   O    doub N N 122 
HIS C   OXT  sing N N 123 
HIS CB  CG   sing N N 124 
HIS CB  HB2  sing N N 125 
HIS CB  HB3  sing N N 126 
HIS CG  ND1  sing Y N 127 
HIS CG  CD2  doub Y N 128 
HIS ND1 CE1  doub Y N 129 
HIS ND1 HD1  sing N N 130 
HIS CD2 NE2  sing Y N 131 
HIS CD2 HD2  sing N N 132 
HIS CE1 NE2  sing Y N 133 
HIS CE1 HE1  sing N N 134 
HIS NE2 HE2  sing N N 135 
HIS OXT HXT  sing N N 136 
ILE N   CA   sing N N 137 
ILE N   H    sing N N 138 
ILE N   H2   sing N N 139 
ILE CA  C    sing N N 140 
ILE CA  CB   sing N N 141 
ILE CA  HA   sing N N 142 
ILE C   O    doub N N 143 
ILE C   OXT  sing N N 144 
ILE CB  CG1  sing N N 145 
ILE CB  CG2  sing N N 146 
ILE CB  HB   sing N N 147 
ILE CG1 CD1  sing N N 148 
ILE CG1 HG12 sing N N 149 
ILE CG1 HG13 sing N N 150 
ILE CG2 HG21 sing N N 151 
ILE CG2 HG22 sing N N 152 
ILE CG2 HG23 sing N N 153 
ILE CD1 HD11 sing N N 154 
ILE CD1 HD12 sing N N 155 
ILE CD1 HD13 sing N N 156 
ILE OXT HXT  sing N N 157 
LEU N   CA   sing N N 158 
LEU N   H    sing N N 159 
LEU N   H2   sing N N 160 
LEU CA  C    sing N N 161 
LEU CA  CB   sing N N 162 
LEU CA  HA   sing N N 163 
LEU C   O    doub N N 164 
LEU C   OXT  sing N N 165 
LEU CB  CG   sing N N 166 
LEU CB  HB2  sing N N 167 
LEU CB  HB3  sing N N 168 
LEU CG  CD1  sing N N 169 
LEU CG  CD2  sing N N 170 
LEU CG  HG   sing N N 171 
LEU CD1 HD11 sing N N 172 
LEU CD1 HD12 sing N N 173 
LEU CD1 HD13 sing N N 174 
LEU CD2 HD21 sing N N 175 
LEU CD2 HD22 sing N N 176 
LEU CD2 HD23 sing N N 177 
LEU OXT HXT  sing N N 178 
LYS N   CA   sing N N 179 
LYS N   H    sing N N 180 
LYS N   H2   sing N N 181 
LYS CA  C    sing N N 182 
LYS CA  CB   sing N N 183 
LYS CA  HA   sing N N 184 
LYS C   O    doub N N 185 
LYS C   OXT  sing N N 186 
LYS CB  CG   sing N N 187 
LYS CB  HB2  sing N N 188 
LYS CB  HB3  sing N N 189 
LYS CG  CD   sing N N 190 
LYS CG  HG2  sing N N 191 
LYS CG  HG3  sing N N 192 
LYS CD  CE   sing N N 193 
LYS CD  HD2  sing N N 194 
LYS CD  HD3  sing N N 195 
LYS CE  NZ   sing N N 196 
LYS CE  HE2  sing N N 197 
LYS CE  HE3  sing N N 198 
LYS NZ  HZ1  sing N N 199 
LYS NZ  HZ2  sing N N 200 
LYS NZ  HZ3  sing N N 201 
LYS OXT HXT  sing N N 202 
MET N   CA   sing N N 203 
MET N   H    sing N N 204 
MET N   H2   sing N N 205 
MET CA  C    sing N N 206 
MET CA  CB   sing N N 207 
MET CA  HA   sing N N 208 
MET C   O    doub N N 209 
MET C   OXT  sing N N 210 
MET CB  CG   sing N N 211 
MET CB  HB2  sing N N 212 
MET CB  HB3  sing N N 213 
MET CG  SD   sing N N 214 
MET CG  HG2  sing N N 215 
MET CG  HG3  sing N N 216 
MET SD  CE   sing N N 217 
MET CE  HE1  sing N N 218 
MET CE  HE2  sing N N 219 
MET CE  HE3  sing N N 220 
MET OXT HXT  sing N N 221 
PHE N   CA   sing N N 222 
PHE N   H    sing N N 223 
PHE N   H2   sing N N 224 
PHE CA  C    sing N N 225 
PHE CA  CB   sing N N 226 
PHE CA  HA   sing N N 227 
PHE C   O    doub N N 228 
PHE C   OXT  sing N N 229 
PHE CB  CG   sing N N 230 
PHE CB  HB2  sing N N 231 
PHE CB  HB3  sing N N 232 
PHE CG  CD1  doub Y N 233 
PHE CG  CD2  sing Y N 234 
PHE CD1 CE1  sing Y N 235 
PHE CD1 HD1  sing N N 236 
PHE CD2 CE2  doub Y N 237 
PHE CD2 HD2  sing N N 238 
PHE CE1 CZ   doub Y N 239 
PHE CE1 HE1  sing N N 240 
PHE CE2 CZ   sing Y N 241 
PHE CE2 HE2  sing N N 242 
PHE CZ  HZ   sing N N 243 
PHE OXT HXT  sing N N 244 
PRO N   CA   sing N N 245 
PRO N   CD   sing N N 246 
PRO N   H    sing N N 247 
PRO CA  C    sing N N 248 
PRO CA  CB   sing N N 249 
PRO CA  HA   sing N N 250 
PRO C   O    doub N N 251 
PRO C   OXT  sing N N 252 
PRO CB  CG   sing N N 253 
PRO CB  HB2  sing N N 254 
PRO CB  HB3  sing N N 255 
PRO CG  CD   sing N N 256 
PRO CG  HG2  sing N N 257 
PRO CG  HG3  sing N N 258 
PRO CD  HD2  sing N N 259 
PRO CD  HD3  sing N N 260 
PRO OXT HXT  sing N N 261 
SER N   CA   sing N N 262 
SER N   H    sing N N 263 
SER N   H2   sing N N 264 
SER CA  C    sing N N 265 
SER CA  CB   sing N N 266 
SER CA  HA   sing N N 267 
SER C   O    doub N N 268 
SER C   OXT  sing N N 269 
SER CB  OG   sing N N 270 
SER CB  HB2  sing N N 271 
SER CB  HB3  sing N N 272 
SER OG  HG   sing N N 273 
SER OXT HXT  sing N N 274 
THR N   CA   sing N N 275 
THR N   H    sing N N 276 
THR N   H2   sing N N 277 
THR CA  C    sing N N 278 
THR CA  CB   sing N N 279 
THR CA  HA   sing N N 280 
THR C   O    doub N N 281 
THR C   OXT  sing N N 282 
THR CB  OG1  sing N N 283 
THR CB  CG2  sing N N 284 
THR CB  HB   sing N N 285 
THR OG1 HG1  sing N N 286 
THR CG2 HG21 sing N N 287 
THR CG2 HG22 sing N N 288 
THR CG2 HG23 sing N N 289 
THR OXT HXT  sing N N 290 
TYR N   CA   sing N N 291 
TYR N   H    sing N N 292 
TYR N   H2   sing N N 293 
TYR CA  C    sing N N 294 
TYR CA  CB   sing N N 295 
TYR CA  HA   sing N N 296 
TYR C   O    doub N N 297 
TYR C   OXT  sing N N 298 
TYR CB  CG   sing N N 299 
TYR CB  HB2  sing N N 300 
TYR CB  HB3  sing N N 301 
TYR CG  CD1  doub Y N 302 
TYR CG  CD2  sing Y N 303 
TYR CD1 CE1  sing Y N 304 
TYR CD1 HD1  sing N N 305 
TYR CD2 CE2  doub Y N 306 
TYR CD2 HD2  sing N N 307 
TYR CE1 CZ   doub Y N 308 
TYR CE1 HE1  sing N N 309 
TYR CE2 CZ   sing Y N 310 
TYR CE2 HE2  sing N N 311 
TYR CZ  OH   sing N N 312 
TYR OH  HH   sing N N 313 
TYR OXT HXT  sing N N 314 
VAL N   CA   sing N N 315 
VAL N   H    sing N N 316 
VAL N   H2   sing N N 317 
VAL CA  C    sing N N 318 
VAL CA  CB   sing N N 319 
VAL CA  HA   sing N N 320 
VAL C   O    doub N N 321 
VAL C   OXT  sing N N 322 
VAL CB  CG1  sing N N 323 
VAL CB  CG2  sing N N 324 
VAL CB  HB   sing N N 325 
VAL CG1 HG11 sing N N 326 
VAL CG1 HG12 sing N N 327 
VAL CG1 HG13 sing N N 328 
VAL CG2 HG21 sing N N 329 
VAL CG2 HG22 sing N N 330 
VAL CG2 HG23 sing N N 331 
VAL OXT HXT  sing N N 332 
# 
_pdbx_audit_support.funding_organization   'European Union' 
_pdbx_audit_support.country                'United Kingdom' 
_pdbx_audit_support.grant_number           675074 
_pdbx_audit_support.ordinal                1 
# 
_pdbx_initial_refinement_model.id               1 
_pdbx_initial_refinement_model.entity_id_list   ? 
_pdbx_initial_refinement_model.type             'experimental model' 
_pdbx_initial_refinement_model.source_name      PDB 
_pdbx_initial_refinement_model.accession_code   3K9M 
_pdbx_initial_refinement_model.details          ? 
# 
_space_group.name_H-M_alt     'P 4 21 2' 
_space_group.name_Hall        'P 4ab 2ab' 
_space_group.IT_number        90 
_space_group.crystal_system   tetragonal 
_space_group.id               1 
# 
_atom_sites.entry_id                    6QB2 
_atom_sites.fract_transf_matrix[1][1]   0.00538765 
_atom_sites.fract_transf_matrix[1][2]   -0.00622929 
_atom_sites.fract_transf_matrix[1][3]   0.00635543 
_atom_sites.fract_transf_matrix[2][1]   -0.00000049 
_atom_sites.fract_transf_matrix[2][2]   -0.00742960 
_atom_sites.fract_transf_matrix[2][3]   -0.00728172 
_atom_sites.fract_transf_matrix[3][1]   0.02864970 
_atom_sites.fract_transf_matrix[3][2]   0.01213976 
_atom_sites.fract_transf_matrix[3][3]   -0.01238822 
_atom_sites.fract_transf_vector[1]      0.478748 
_atom_sites.fract_transf_vector[2]      0.225972 
_atom_sites.fract_transf_vector[3]      0.026917 
# 
loop_
_atom_type.symbol 
_atom_type.scat_dispersion_real 
_atom_type.scat_dispersion_imag 
_atom_type.scat_Cromer_Mann_a1 
_atom_type.scat_Cromer_Mann_a2 
_atom_type.scat_Cromer_Mann_a3 
_atom_type.scat_Cromer_Mann_a4 
_atom_type.scat_Cromer_Mann_b1 
_atom_type.scat_Cromer_Mann_b2 
_atom_type.scat_Cromer_Mann_b3 
_atom_type.scat_Cromer_Mann_b4 
_atom_type.scat_Cromer_Mann_c 
_atom_type.scat_source 
_atom_type.scat_dispersion_source 
C ? ? 3.54356 2.42580 ? ? 25.62398 1.50364  ? ? 0.0 
;2-Gaussian fit: Grosse-Kunstleve RW, Sauter NK, Adams PD: Newsletter of the IUCr Commission on Crystallographic Computing 2004, 3, 22-31.
;
? 
N ? ? 4.01032 2.96436 ? ? 19.97189 1.75589  ? ? 0.0 
;2-Gaussian fit: Grosse-Kunstleve RW, Sauter NK, Adams PD: Newsletter of the IUCr Commission on Crystallographic Computing 2004, 3, 22-31.
;
? 
O ? ? 4.49882 3.47563 ? ? 15.80542 1.70748  ? ? 0.0 
;2-Gaussian fit: Grosse-Kunstleve RW, Sauter NK, Adams PD: Newsletter of the IUCr Commission on Crystallographic Computing 2004, 3, 22-31.
;
? 
S ? ? 9.55732 6.39887 ? ? 1.23737  29.19336 ? ? 0.0 
;2-Gaussian fit: Grosse-Kunstleve RW, Sauter NK, Adams PD: Newsletter of the IUCr Commission on Crystallographic Computing 2004, 3, 22-31.
;
? 
# 
loop_
_atom_site.group_PDB 
_atom_site.id 
_atom_site.type_symbol 
_atom_site.label_atom_id 
_atom_site.label_alt_id 
_atom_site.label_comp_id 
_atom_site.label_asym_id 
_atom_site.label_entity_id 
_atom_site.label_seq_id 
_atom_site.pdbx_PDB_ins_code 
_atom_site.Cartn_x 
_atom_site.Cartn_y 
_atom_site.Cartn_z 
_atom_site.occupancy 
_atom_site.B_iso_or_equiv 
_atom_site.pdbx_formal_charge 
_atom_site.auth_seq_id 
_atom_site.auth_comp_id 
_atom_site.auth_asym_id 
_atom_site.auth_atom_id 
_atom_site.pdbx_PDB_model_num 
ATOM 1   N N   . ARG A 1 4   ? -15.83197 -8.11634  -3.94319  1.000 144.07111 ? 4   ARG A N   1 
ATOM 2   C CA  . ARG A 1 4   ? -14.59295 -7.36538  -3.77929  1.000 147.29055 ? 4   ARG A CA  1 
ATOM 3   C C   . ARG A 1 4   ? -14.23990 -7.18403  -2.30572  1.000 154.75886 ? 4   ARG A C   1 
ATOM 4   O O   . ARG A 1 4   ? -13.89579 -6.08466  -1.86969  1.000 156.18049 ? 4   ARG A O   1 
ATOM 5   C CB  . ARG A 1 4   ? -14.69853 -6.00200  -4.46577  1.000 150.14010 ? 4   ARG A CB  1 
ATOM 6   C CG  . ARG A 1 4   ? -15.98362 -5.24402  -4.16169  1.000 160.63976 ? 4   ARG A CG  1 
ATOM 7   C CD  . ARG A 1 4   ? -15.95193 -3.82470  -4.72060  1.000 160.29375 ? 4   ARG A CD  1 
ATOM 8   N NE  . ARG A 1 4   ? -15.66654 -3.79159  -6.15355  1.000 158.96428 ? 4   ARG A NE  1 
ATOM 9   C CZ  . ARG A 1 4   ? -14.48669 -3.46701  -6.67463  1.000 150.40277 ? 4   ARG A CZ  1 
ATOM 10  N NH1 . ARG A 1 4   ? -14.31670 -3.46573  -7.98940  1.000 152.33812 ? 4   ARG A NH1 1 
ATOM 11  N NH2 . ARG A 1 4   ? -13.47604 -3.14172  -5.88056  1.000 142.22243 ? 4   ARG A NH2 1 
ATOM 12  N N   . GLY A 1 5   ? -14.32507 -8.27100  -1.54339  1.000 156.99472 ? 5   GLY A N   1 
ATOM 13  C CA  . GLY A 1 5   ? -13.99495 -8.20474  -0.13394  1.000 152.02780 ? 5   GLY A CA  1 
ATOM 14  C C   . GLY A 1 5   ? -12.50007 -8.09437  0.09924   1.000 136.78461 ? 5   GLY A C   1 
ATOM 15  O O   . GLY A 1 5   ? -11.68181 -8.59510  -0.67293  1.000 137.64346 ? 5   GLY A O   1 
ATOM 16  N N   . LEU A 1 6   ? -12.14312 -7.42439  1.19017   1.000 120.37399 ? 6   LEU A N   1 
ATOM 17  C CA  . LEU A 1 6   ? -10.74823 -7.22218  1.54803   1.000 109.66053 ? 6   LEU A CA  1 
ATOM 18  C C   . LEU A 1 6   ? -10.21705 -8.40353  2.34868   1.000 108.23081 ? 6   LEU A C   1 
ATOM 19  O O   . LEU A 1 6   ? -10.96321 -9.09828  3.04368   1.000 115.76046 ? 6   LEU A O   1 
ATOM 20  C CB  . LEU A 1 6   ? -10.57367 -5.93611  2.35774   1.000 110.09602 ? 6   LEU A CB  1 
ATOM 21  C CG  . LEU A 1 6   ? -10.19376 -4.66859  1.59235   1.000 117.05104 ? 6   LEU A CG  1 
ATOM 22  C CD1 . LEU A 1 6   ? -10.03566 -3.50205  2.55104   1.000 119.18607 ? 6   LEU A CD1 1 
ATOM 23  C CD2 . LEU A 1 6   ? -8.91509  -4.88497  0.80446   1.000 115.72693 ? 6   LEU A CD2 1 
ATOM 24  N N   . SER A 1 7   ? -8.91009  -8.62153  2.24495   1.000 100.79679 ? 7   SER A N   1 
ATOM 25  C CA  . SER A 1 7   ? -8.25098  -9.65187  3.02594   1.000 105.99468 ? 7   SER A CA  1 
ATOM 26  C C   . SER A 1 7   ? -8.08064  -9.19286  4.47137   1.000 109.97451 ? 7   SER A C   1 
ATOM 27  O O   . SER A 1 7   ? -8.28220  -8.02401  4.81414   1.000 107.30032 ? 7   SER A O   1 
ATOM 28  C CB  . SER A 1 7   ? -6.89394  -9.99949  2.41659   1.000 115.86546 ? 7   SER A CB  1 
ATOM 29  O OG  . SER A 1 7   ? -7.02986  -10.36731 1.05399   1.000 134.73900 ? 7   SER A OG  1 
ATOM 30  N N   . GLU A 1 8   ? -7.70594  -10.13467 5.32852   1.000 107.51712 ? 8   GLU A N   1 
ATOM 31  C CA  . GLU A 1 8   ? -7.40195  -9.80032  6.70878   1.000 111.70926 ? 8   GLU A CA  1 
ATOM 32  C C   . GLU A 1 8   ? -6.04244  -9.11570  6.78528   1.000 108.06522 ? 8   GLU A C   1 
ATOM 33  O O   . GLU A 1 8   ? -5.18131  -9.29879  5.92006   1.000 116.04274 ? 8   GLU A O   1 
ATOM 34  C CB  . GLU A 1 8   ? -7.42277  -11.05495 7.58388   1.000 121.23543 ? 8   GLU A CB  1 
ATOM 35  C CG  . GLU A 1 8   ? -7.50848  -10.77408 9.07722   1.000 141.83228 ? 8   GLU A CG  1 
ATOM 36  C CD  . GLU A 1 8   ? -7.75175  -12.02750 9.89531   1.000 148.71481 ? 8   GLU A CD  1 
ATOM 37  O OE1 . GLU A 1 8   ? -8.05086  -13.08048 9.29307   1.000 148.11749 ? 8   GLU A OE1 1 
ATOM 38  O OE2 . GLU A 1 8   ? -7.64459  -11.95927 11.13925  1.000 144.38804 ? 8   GLU A OE2 1 
ATOM 39  N N   . ALA A 1 9   ? -5.86226  -8.30384  7.82223   1.000 108.03410 ? 9   ALA A N   1 
ATOM 40  C CA  . ALA A 1 9   ? -4.60647  -7.58845  8.00448   1.000 114.89980 ? 9   ALA A CA  1 
ATOM 41  C C   . ALA A 1 9   ? -3.47947  -8.57924  8.27207   1.000 115.72951 ? 9   ALA A C   1 
ATOM 42  O O   . ALA A 1 9   ? -3.51040  -9.31368  9.26580   1.000 118.59837 ? 9   ALA A O   1 
ATOM 43  C CB  . ALA A 1 9   ? -4.72937  -6.58788  9.15086   1.000 121.92569 ? 9   ALA A CB  1 
ATOM 44  N N   . LYS A 1 10  ? -2.48672  -8.60246  7.38242   1.000 99.06396  ? 10  LYS A N   1 
ATOM 45  C CA  . LYS A 1 10  ? -1.32581  -9.46602  7.52302   1.000 93.38893  ? 10  LYS A CA  1 
ATOM 46  C C   . LYS A 1 10  ? -0.07146  -8.63307  7.76406   1.000 100.93633 ? 10  LYS A C   1 
ATOM 47  O O   . LYS A 1 10  ? 0.02751   -7.50041  7.28050   1.000 101.39537 ? 10  LYS A O   1 
ATOM 48  C CB  . LYS A 1 10  ? -1.11391  -10.32626 6.27153   1.000 104.69590 ? 10  LYS A CB  1 
ATOM 49  C CG  . LYS A 1 10  ? -2.35791  -11.03918 5.77501   1.000 112.64794 ? 10  LYS A CG  1 
ATOM 50  C CD  . LYS A 1 10  ? -2.08997  -11.73314 4.45132   1.000 107.99885 ? 10  LYS A CD  1 
ATOM 51  C CE  . LYS A 1 10  ? -1.02512  -12.80901 4.59942   1.000 109.72877 ? 10  LYS A CE  1 
ATOM 52  N NZ  . LYS A 1 10  ? -1.47081  -13.91291 5.49351   1.000 111.30464 ? 10  LYS A NZ  1 
ATOM 53  N N   . PRO A 1 11  ? 0.90027   -9.15593  8.51326   1.000 108.85823 ? 11  PRO A N   1 
ATOM 54  C CA  . PRO A 1 11  ? 2.17833   -8.44877  8.64572   1.000 96.41712  ? 11  PRO A CA  1 
ATOM 55  C C   . PRO A 1 11  ? 2.88574   -8.37551  7.30295   1.000 93.94351  ? 11  PRO A C   1 
ATOM 56  O O   . PRO A 1 11  ? 2.71447   -9.23606  6.43797   1.000 97.51375  ? 11  PRO A O   1 
ATOM 57  C CB  . PRO A 1 11  ? 2.95951   -9.30245  9.65130   1.000 95.56521  ? 11  PRO A CB  1 
ATOM 58  C CG  . PRO A 1 11  ? 2.32370   -10.65122 9.58148   1.000 106.87227 ? 11  PRO A CG  1 
ATOM 59  C CD  . PRO A 1 11  ? 0.87273   -10.40288 9.29648   1.000 110.18003 ? 11  PRO A CD  1 
ATOM 60  N N   . ALA A 1 12  ? 3.67757   -7.32500  7.12601   1.000 96.90375  ? 12  ALA A N   1 
ATOM 61  C CA  . ALA A 1 12  ? 4.29546   -7.10909  5.82992   1.000 91.26284  ? 12  ALA A CA  1 
ATOM 62  C C   . ALA A 1 12  ? 5.57056   -7.93196  5.68387   1.000 101.22603 ? 12  ALA A C   1 
ATOM 63  O O   . ALA A 1 12  ? 6.21760   -8.31901  6.66310   1.000 93.45180  ? 12  ALA A O   1 
ATOM 64  C CB  . ALA A 1 12  ? 4.60315   -5.63264  5.61405   1.000 84.26086  ? 12  ALA A CB  1 
ATOM 65  N N   . THR A 1 13  ? 5.93038   -8.18292  4.42781   1.000 98.24754  ? 13  THR A N   1 
ATOM 66  C CA  . THR A 1 13  ? 7.05104   -9.03386  4.05521   1.000 100.01511 ? 13  THR A CA  1 
ATOM 67  C C   . THR A 1 13  ? 8.01659   -8.24702  3.17296   1.000 111.42961 ? 13  THR A C   1 
ATOM 68  O O   . THR A 1 13  ? 7.68710   -7.13046  2.75132   1.000 120.61207 ? 13  THR A O   1 
ATOM 69  C CB  . THR A 1 13  ? 6.53079   -10.28016 3.33940   1.000 92.56616  ? 13  THR A CB  1 
ATOM 70  O OG1 . THR A 1 13  ? 5.80418   -9.88592  2.17003   1.000 92.95497  ? 13  THR A OG1 1 
ATOM 71  C CG2 . THR A 1 13  ? 5.60738   -11.06776 4.25829   1.000 86.30045  ? 13  THR A CG2 1 
ATOM 72  N N   . PRO A 1 14  ? 9.21687   -8.76879  2.89098   1.000 106.17852 ? 14  PRO A N   1 
ATOM 73  C CA  . PRO A 1 14  ? 10.14136  -8.02914  2.01268   1.000 105.82989 ? 14  PRO A CA  1 
ATOM 74  C C   . PRO A 1 14  ? 9.58699   -7.72457  0.62823   1.000 110.83769 ? 14  PRO A C   1 
ATOM 75  O O   . PRO A 1 14  ? 9.95017   -6.69405  0.04559   1.000 114.13385 ? 14  PRO A O   1 
ATOM 76  C CB  . PRO A 1 14  ? 11.36056  -8.95757  1.94117   1.000 114.56165 ? 14  PRO A CB  1 
ATOM 77  C CG  . PRO A 1 14  ? 11.35466  -9.65968  3.25784   1.000 102.51001 ? 14  PRO A CG  1 
ATOM 78  C CD  . PRO A 1 14  ? 9.89774   -9.88075  3.58358   1.000 110.23877 ? 14  PRO A CD  1 
ATOM 79  N N   . GLU A 1 15  ? 8.72067   -8.57743  0.07524   1.000 106.95200 ? 15  GLU A N   1 
ATOM 80  C CA  . GLU A 1 15  ? 8.16653   -8.28302  -1.24418  1.000 105.60733 ? 15  GLU A CA  1 
ATOM 81  C C   . GLU A 1 15  ? 7.21279   -7.09455  -1.18766  1.000 100.65115 ? 15  GLU A C   1 
ATOM 82  O O   . GLU A 1 15  ? 7.18630   -6.26783  -2.10768  1.000 95.30461  ? 15  GLU A O   1 
ATOM 83  C CB  . GLU A 1 15  ? 7.47285   -9.51821  -1.82732  1.000 104.41796 ? 15  GLU A CB  1 
ATOM 84  C CG  . GLU A 1 15  ? 6.62983   -10.32193 -0.84624  1.000 124.84037 ? 15  GLU A CG  1 
ATOM 85  C CD  . GLU A 1 15  ? 7.42170   -11.41293 -0.13500  1.000 144.36020 ? 15  GLU A CD  1 
ATOM 86  O OE1 . GLU A 1 15  ? 8.66992   -11.34186 -0.11940  1.000 144.37385 ? 15  GLU A OE1 1 
ATOM 87  O OE2 . GLU A 1 15  ? 6.79287   -12.34682 0.40717   1.000 146.95475 ? 15  GLU A OE2 1 
ATOM 88  N N   . ILE A 1 16  ? 6.43523   -6.97998  -0.10886  1.000 103.96533 ? 16  ILE A N   1 
ATOM 89  C CA  . ILE A 1 16  ? 5.60272   -5.79382  0.08174   1.000 111.52002 ? 16  ILE A CA  1 
ATOM 90  C C   . ILE A 1 16  ? 6.47970   -4.55320  0.21042   1.000 103.58785 ? 16  ILE A C   1 
ATOM 91  O O   . ILE A 1 16  ? 6.16565   -3.48442  -0.33644  1.000 95.01675  ? 16  ILE A O   1 
ATOM 92  C CB  . ILE A 1 16  ? 4.68475   -5.97967  1.30758   1.000 105.60833 ? 16  ILE A CB  1 
ATOM 93  C CG1 . ILE A 1 16  ? 3.37955   -6.68134  0.91440   1.000 106.04335 ? 16  ILE A CG1 1 
ATOM 94  C CG2 . ILE A 1 16  ? 4.39454   -4.64873  1.98269   1.000 100.05825 ? 16  ILE A CG2 1 
ATOM 95  C CD1 . ILE A 1 16  ? 3.52790   -8.15474  0.58462   1.000 94.22392  ? 16  ILE A CD1 1 
ATOM 96  N N   . GLN A 1 17  ? 7.60409   -4.68406  0.92091   1.000 87.28128  ? 17  GLN A N   1 
ATOM 97  C CA  . GLN A 1 17  ? 8.53853   -3.57300  1.05190   1.000 92.86226  ? 17  GLN A CA  1 
ATOM 98  C C   . GLN A 1 17  ? 9.07420   -3.14113  -0.30790  1.000 112.41308 ? 17  GLN A C   1 
ATOM 99  O O   . GLN A 1 17  ? 9.15512   -1.94237  -0.60074  1.000 114.52066 ? 17  GLN A O   1 
ATOM 100 C CB  . GLN A 1 17  ? 9.68177   -3.96632  1.98713   1.000 92.84970  ? 17  GLN A CB  1 
ATOM 101 C CG  . GLN A 1 17  ? 10.70810  -2.87382  2.20312   1.000 97.78302  ? 17  GLN A CG  1 
ATOM 102 C CD  . GLN A 1 17  ? 10.07725  -1.57535  2.65012   1.000 98.58198  ? 17  GLN A CD  1 
ATOM 103 O OE1 . GLN A 1 17  ? 9.52645   -1.48453  3.74746   1.000 97.91512  ? 17  GLN A OE1 1 
ATOM 104 N NE2 . GLN A 1 17  ? 10.14412  -0.56131  1.79519   1.000 86.67232  ? 17  GLN A NE2 1 
ATOM 105 N N   . GLU A 1 18  ? 9.42889   -4.10338  -1.16141  1.000 112.61582 ? 18  GLU A N   1 
ATOM 106 C CA  . GLU A 1 18  ? 9.90495   -3.74903  -2.49406  1.000 119.38732 ? 18  GLU A CA  1 
ATOM 107 C C   . GLU A 1 18  ? 8.79313   -3.14951  -3.34550  1.000 120.39651 ? 18  GLU A C   1 
ATOM 108 O O   . GLU A 1 18  ? 9.06127   -2.29670  -4.19896  1.000 119.87597 ? 18  GLU A O   1 
ATOM 109 C CB  . GLU A 1 18  ? 10.51074  -4.97104  -3.18314  1.000 133.10007 ? 18  GLU A CB  1 
ATOM 110 C CG  . GLU A 1 18  ? 11.68654  -5.59243  -2.43462  1.000 148.37466 ? 18  GLU A CG  1 
ATOM 111 C CD  . GLU A 1 18  ? 12.73834  -4.57269  -2.03052  1.000 155.28691 ? 18  GLU A CD  1 
ATOM 112 O OE1 . GLU A 1 18  ? 12.63712  -4.01359  -0.91662  1.000 152.68141 ? 18  GLU A OE1 1 
ATOM 113 O OE2 . GLU A 1 18  ? 13.66657  -4.32779  -2.82929  1.000 163.02546 ? 18  GLU A OE2 1 
ATOM 114 N N   . ILE A 1 19  ? 7.54509   -3.56736  -3.12388  1.000 112.63131 ? 19  ILE A N   1 
ATOM 115 C CA  . ILE A 1 19  ? 6.42375   -2.95966  -3.83885  1.000 107.36882 ? 19  ILE A CA  1 
ATOM 116 C C   . ILE A 1 19  ? 6.31308   -1.48005  -3.48798  1.000 104.04773 ? 19  ILE A C   1 
ATOM 117 O O   . ILE A 1 19  ? 6.16865   -0.61794  -4.36916  1.000 97.26142  ? 19  ILE A O   1 
ATOM 118 C CB  . ILE A 1 19  ? 5.11607   -3.71166  -3.53039  1.000 102.75837 ? 19  ILE A CB  1 
ATOM 119 C CG1 . ILE A 1 19  ? 5.10600   -5.07673  -4.22145  1.000 102.72169 ? 19  ILE A CG1 1 
ATOM 120 C CG2 . ILE A 1 19  ? 3.90664   -2.88320  -3.94906  1.000 85.99603  ? 19  ILE A CG2 1 
ATOM 121 C CD1 . ILE A 1 19  ? 3.84850   -5.87930  -3.96361  1.000 99.79207  ? 19  ILE A CD1 1 
ATOM 122 N N   . VAL A 1 20  ? 6.37769   -1.16249  -2.19127  1.000 97.47290  ? 20  VAL A N   1 
ATOM 123 C CA  . VAL A 1 20  ? 6.28897   0.24640   -1.81257  1.000 100.63484 ? 20  VAL A CA  1 
ATOM 124 C C   . VAL A 1 20  ? 7.52518   1.00133   -2.29415  1.000 108.14724 ? 20  VAL A C   1 
ATOM 125 O O   . VAL A 1 20  ? 7.42956   2.16974   -2.68715  1.000 107.29568 ? 20  VAL A O   1 
ATOM 126 C CB  . VAL A 1 20  ? 6.05467   0.42339   -0.29422  1.000 95.89572  ? 20  VAL A CB  1 
ATOM 127 C CG1 . VAL A 1 20  ? 5.08530   -0.62349  0.23603   1.000 79.31849  ? 20  VAL A CG1 1 
ATOM 128 C CG2 . VAL A 1 20  ? 7.35199   0.41619   0.49065   1.000 103.95097 ? 20  VAL A CG2 1 
ATOM 129 N N   . ASP A 1 21  ? 8.68898   0.34313   -2.32961  1.000 105.34236 ? 21  ASP A N   1 
ATOM 130 C CA  . ASP A 1 21  ? 9.89020   1.00955   -2.82321  1.000 95.53759  ? 21  ASP A CA  1 
ATOM 131 C C   . ASP A 1 21  ? 9.79781   1.30901   -4.31406  1.000 100.86993 ? 21  ASP A C   1 
ATOM 132 O O   . ASP A 1 21  ? 10.34405  2.31681   -4.77633  1.000 111.92210 ? 21  ASP A O   1 
ATOM 133 C CB  . ASP A 1 21  ? 11.12722  0.16024   -2.53121  1.000 86.16029  ? 21  ASP A CB  1 
ATOM 134 C CG  . ASP A 1 21  ? 11.43700  0.07153   -1.05015  1.000 95.99320  ? 21  ASP A CG  1 
ATOM 135 O OD1 . ASP A 1 21  ? 10.62214  0.56263   -0.24314  1.000 96.01139  ? 21  ASP A OD1 1 
ATOM 136 O OD2 . ASP A 1 21  ? 12.49578  -0.48752  -0.69000  1.000 105.87745 ? 21  ASP A OD2 1 
ATOM 137 N N   . LYS A 1 22  ? 9.11853   0.45214   -5.07845  1.000 91.56773  ? 22  LYS A N   1 
ATOM 138 C CA  . LYS A 1 22  ? 9.00681   0.66996   -6.51609  1.000 82.19268  ? 22  LYS A CA  1 
ATOM 139 C C   . LYS A 1 22  ? 7.89287   1.64664   -6.86377  1.000 102.37045 ? 22  LYS A C   1 
ATOM 140 O O   . LYS A 1 22  ? 7.96309   2.30718   -7.90674  1.000 117.12868 ? 22  LYS A O   1 
ATOM 141 C CB  . LYS A 1 22  ? 8.78592   -0.65972  -7.24033  1.000 81.81118  ? 22  LYS A CB  1 
ATOM 142 C CG  . LYS A 1 22  ? 10.01532  -1.55760  -7.27317  1.000 90.51399  ? 22  LYS A CG  1 
ATOM 143 C CD  . LYS A 1 22  ? 11.16167  -0.88408  -8.01683  1.000 103.92790 ? 22  LYS A CD  1 
ATOM 144 C CE  . LYS A 1 22  ? 12.36411  -1.80673  -8.14820  1.000 115.28588 ? 22  LYS A CE  1 
ATOM 145 N NZ  . LYS A 1 22  ? 12.93350  -2.18399  -6.82419  1.000 120.12980 ? 22  LYS A NZ  1 
ATOM 146 N N   . VAL A 1 23  ? 6.85813   1.75522   -6.02112  1.000 97.49870  ? 23  VAL A N   1 
ATOM 147 C CA  . VAL A 1 23  ? 5.81995   2.75506   -6.26348  1.000 89.69990  ? 23  VAL A CA  1 
ATOM 148 C C   . VAL A 1 23  ? 6.11321   4.08255   -5.57366  1.000 98.57475  ? 23  VAL A C   1 
ATOM 149 O O   . VAL A 1 23  ? 5.35754   5.04522   -5.76389  1.000 102.07618 ? 23  VAL A O   1 
ATOM 150 C CB  . VAL A 1 23  ? 4.42437   2.25218   -5.83540  1.000 86.53198  ? 23  VAL A CB  1 
ATOM 151 C CG1 . VAL A 1 23  ? 4.10949   0.91623   -6.50133  1.000 85.62199  ? 23  VAL A CG1 1 
ATOM 152 C CG2 . VAL A 1 23  ? 4.32774   2.15358   -4.31948  1.000 80.10961  ? 23  VAL A CG2 1 
ATOM 153 N N   . LYS A 1 24  ? 7.17971   4.16434   -4.77543  1.000 101.66771 ? 24  LYS A N   1 
ATOM 154 C CA  . LYS A 1 24  ? 7.53937   5.43620   -4.15224  1.000 95.04050  ? 24  LYS A CA  1 
ATOM 155 C C   . LYS A 1 24  ? 7.73548   6.58251   -5.14120  1.000 107.28312 ? 24  LYS A C   1 
ATOM 156 O O   . LYS A 1 24  ? 7.28156   7.69894   -4.83514  1.000 99.12910  ? 24  LYS A O   1 
ATOM 157 C CB  . LYS A 1 24  ? 8.79642   5.25337   -3.29086  1.000 98.47662  ? 24  LYS A CB  1 
ATOM 158 C CG  . LYS A 1 24  ? 9.20490   6.50261   -2.52438  1.000 102.19391 ? 24  LYS A CG  1 
ATOM 159 C CD  . LYS A 1 24  ? 10.56656  6.34111   -1.86898  1.000 112.88179 ? 24  LYS A CD  1 
ATOM 160 C CE  . LYS A 1 24  ? 10.57669  5.18712   -0.88286  1.000 125.78310 ? 24  LYS A CE  1 
ATOM 161 N NZ  . LYS A 1 24  ? 11.92307  4.99474   -0.27551  1.000 136.08412 ? 24  LYS A NZ  1 
ATOM 162 N N   . PRO A 1 25  ? 8.40131   6.41176   -6.29298  1.000 111.21534 ? 25  PRO A N   1 
ATOM 163 C CA  . PRO A 1 25  ? 8.51044   7.55173   -7.22242  1.000 111.75169 ? 25  PRO A CA  1 
ATOM 164 C C   . PRO A 1 25  ? 7.16471   8.08366   -7.68582  1.000 119.25573 ? 25  PRO A C   1 
ATOM 165 O O   . PRO A 1 25  ? 7.00428   9.30206   -7.82981  1.000 126.70772 ? 25  PRO A O   1 
ATOM 166 C CB  . PRO A 1 25  ? 9.33781   6.98166   -8.38651  1.000 115.41985 ? 25  PRO A CB  1 
ATOM 167 C CG  . PRO A 1 25  ? 9.29560   5.49532   -8.21852  1.000 115.93402 ? 25  PRO A CG  1 
ATOM 168 C CD  . PRO A 1 25  ? 9.21227   5.26945   -6.74918  1.000 103.77699 ? 25  PRO A CD  1 
ATOM 169 N N   . GLN A 1 26  ? 6.18422   7.20527   -7.91033  1.000 109.11016 ? 26  GLN A N   1 
ATOM 170 C CA  . GLN A 1 26  ? 4.84853   7.66901   -8.27350  1.000 89.41570  ? 26  GLN A CA  1 
ATOM 171 C C   . GLN A 1 26  ? 4.21435   8.45632   -7.13376  1.000 106.77649 ? 26  GLN A C   1 
ATOM 172 O O   . GLN A 1 26  ? 3.59735   9.50631   -7.35973  1.000 98.29233  ? 26  GLN A O   1 
ATOM 173 C CB  . GLN A 1 26  ? 3.97103   6.47991   -8.65941  1.000 84.69488  ? 26  GLN A CB  1 
ATOM 174 C CG  . GLN A 1 26  ? 4.64775   5.51420   -9.61819  1.000 93.68628  ? 26  GLN A CG  1 
ATOM 175 C CD  . GLN A 1 26  ? 3.89538   4.20550   -9.76881  1.000 95.63055  ? 26  GLN A CD  1 
ATOM 176 O OE1 . GLN A 1 26  ? 2.66705   4.18752   -9.85176  1.000 107.27317 ? 26  GLN A OE1 1 
ATOM 177 N NE2 . GLN A 1 26  ? 4.63296   3.09992   -9.80655  1.000 77.04990  ? 26  GLN A NE2 1 
ATOM 178 N N   . LEU A 1 27  ? 4.36395   7.96698   -5.89829  1.000 98.21190  ? 27  LEU A N   1 
ATOM 179 C CA  . LEU A 1 27  ? 3.82738   8.68240   -4.74419  1.000 102.34993 ? 27  LEU A CA  1 
ATOM 180 C C   . LEU A 1 27  ? 4.45922   10.06138  -4.60416  1.000 100.28665 ? 27  LEU A C   1 
ATOM 181 O O   . LEU A 1 27  ? 3.76831   11.04158  -4.30234  1.000 100.00710 ? 27  LEU A O   1 
ATOM 182 C CB  . LEU A 1 27  ? 4.04648   7.86290   -3.47236  1.000 98.38211  ? 27  LEU A CB  1 
ATOM 183 C CG  . LEU A 1 27  ? 3.71915   8.57256   -2.15642  1.000 94.51378  ? 27  LEU A CG  1 
ATOM 184 C CD1 . LEU A 1 27  ? 2.24415   8.95909   -2.10320  1.000 89.98186  ? 27  LEU A CD1 1 
ATOM 185 C CD2 . LEU A 1 27  ? 4.10283   7.70815   -0.96626  1.000 81.73265  ? 27  LEU A CD2 1 
ATOM 186 N N   . GLU A 1 28  ? 5.77315   10.15567  -4.82243  1.000 103.04242 ? 28  GLU A N   1 
ATOM 187 C CA  . GLU A 1 28  ? 6.45441   11.44129  -4.71471  1.000 101.06859 ? 28  GLU A CA  1 
ATOM 188 C C   . GLU A 1 28  ? 6.03282   12.38391  -5.83422  1.000 109.77507 ? 28  GLU A C   1 
ATOM 189 O O   . GLU A 1 28  ? 5.82552   13.57991  -5.60001  1.000 108.13782 ? 28  GLU A O   1 
ATOM 190 C CB  . GLU A 1 28  ? 7.96879   11.23566  -4.72478  1.000 104.95928 ? 28  GLU A CB  1 
ATOM 191 C CG  . GLU A 1 28  ? 8.49785   10.43747  -3.54010  1.000 101.59339 ? 28  GLU A CG  1 
ATOM 192 C CD  . GLU A 1 28  ? 9.98867   10.17556  -3.63102  1.000 108.73234 ? 28  GLU A CD  1 
ATOM 193 O OE1 . GLU A 1 28  ? 10.56703  10.38308  -4.71957  1.000 114.84034 ? 28  GLU A OE1 1 
ATOM 194 O OE2 . GLU A 1 28  ? 10.58270  9.76144   -2.61341  1.000 111.80613 ? 28  GLU A OE2 1 
ATOM 195 N N   . GLU A 1 29  ? 5.89509   11.86413  -7.05655  1.000 111.85089 ? 29  GLU A N   1 
ATOM 196 C CA  . GLU A 1 29  ? 5.44637   12.69550  -8.16771  1.000 113.74560 ? 29  GLU A CA  1 
ATOM 197 C C   . GLU A 1 29  ? 4.02023   13.18521  -7.95615  1.000 120.50233 ? 29  GLU A C   1 
ATOM 198 O O   . GLU A 1 29  ? 3.66936   14.28504  -8.39938  1.000 128.38110 ? 29  GLU A O   1 
ATOM 199 C CB  . GLU A 1 29  ? 5.56536   11.91385  -9.47788  1.000 122.20786 ? 29  GLU A CB  1 
ATOM 200 C CG  . GLU A 1 29  ? 5.14999   12.67553  -10.72776 1.000 139.51000 ? 29  GLU A CG  1 
ATOM 201 C CD  . GLU A 1 29  ? 3.68760   12.47489  -11.07642 1.000 144.66384 ? 29  GLU A CD  1 
ATOM 202 O OE1 . GLU A 1 29  ? 2.96856   13.48225  -11.24009 1.000 145.14061 ? 29  GLU A OE1 1 
ATOM 203 O OE2 . GLU A 1 29  ? 3.25646   11.30688  -11.17945 1.000 151.42801 ? 29  GLU A OE2 1 
ATOM 204 N N   . LYS A 1 30  ? 3.18755   12.39310  -7.27674  1.000 119.94185 ? 30  LYS A N   1 
ATOM 205 C CA  . LYS A 1 30  ? 1.81694   12.81866  -7.01714  1.000 106.67239 ? 30  LYS A CA  1 
ATOM 206 C C   . LYS A 1 30  ? 1.72335   13.79185  -5.84684  1.000 122.76366 ? 30  LYS A C   1 
ATOM 207 O O   . LYS A 1 30  ? 0.87286   14.68848  -5.86399  1.000 123.13515 ? 30  LYS A O   1 
ATOM 208 C CB  . LYS A 1 30  ? 0.92466   11.60285  -6.76001  1.000 99.96677  ? 30  LYS A CB  1 
ATOM 209 C CG  . LYS A 1 30  ? -0.17296  11.40540  -7.79817  1.000 114.92308 ? 30  LYS A CG  1 
ATOM 210 C CD  . LYS A 1 30  ? 0.39705   11.03412  -9.16148  1.000 124.73198 ? 30  LYS A CD  1 
ATOM 211 C CE  . LYS A 1 30  ? 0.97747   9.62771   -9.15384  1.000 124.22216 ? 30  LYS A CE  1 
ATOM 212 N NZ  . LYS A 1 30  ? 1.62970   9.26866   -10.44656 1.000 126.17402 ? 30  LYS A NZ  1 
ATOM 213 N N   . THR A 1 31  ? 2.57872   13.64650  -4.83298  1.000 124.80848 ? 31  THR A N   1 
ATOM 214 C CA  . THR A 1 31  ? 2.51879   14.50482  -3.65552  1.000 124.98773 ? 31  THR A CA  1 
ATOM 215 C C   . THR A 1 31  ? 3.54734   15.62952  -3.66359  1.000 123.48664 ? 31  THR A C   1 
ATOM 216 O O   . THR A 1 31  ? 3.50222   16.48555  -2.77358  1.000 121.16319 ? 31  THR A O   1 
ATOM 217 C CB  . THR A 1 31  ? 2.70071   13.67486  -2.37694  1.000 129.61140 ? 31  THR A CB  1 
ATOM 218 O OG1 . THR A 1 31  ? 3.97151   13.01311  -2.40635  1.000 133.22553 ? 31  THR A OG1 1 
ATOM 219 C CG2 . THR A 1 31  ? 1.59731   12.63866  -2.25179  1.000 129.80142 ? 31  THR A CG2 1 
ATOM 220 N N   . ASN A 1 32  ? 4.46305   15.64881  -4.63522  1.000 126.21256 ? 32  ASN A N   1 
ATOM 221 C CA  . ASN A 1 32  ? 5.51995   16.66159  -4.71261  1.000 126.95480 ? 32  ASN A CA  1 
ATOM 222 C C   . ASN A 1 32  ? 6.31396   16.73782  -3.41007  1.000 129.00613 ? 32  ASN A C   1 
ATOM 223 O O   . ASN A 1 32  ? 6.68627   17.81604  -2.94227  1.000 139.17225 ? 32  ASN A O   1 
ATOM 224 C CB  . ASN A 1 32  ? 4.94829   18.03024  -5.09018  1.000 138.88672 ? 32  ASN A CB  1 
ATOM 225 C CG  . ASN A 1 32  ? 4.66516   18.15176  -6.57450  1.000 145.82017 ? 32  ASN A CG  1 
ATOM 226 O OD1 . ASN A 1 32  ? 5.29153   17.47687  -7.39291  1.000 144.98140 ? 32  ASN A OD1 1 
ATOM 227 N ND2 . ASN A 1 32  ? 3.72103   19.01653  -6.93068  1.000 145.38014 ? 32  ASN A ND2 1 
ATOM 228 N N   . GLU A 1 33  ? 6.57429   15.57412  -2.81918  1.000 128.43943 ? 33  GLU A N   1 
ATOM 229 C CA  . GLU A 1 33  ? 7.34805   15.46872  -1.59192  1.000 131.69557 ? 33  GLU A CA  1 
ATOM 230 C C   . GLU A 1 33  ? 8.16039   14.18429  -1.63135  1.000 138.75961 ? 33  GLU A C   1 
ATOM 231 O O   . GLU A 1 33  ? 7.64108   13.12630  -1.99641  1.000 138.48596 ? 33  GLU A O   1 
ATOM 232 C CB  . GLU A 1 33  ? 6.44177   15.48424  -0.35339  1.000 129.97763 ? 33  GLU A CB  1 
ATOM 233 C CG  . GLU A 1 33  ? 7.17576   15.26519  0.96082   1.000 136.37822 ? 33  GLU A CG  1 
ATOM 234 C CD  . GLU A 1 33  ? 6.23304   15.14788  2.14249   1.000 135.26439 ? 33  GLU A CD  1 
ATOM 235 O OE1 . GLU A 1 33  ? 5.01768   15.37035  1.95823   1.000 135.86195 ? 33  GLU A OE1 1 
ATOM 236 O OE2 . GLU A 1 33  ? 6.70699   14.83103  3.25417   1.000 129.00946 ? 33  GLU A OE2 1 
ATOM 237 N N   . THR A 1 34  ? 9.43380   14.28260  -1.25876  1.000 139.31812 ? 34  THR A N   1 
ATOM 238 C CA  . THR A 1 34  ? 10.33086  13.13547  -1.25980  1.000 140.10024 ? 34  THR A CA  1 
ATOM 239 C C   . THR A 1 34  ? 10.25940  12.41837  0.08213   1.000 132.17472 ? 34  THR A C   1 
ATOM 240 O O   . THR A 1 34  ? 10.28369  13.05822  1.13808   1.000 134.50331 ? 34  THR A O   1 
ATOM 241 C CB  . THR A 1 34  ? 11.76803  13.57129  -1.54830  1.000 145.87090 ? 34  THR A CB  1 
ATOM 242 O OG1 . THR A 1 34  ? 12.20601  14.48295  -0.53311  1.000 152.34013 ? 34  THR A OG1 1 
ATOM 243 C CG2 . THR A 1 34  ? 11.85386  14.25392  -2.90574  1.000 143.74862 ? 34  THR A CG2 1 
ATOM 244 N N   . TYR A 1 35  ? 10.17244  11.09222  0.03492   1.000 125.10034 ? 35  TYR A N   1 
ATOM 245 C CA  . TYR A 1 35  ? 10.11027  10.25592  1.22632   1.000 108.87924 ? 35  TYR A CA  1 
ATOM 246 C C   . TYR A 1 35  ? 11.36294  9.39344   1.27555   1.000 111.90382 ? 35  TYR A C   1 
ATOM 247 O O   . TYR A 1 35  ? 11.65161  8.65874   0.32468   1.000 123.38816 ? 35  TYR A O   1 
ATOM 248 C CB  . TYR A 1 35  ? 8.85300   9.38608   1.22302   1.000 92.59511  ? 35  TYR A CB  1 
ATOM 249 C CG  . TYR A 1 35  ? 7.57520   10.15662  0.98190   1.000 89.88440  ? 35  TYR A CG  1 
ATOM 250 C CD1 . TYR A 1 35  ? 6.89434   10.75837  2.02927   1.000 81.88476  ? 35  TYR A CD1 1 
ATOM 251 C CD2 . TYR A 1 35  ? 7.04689   10.27903  -0.29711  1.000 106.28688 ? 35  TYR A CD2 1 
ATOM 252 C CE1 . TYR A 1 35  ? 5.72293   11.46317  1.80928   1.000 87.67807  ? 35  TYR A CE1 1 
ATOM 253 C CE2 . TYR A 1 35  ? 5.87648   10.98168  -0.52560  1.000 89.22243  ? 35  TYR A CE2 1 
ATOM 254 C CZ  . TYR A 1 35  ? 5.21946   11.57022  0.52952   1.000 88.29880  ? 35  TYR A CZ  1 
ATOM 255 O OH  . TYR A 1 35  ? 4.05485   12.26961  0.30185   1.000 99.22845  ? 35  TYR A OH  1 
ATOM 256 N N   . GLY A 1 36  ? 12.10033  9.48123   2.38313   1.000 110.20683 ? 36  GLY A N   1 
ATOM 257 C CA  . GLY A 1 36  ? 13.35191  8.74936   2.48343   1.000 121.27977 ? 36  GLY A CA  1 
ATOM 258 C C   . GLY A 1 36  ? 13.15845  7.26477   2.72644   1.000 134.04782 ? 36  GLY A C   1 
ATOM 259 O O   . GLY A 1 36  ? 13.93821  6.44147   2.23725   1.000 140.47128 ? 36  GLY A O   1 
ATOM 260 N N   . LYS A 1 37  ? 12.12635  6.90027   3.48652   1.000 133.81343 ? 37  LYS A N   1 
ATOM 261 C CA  . LYS A 1 37  ? 11.89820  5.50093   3.82361   1.000 117.37747 ? 37  LYS A CA  1 
ATOM 262 C C   . LYS A 1 37  ? 10.42424  5.28875   4.13107   1.000 110.39314 ? 37  LYS A C   1 
ATOM 263 O O   . LYS A 1 37  ? 9.82529   6.06998   4.87590   1.000 114.45203 ? 37  LYS A O   1 
ATOM 264 C CB  . LYS A 1 37  ? 12.76137  5.07776   5.01853   1.000 113.43445 ? 37  LYS A CB  1 
ATOM 265 C CG  . LYS A 1 37  ? 12.66455  3.60128   5.36691   1.000 120.42599 ? 37  LYS A CG  1 
ATOM 266 C CD  . LYS A 1 37  ? 13.05625  2.73047   4.18327   1.000 123.10466 ? 37  LYS A CD  1 
ATOM 267 C CE  . LYS A 1 37  ? 13.17396  1.26940   4.58587   1.000 132.03128 ? 37  LYS A CE  1 
ATOM 268 N NZ  . LYS A 1 37  ? 11.90630  0.73595   5.15578   1.000 133.30538 ? 37  LYS A NZ  1 
ATOM 269 N N   . LEU A 1 38  ? 9.84855   4.23773   3.55202   1.000 101.59694 ? 38  LEU A N   1 
ATOM 270 C CA  . LEU A 1 38  ? 8.48177   3.80908   3.83298   1.000 106.20904 ? 38  LEU A CA  1 
ATOM 271 C C   . LEU A 1 38  ? 8.55748   2.37063   4.32488   1.000 108.87410 ? 38  LEU A C   1 
ATOM 272 O O   . LEU A 1 38  ? 8.87570   1.46253   3.54904   1.000 113.68582 ? 38  LEU A O   1 
ATOM 273 C CB  . LEU A 1 38  ? 7.59699   3.93138   2.59278   1.000 107.46425 ? 38  LEU A CB  1 
ATOM 274 C CG  . LEU A 1 38  ? 7.50803   5.32916   1.97657   1.000 91.82519  ? 38  LEU A CG  1 
ATOM 275 C CD1 . LEU A 1 38  ? 6.54567   5.34124   0.80177   1.000 106.33461 ? 38  LEU A CD1 1 
ATOM 276 C CD2 . LEU A 1 38  ? 7.08959   6.34278   3.02098   1.000 84.52768  ? 38  LEU A CD2 1 
ATOM 277 N N   . GLU A 1 39  ? 8.26300   2.16191   5.61017   1.000 106.53373 ? 39  GLU A N   1 
ATOM 278 C CA  . GLU A 1 39  ? 8.62175   0.90556   6.25590   1.000 114.62263 ? 39  GLU A CA  1 
ATOM 279 C C   . GLU A 1 39  ? 7.64561   -0.23170  5.97271   1.000 113.37771 ? 39  GLU A C   1 
ATOM 280 O O   . GLU A 1 39  ? 8.00116   -1.39256  6.20715   1.000 133.83016 ? 39  GLU A O   1 
ATOM 281 C CB  . GLU A 1 39  ? 8.75450   1.10811   7.76798   1.000 124.63588 ? 39  GLU A CB  1 
ATOM 282 C CG  . GLU A 1 39  ? 9.60619   0.04581   8.45309   1.000 128.54966 ? 39  GLU A CG  1 
ATOM 283 C CD  . GLU A 1 39  ? 9.84670   0.33613   9.91863   1.000 142.20399 ? 39  GLU A CD  1 
ATOM 284 O OE1 . GLU A 1 39  ? 9.36310   1.37800   10.41005  1.000 149.51875 ? 39  GLU A OE1 1 
ATOM 285 O OE2 . GLU A 1 39  ? 10.52327  -0.47960  10.57916  1.000 147.52105 ? 39  GLU A OE2 1 
ATOM 286 N N   . ALA A 1 40  ? 6.44186   0.05651   5.47079   1.000 85.36310  ? 40  ALA A N   1 
ATOM 287 C CA  . ALA A 1 40  ? 5.47936   -0.98642  5.10514   1.000 81.63351  ? 40  ALA A CA  1 
ATOM 288 C C   . ALA A 1 40  ? 5.13458   -1.86280  6.31682   1.000 77.92489  ? 40  ALA A C   1 
ATOM 289 O O   . ALA A 1 40  ? 5.61621   -2.98187  6.47325   1.000 86.41429  ? 40  ALA A O   1 
ATOM 290 C CB  . ALA A 1 40  ? 5.99761   -1.82591  3.92974   1.000 68.97902  ? 40  ALA A CB  1 
ATOM 291 N N   . VAL A 1 41  ? 4.36700   -1.26783  7.23182   1.000 95.05794  ? 41  VAL A N   1 
ATOM 292 C CA  . VAL A 1 41  ? 3.96364   -1.97160  8.45121   1.000 87.66088  ? 41  VAL A CA  1 
ATOM 293 C C   . VAL A 1 41  ? 3.13139   -3.20950  8.11869   1.000 89.19488  ? 41  VAL A C   1 
ATOM 294 O O   . VAL A 1 41  ? 3.51508   -4.33989  8.44159   1.000 92.37303  ? 41  VAL A O   1 
ATOM 295 C CB  . VAL A 1 41  ? 3.20435   -1.02177  9.39259   1.000 89.35116  ? 41  VAL A CB  1 
ATOM 296 C CG1 . VAL A 1 41  ? 2.72683   -1.76816  10.62748  1.000 83.65014  ? 41  VAL A CG1 1 
ATOM 297 C CG2 . VAL A 1 41  ? 4.09187   0.14348   9.78044   1.000 105.37950 ? 41  VAL A CG2 1 
ATOM 298 N N   . GLN A 1 42  ? 1.97275   -3.01761  7.48152   1.000 84.14685  ? 42  GLN A N   1 
ATOM 299 C CA  . GLN A 1 42  ? 1.06081   -4.12341  7.20306   1.000 87.40448  ? 42  GLN A CA  1 
ATOM 300 C C   . GLN A 1 42  ? 0.43208   -3.94241  5.82829   1.000 85.91246  ? 42  GLN A C   1 
ATOM 301 O O   . GLN A 1 42  ? 0.62921   -2.92532  5.16073   1.000 87.28592  ? 42  GLN A O   1 
ATOM 302 C CB  . GLN A 1 42  ? -0.03213  -4.24388  8.27456   1.000 82.49377  ? 42  GLN A CB  1 
ATOM 303 C CG  . GLN A 1 42  ? -0.97620  -3.05707  8.33856   1.000 103.80928 ? 42  GLN A CG  1 
ATOM 304 C CD  . GLN A 1 42  ? -2.06109  -3.22726  9.38669   1.000 109.21567 ? 42  GLN A CD  1 
ATOM 305 O OE1 . GLN A 1 42  ? -2.20577  -4.29618  9.97986   1.000 109.40323 ? 42  GLN A OE1 1 
ATOM 306 N NE2 . GLN A 1 42  ? -2.82968  -2.16923  9.62004   1.000 104.38002 ? 42  GLN A NE2 1 
ATOM 307 N N   . TYR A 1 43  ? -0.34475  -4.94260  5.41016   1.000 83.95157  ? 43  TYR A N   1 
ATOM 308 C CA  . TYR A 1 43  ? -0.95518  -4.91284  4.08863   1.000 81.72980  ? 43  TYR A CA  1 
ATOM 309 C C   . TYR A 1 43  ? -2.17912  -5.81889  4.05305   1.000 92.12183  ? 43  TYR A C   1 
ATOM 310 O O   . TYR A 1 43  ? -2.27798  -6.79104  4.80789   1.000 94.88997  ? 43  TYR A O   1 
ATOM 311 C CB  . TYR A 1 43  ? 0.04212   -5.34004  3.00516   1.000 88.81916  ? 43  TYR A CB  1 
ATOM 312 C CG  . TYR A 1 43  ? 0.25487   -6.83839  2.91733   1.000 95.96139  ? 43  TYR A CG  1 
ATOM 313 C CD1 . TYR A 1 43  ? -0.24565  -7.57073  1.84571   1.000 103.99795 ? 43  TYR A CD1 1 
ATOM 314 C CD2 . TYR A 1 43  ? 0.95041   -7.51923  3.90608   1.000 109.16069 ? 43  TYR A CD2 1 
ATOM 315 C CE1 . TYR A 1 43  ? -0.05393  -8.93686  1.76100   1.000 112.81250 ? 43  TYR A CE1 1 
ATOM 316 C CE2 . TYR A 1 43  ? 1.14662   -8.88524  3.83127   1.000 120.33298 ? 43  TYR A CE2 1 
ATOM 317 C CZ  . TYR A 1 43  ? 0.64358   -9.58884  2.75799   1.000 129.71645 ? 43  TYR A CZ  1 
ATOM 318 O OH  . TYR A 1 43  ? 0.84021   -10.94878 2.68484   1.000 130.71589 ? 43  TYR A OH  1 
ATOM 319 N N   . LYS A 1 44  ? -3.10532  -5.47599  3.15914   1.000 75.90395  ? 44  LYS A N   1 
ATOM 320 C CA  . LYS A 1 44  ? -4.25932  -6.29655  2.81939   1.000 85.52025  ? 44  LYS A CA  1 
ATOM 321 C C   . LYS A 1 44  ? -4.32424  -6.44664  1.30473   1.000 88.20106  ? 44  LYS A C   1 
ATOM 322 O O   . LYS A 1 44  ? -3.83327  -5.59300  0.56207   1.000 92.65765  ? 44  LYS A O   1 
ATOM 323 C CB  . LYS A 1 44  ? -5.57224  -5.68197  3.32090   1.000 86.59375  ? 44  LYS A CB  1 
ATOM 324 C CG  . LYS A 1 44  ? -5.77935  -5.68679  4.81781   1.000 76.76914  ? 44  LYS A CG  1 
ATOM 325 C CD  . LYS A 1 44  ? -7.07336  -4.94943  5.14739   1.000 82.77018  ? 44  LYS A CD  1 
ATOM 326 C CE  . LYS A 1 44  ? -7.44762  -5.04409  6.61361   1.000 86.62093  ? 44  LYS A CE  1 
ATOM 327 N NZ  . LYS A 1 44  ? -8.80462  -4.47105  6.85034   1.000 86.37635  ? 44  LYS A NZ  1 
ATOM 328 N N   . THR A 1 45  ? -4.95384  -7.53033  0.84369   1.000 85.67140  ? 45  THR A N   1 
ATOM 329 C CA  . THR A 1 45  ? -5.06093  -7.81587  -0.58320  1.000 95.32234  ? 45  THR A CA  1 
ATOM 330 C C   . THR A 1 45  ? -6.52027  -7.86356  -1.02037  1.000 79.17637  ? 45  THR A C   1 
ATOM 331 O O   . THR A 1 45  ? -7.41684  -8.17628  -0.23134  1.000 83.45489  ? 45  THR A O   1 
ATOM 332 C CB  . THR A 1 45  ? -4.38817  -9.14857  -0.95761  1.000 106.68673 ? 45  THR A CB  1 
ATOM 333 O OG1 . THR A 1 45  ? -5.34153  -10.21442 -0.85196  1.000 100.13898 ? 45  THR A OG1 1 
ATOM 334 C CG2 . THR A 1 45  ? -3.20559  -9.43581  -0.03994  1.000 99.56301  ? 45  THR A CG2 1 
ATOM 335 N N   . GLN A 1 46  ? -6.74487  -7.56745  -2.29831  1.000 77.21014  ? 46  GLN A N   1 
ATOM 336 C CA  . GLN A 1 46  ? -8.08294  -7.56822  -2.88293  1.000 99.00950  ? 46  GLN A CA  1 
ATOM 337 C C   . GLN A 1 46  ? -7.99199  -8.19541  -4.26762  1.000 111.83858 ? 46  GLN A C   1 
ATOM 338 O O   . GLN A 1 46  ? -7.37228  -7.62216  -5.16816  1.000 102.60931 ? 46  GLN A O   1 
ATOM 339 C CB  . GLN A 1 46  ? -8.64562  -6.14760  -2.95934  1.000 94.92237  ? 46  GLN A CB  1 
ATOM 340 C CG  . GLN A 1 46  ? -10.04649 -6.03956  -3.53275  1.000 94.91926  ? 46  GLN A CG  1 
ATOM 341 C CD  . GLN A 1 46  ? -10.46208 -4.59558  -3.75312  1.000 105.13070 ? 46  GLN A CD  1 
ATOM 342 O OE1 . GLN A 1 46  ? -9.61986  -3.72625  -3.98315  1.000 100.52975 ? 46  GLN A OE1 1 
ATOM 343 N NE2 . GLN A 1 46  ? -11.76252 -4.33160  -3.67898  1.000 99.92987  ? 46  GLN A NE2 1 
ATOM 344 N N   . VAL A 1 47  ? -8.59608  -9.36703  -4.43965  1.000 115.29118 ? 47  VAL A N   1 
ATOM 345 C CA  . VAL A 1 47  ? -8.60154  -10.03015 -5.73938  1.000 115.22557 ? 47  VAL A CA  1 
ATOM 346 C C   . VAL A 1 47  ? -9.66542  -9.38765  -6.61853  1.000 103.75270 ? 47  VAL A C   1 
ATOM 347 O O   . VAL A 1 47  ? -10.80666 -9.18553  -6.18723  1.000 106.55721 ? 47  VAL A O   1 
ATOM 348 C CB  . VAL A 1 47  ? -8.83575  -11.54321 -5.58422  1.000 130.53043 ? 47  VAL A CB  1 
ATOM 349 C CG1 . VAL A 1 47  ? -7.60797  -12.20884 -4.98124  1.000 88.70151  ? 47  VAL A CG1 1 
ATOM 350 C CG2 . VAL A 1 47  ? -10.05944 -11.81827 -4.72078  1.000 140.52593 ? 47  VAL A CG2 1 
ATOM 351 N N   . LEU A 1 48  ? -9.28927  -9.04982  -7.85237  1.000 103.37938 ? 48  LEU A N   1 
ATOM 352 C CA  . LEU A 1 48  ? -10.20525 -8.44824  -8.81593  1.000 112.18367 ? 48  LEU A CA  1 
ATOM 353 C C   . LEU A 1 48  ? -10.65430 -9.43339  -9.89001  1.000 134.23879 ? 48  LEU A C   1 
ATOM 354 O O   . LEU A 1 48  ? -11.84622 -9.50810  -10.20180 1.000 132.69481 ? 48  LEU A O   1 
ATOM 355 C CB  . LEU A 1 48  ? -9.55431  -7.22300  -9.46983  1.000 112.93015 ? 48  LEU A CB  1 
ATOM 356 C CG  . LEU A 1 48  ? -9.10726  -6.09621  -8.53323  1.000 112.09848 ? 48  LEU A CG  1 
ATOM 357 C CD1 . LEU A 1 48  ? -8.51820  -4.93607  -9.32262  1.000 93.83825  ? 48  LEU A CD1 1 
ATOM 358 C CD2 . LEU A 1 48  ? -10.25979 -5.61988  -7.65941  1.000 113.45190 ? 48  LEU A CD2 1 
ATOM 359 N N   . ASP A 1 49  ? -9.71930  -10.18676 -10.47102 1.000 149.66467 ? 49  ASP A N   1 
ATOM 360 C CA  . ASP A 1 49  ? -10.05535 -11.23036 -11.43380 1.000 163.63895 ? 49  ASP A CA  1 
ATOM 361 C C   . ASP A 1 49  ? -9.42184  -12.55009 -11.00735 1.000 157.15278 ? 49  ASP A C   1 
ATOM 362 O O   . ASP A 1 49  ? -8.89153  -12.65385 -9.89698  1.000 155.80390 ? 49  ASP A O   1 
ATOM 363 C CB  . ASP A 1 49  ? -9.60979  -10.83583 -12.84521 1.000 165.69587 ? 49  ASP A CB  1 
ATOM 364 C CG  . ASP A 1 49  ? -10.39911 -9.66342  -13.39957 1.000 171.21560 ? 49  ASP A CG  1 
ATOM 365 O OD1 . ASP A 1 49  ? -11.61058 -9.57103  -13.10957 1.000 176.44936 ? 49  ASP A OD1 1 
ATOM 366 O OD2 . ASP A 1 49  ? -9.81044  -8.83375  -14.12496 1.000 170.36654 ? 49  ASP A OD2 1 
ATOM 367 N N   . THR A 1 50  ? -9.46580  -13.56056 -11.87301 1.000 158.08346 ? 50  THR A N   1 
ATOM 368 C CA  . THR A 1 50  ? -9.06774  -14.91638 -11.51241 1.000 151.92420 ? 50  THR A CA  1 
ATOM 369 C C   . THR A 1 50  ? -7.65849  -15.21219 -12.01430 1.000 163.29527 ? 50  THR A C   1 
ATOM 370 O O   . THR A 1 50  ? -7.39197  -15.13729 -13.21906 1.000 179.42715 ? 50  THR A O   1 
ATOM 371 C CB  . THR A 1 50  ? -10.05017 -15.94212 -12.07717 1.000 148.34967 ? 50  THR A CB  1 
ATOM 372 O OG1 . THR A 1 50  ? -10.00843 -15.90757 -13.50880 1.000 152.29624 ? 50  THR A OG1 1 
ATOM 373 C CG2 . THR A 1 50  ? -11.46345 -15.64220 -11.60398 1.000 144.26323 ? 50  THR A CG2 1 
ATOM 374 N N   . TYR A 1 51  ? -6.76661  -15.55018 -11.08448 1.000 159.67512 ? 51  TYR A N   1 
ATOM 375 C CA  . TYR A 1 51  ? -5.45073  -16.10778 -11.39117 1.000 166.41225 ? 51  TYR A CA  1 
ATOM 376 C C   . TYR A 1 51  ? -5.17841  -17.14942 -10.31436 1.000 167.46660 ? 51  TYR A C   1 
ATOM 377 O O   . TYR A 1 51  ? -5.06052  -16.80064 -9.13561  1.000 178.75401 ? 51  TYR A O   1 
ATOM 378 C CB  . TYR A 1 51  ? -4.37011  -15.02641 -11.41799 1.000 155.76930 ? 51  TYR A CB  1 
ATOM 379 C CG  . TYR A 1 51  ? -3.28646  -15.26901 -12.44568 1.000 153.81482 ? 51  TYR A CG  1 
ATOM 380 C CD1 . TYR A 1 51  ? -2.80916  -14.23117 -13.23452 1.000 147.41505 ? 51  TYR A CD1 1 
ATOM 381 C CD2 . TYR A 1 51  ? -2.73971  -16.53391 -12.62613 1.000 155.27009 ? 51  TYR A CD2 1 
ATOM 382 C CE1 . TYR A 1 51  ? -1.82289  -14.44574 -14.17868 1.000 153.20697 ? 51  TYR A CE1 1 
ATOM 383 C CE2 . TYR A 1 51  ? -1.74914  -16.75637 -13.56500 1.000 154.84335 ? 51  TYR A CE2 1 
ATOM 384 C CZ  . TYR A 1 51  ? -1.29599  -15.70854 -14.33915 1.000 147.65202 ? 51  TYR A CZ  1 
ATOM 385 O OH  . TYR A 1 51  ? -0.30899  -15.92004 -15.27350 1.000 155.97987 ? 51  TYR A OH  1 
ATOM 386 N N   . ARG A 1 52  ? -5.07701  -18.41992 -10.71472 1.000 154.00351 ? 52  ARG A N   1 
ATOM 387 C CA  . ARG A 1 52  ? -5.34859  -19.51526 -9.78569  1.000 155.13761 ? 52  ARG A CA  1 
ATOM 388 C C   . ARG A 1 52  ? -4.32144  -19.58728 -8.65703  1.000 169.43944 ? 52  ARG A C   1 
ATOM 389 O O   . ARG A 1 52  ? -4.67917  -19.48531 -7.47720  1.000 177.29489 ? 52  ARG A O   1 
ATOM 390 C CB  . ARG A 1 52  ? -5.42724  -20.84278 -10.54230 1.000 166.67040 ? 52  ARG A CB  1 
ATOM 391 C CG  . ARG A 1 52  ? -5.84822  -22.02026 -9.66786  1.000 178.50362 ? 52  ARG A CG  1 
ATOM 392 C CD  . ARG A 1 52  ? -7.06236  -22.76164 -10.22659 1.000 181.74390 ? 52  ARG A CD  1 
ATOM 393 N NE  . ARG A 1 52  ? -8.32541  -22.08311 -9.93896  1.000 174.14172 ? 52  ARG A NE  1 
ATOM 394 C CZ  . ARG A 1 52  ? -9.52501  -22.62052 -10.14559 1.000 185.50007 ? 52  ARG A CZ  1 
ATOM 395 N NH1 . ARG A 1 52  ? -9.62892  -23.84799 -10.63938 1.000 194.03561 ? 52  ARG A NH1 1 
ATOM 396 N NH2 . ARG A 1 52  ? -10.62235 -21.93436 -9.85502  1.000 185.22793 ? 52  ARG A NH2 1 
ATOM 397 N N   . TYR A 1 53  ? -3.03922  -19.77423 -8.98194  1.000 163.42831 ? 53  TYR A N   1 
ATOM 398 C CA  . TYR A 1 53  ? -2.08100  -20.01040 -7.90018  1.000 138.36024 ? 53  TYR A CA  1 
ATOM 399 C C   . TYR A 1 53  ? -1.65631  -18.70239 -7.23727  1.000 133.50823 ? 53  TYR A C   1 
ATOM 400 O O   . TYR A 1 53  ? -2.09084  -18.39678 -6.12292  1.000 148.63456 ? 53  TYR A O   1 
ATOM 401 C CB  . TYR A 1 53  ? -0.86376  -20.76656 -8.44094  1.000 152.44688 ? 53  TYR A CB  1 
ATOM 402 N N   . ILE A 1 54  ? -0.80537  -17.92012 -7.90809  1.000 132.90917 ? 54  ILE A N   1 
ATOM 403 C CA  . ILE A 1 54  ? -0.70144  -16.47391 -7.71354  1.000 125.00809 ? 54  ILE A CA  1 
ATOM 404 C C   . ILE A 1 54  ? 0.17207   -15.90221 -8.82232  1.000 121.83306 ? 54  ILE A C   1 
ATOM 405 O O   . ILE A 1 54  ? 1.31128   -16.34892 -9.00518  1.000 118.93276 ? 54  ILE A O   1 
ATOM 406 C CB  . ILE A 1 54  ? -0.11963  -16.11881 -6.33147  1.000 121.12320 ? 54  ILE A CB  1 
ATOM 407 N N   . LEU A 1 55  ? -0.32501  -14.91416 -9.56762  1.000 122.83123 ? 55  LEU A N   1 
ATOM 408 C CA  . LEU A 1 55  ? 0.59455   -14.13500 -10.39020 1.000 137.17012 ? 55  LEU A CA  1 
ATOM 409 C C   . LEU A 1 55  ? 0.30643   -12.63644 -10.40452 1.000 142.14567 ? 55  LEU A C   1 
ATOM 410 O O   . LEU A 1 55  ? 1.23313   -11.82376 -10.32091 1.000 148.63087 ? 55  LEU A O   1 
ATOM 411 C CB  . LEU A 1 55  ? 0.59994   -14.67287 -11.82035 1.000 155.90562 ? 55  LEU A CB  1 
ATOM 412 N N   . ALA A 1 56  ? -0.96349  -12.26015 -10.50277 1.000 137.37416 ? 56  ALA A N   1 
ATOM 413 C CA  . ALA A 1 56  ? -1.33669  -10.88291 -10.82510 1.000 141.46614 ? 56  ALA A CA  1 
ATOM 414 C C   . ALA A 1 56  ? -2.83863  -10.71937 -10.60369 1.000 135.05972 ? 56  ALA A C   1 
ATOM 415 O O   . ALA A 1 56  ? -3.49337  -11.57908 -9.99963  1.000 110.31402 ? 56  ALA A O   1 
ATOM 416 C CB  . ALA A 1 56  ? -0.92763  -10.51652 -12.25437 1.000 151.56312 ? 56  ALA A CB  1 
ATOM 417 N N   . SER A 1 57  ? -3.37654  -9.59793  -11.09659 1.000 138.49504 ? 57  SER A N   1 
ATOM 418 C CA  . SER A 1 57  ? -4.77944  -9.21524  -10.94973 1.000 139.03623 ? 57  SER A CA  1 
ATOM 419 C C   . SER A 1 57  ? -5.16801  -9.01730  -9.48966  1.000 122.04360 ? 57  SER A C   1 
ATOM 420 O O   . SER A 1 57  ? -6.06208  -9.69866  -8.97497  1.000 126.58092 ? 57  SER A O   1 
ATOM 421 C CB  . SER A 1 57  ? -5.69940  -10.25204 -11.59811 1.000 144.18416 ? 57  SER A CB  1 
ATOM 422 O OG  . SER A 1 57  ? -7.04680  -10.00589 -11.24240 1.000 147.32256 ? 57  SER A OG  1 
ATOM 423 N N   . THR A 1 58  ? -4.51667  -8.07224  -8.81856  1.000 114.74330 ? 58  THR A N   1 
ATOM 424 C CA  . THR A 1 58  ? -4.76428  -7.86500  -7.40084  1.000 118.61324 ? 58  THR A CA  1 
ATOM 425 C C   . THR A 1 58  ? -4.48313  -6.41653  -7.01944  1.000 99.72993  ? 58  THR A C   1 
ATOM 426 O O   . THR A 1 58  ? -3.67377  -5.73139  -7.65193  1.000 88.05207  ? 58  THR A O   1 
ATOM 427 C CB  . THR A 1 58  ? -3.91134  -8.81145  -6.55035  1.000 113.43960 ? 58  THR A CB  1 
ATOM 428 O OG1 . THR A 1 58  ? -3.90995  -8.36034  -5.19091  1.000 135.69077 ? 58  THR A OG1 1 
ATOM 429 C CG2 . THR A 1 58  ? -2.48239  -8.85663  -7.07598  1.000 101.07942 ? 58  THR A CG2 1 
ATOM 430 N N   . ASN A 1 59  ? -5.17748  -5.95477  -5.98497  1.000 85.89013  ? 59  ASN A N   1 
ATOM 431 C CA  . ASN A 1 59  ? -4.92043  -4.66158  -5.37064  1.000 92.51368  ? 59  ASN A CA  1 
ATOM 432 C C   . ASN A 1 59  ? -4.28373  -4.87426  -4.00540  1.000 87.01098  ? 59  ASN A C   1 
ATOM 433 O O   . ASN A 1 59  ? -4.72091  -5.73121  -3.23083  1.000 90.00282  ? 59  ASN A O   1 
ATOM 434 C CB  . ASN A 1 59  ? -6.20594  -3.83751  -5.21889  1.000 76.79032  ? 59  ASN A CB  1 
ATOM 435 C CG  . ASN A 1 59  ? -6.50715  -2.99190  -6.43877  1.000 94.40382  ? 59  ASN A CG  1 
ATOM 436 O OD1 . ASN A 1 59  ? -5.61776  -2.68757  -7.23308  1.000 110.59990 ? 59  ASN A OD1 1 
ATOM 437 N ND2 . ASN A 1 59  ? -7.76657  -2.59721  -6.58855  1.000 97.49615  ? 59  ASN A ND2 1 
ATOM 438 N N   . TYR A 1 60  ? -3.24083  -4.10541  -3.72172  1.000 86.78627  ? 60  TYR A N   1 
ATOM 439 C CA  . TYR A 1 60  ? -2.62975  -4.08241  -2.40475  1.000 85.56028  ? 60  TYR A CA  1 
ATOM 440 C C   . TYR A 1 60  ? -3.00789  -2.79032  -1.69618  1.000 92.14078  ? 60  TYR A C   1 
ATOM 441 O O   . TYR A 1 60  ? -3.01348  -1.71319  -2.30493  1.000 80.07927  ? 60  TYR A O   1 
ATOM 442 C CB  . TYR A 1 60  ? -1.10734  -4.21134  -2.49457  1.000 90.68395  ? 60  TYR A CB  1 
ATOM 443 C CG  . TYR A 1 60  ? -0.64891  -5.57522  -2.95339  1.000 99.48308  ? 60  TYR A CG  1 
ATOM 444 C CD1 . TYR A 1 60  ? -0.44247  -6.60419  -2.04298  1.000 106.18945 ? 60  TYR A CD1 1 
ATOM 445 C CD2 . TYR A 1 60  ? -0.42928  -5.83642  -4.29695  1.000 94.61101  ? 60  TYR A CD2 1 
ATOM 446 C CE1 . TYR A 1 60  ? -0.02930  -7.85205  -2.46281  1.000 101.68464 ? 60  TYR A CE1 1 
ATOM 447 C CE2 . TYR A 1 60  ? -0.01696  -7.07799  -4.72358  1.000 96.01853  ? 60  TYR A CE2 1 
ATOM 448 C CZ  . TYR A 1 60  ? 0.18141   -8.08075  -3.80506  1.000 94.95271  ? 60  TYR A CZ  1 
ATOM 449 O OH  . TYR A 1 60  ? 0.59395   -9.31792  -4.23514  1.000 116.35050 ? 60  TYR A OH  1 
ATOM 450 N N   . TYR A 1 61  ? -3.35422  -2.91265  -0.41747  1.000 79.68212  ? 61  TYR A N   1 
ATOM 451 C CA  . TYR A 1 61  ? -3.56420  -1.77618  0.47159   1.000 74.53909  ? 61  TYR A CA  1 
ATOM 452 C C   . TYR A 1 61  ? -2.48868  -1.88478  1.54250   1.000 73.80320  ? 61  TYR A C   1 
ATOM 453 O O   . TYR A 1 61  ? -2.59174  -2.71313  2.45145   1.000 91.40557  ? 61  TYR A O   1 
ATOM 454 C CB  . TYR A 1 61  ? -4.96893  -1.78000  1.06531   1.000 71.36253  ? 61  TYR A CB  1 
ATOM 455 C CG  . TYR A 1 61  ? -6.04673  -1.42528  0.06749   1.000 83.38819  ? 61  TYR A CG  1 
ATOM 456 C CD1 . TYR A 1 61  ? -6.45589  -0.10757  -0.10151  1.000 88.13465  ? 61  TYR A CD1 1 
ATOM 457 C CD2 . TYR A 1 61  ? -6.65096  -2.40470  -0.71319  1.000 87.86818  ? 61  TYR A CD2 1 
ATOM 458 C CE1 . TYR A 1 61  ? -7.44175  0.22389   -1.01463  1.000 86.06308  ? 61  TYR A CE1 1 
ATOM 459 C CE2 . TYR A 1 61  ? -7.63890  -2.08178  -1.62922  1.000 80.81083  ? 61  TYR A CE2 1 
ATOM 460 C CZ  . TYR A 1 61  ? -8.02782  -0.76778  -1.77532  1.000 84.76614  ? 61  TYR A CZ  1 
ATOM 461 O OH  . TYR A 1 61  ? -9.00792  -0.44229  -2.68352  1.000 109.51089 ? 61  TYR A OH  1 
ATOM 462 N N   . ILE A 1 62  ? -1.45240  -1.06223  1.42300   1.000 79.42309  ? 62  ILE A N   1 
ATOM 463 C CA  . ILE A 1 62  ? -0.26416  -1.15387  2.26097   1.000 78.96029  ? 62  ILE A CA  1 
ATOM 464 C C   . ILE A 1 62  ? -0.23162  0.04636   3.19410   1.000 73.83707  ? 62  ILE A C   1 
ATOM 465 O O   . ILE A 1 62  ? -0.31882  1.19492   2.74215   1.000 71.80930  ? 62  ILE A O   1 
ATOM 466 C CB  . ILE A 1 62  ? 1.01276   -1.21969  1.40601   1.000 71.22447  ? 62  ILE A CB  1 
ATOM 467 C CG1 . ILE A 1 62  ? 0.88268   -2.32591  0.35146   1.000 89.59170  ? 62  ILE A CG1 1 
ATOM 468 C CG2 . ILE A 1 62  ? 2.21384   -1.45457  2.28454   1.000 75.96788  ? 62  ILE A CG2 1 
ATOM 469 C CD1 . ILE A 1 62  ? 1.86746   -2.22119  -0.80161  1.000 71.90254  ? 62  ILE A CD1 1 
ATOM 470 N N   . LYS A 1 63  ? -0.11821  -0.21848  4.49327   1.000 70.31792  ? 63  LYS A N   1 
ATOM 471 C CA  . LYS A 1 63  ? 0.14277   0.82322   5.47818   1.000 68.67987  ? 63  LYS A CA  1 
ATOM 472 C C   . LYS A 1 63  ? 1.65226   1.00272   5.57312   1.000 76.65239  ? 63  LYS A C   1 
ATOM 473 O O   . LYS A 1 63  ? 2.36720   0.09460   6.00790   1.000 76.25908  ? 63  LYS A O   1 
ATOM 474 C CB  . LYS A 1 63  ? -0.45449  0.46324   6.83593   1.000 68.65226  ? 63  LYS A CB  1 
ATOM 475 C CG  . LYS A 1 63  ? 0.13988   1.26486   7.99027   1.000 73.66930  ? 63  LYS A CG  1 
ATOM 476 C CD  . LYS A 1 63  ? -0.42326  0.83008   9.33400   1.000 73.74084  ? 63  LYS A CD  1 
ATOM 477 C CE  . LYS A 1 63  ? -1.81262  1.39161   9.54804   1.000 76.99789  ? 63  LYS A CE  1 
ATOM 478 N NZ  . LYS A 1 63  ? -2.42650  0.88824   10.80064  1.000 100.72818 ? 63  LYS A NZ  1 
ATOM 479 N N   . VAL A 1 64  ? 2.14096   2.16281   5.15245   1.000 84.15195  ? 64  VAL A N   1 
ATOM 480 C CA  . VAL A 1 64  ? 3.56398   2.46992   5.18502   1.000 88.82990  ? 64  VAL A CA  1 
ATOM 481 C C   . VAL A 1 64  ? 3.81593   3.47804   6.29464   1.000 80.40148  ? 64  VAL A C   1 
ATOM 482 O O   . VAL A 1 64  ? 3.01364   4.39329   6.51117   1.000 74.18502  ? 64  VAL A O   1 
ATOM 483 C CB  . VAL A 1 64  ? 4.06297   3.00284   3.82723   1.000 90.58002  ? 64  VAL A CB  1 
ATOM 484 C CG1 . VAL A 1 64  ? 4.01482   1.90335   2.78460   1.000 81.10532  ? 64  VAL A CG1 1 
ATOM 485 C CG2 . VAL A 1 64  ? 3.22786   4.19649   3.38030   1.000 78.41765  ? 64  VAL A CG2 1 
ATOM 486 N N   . ARG A 1 65  ? 4.91715   3.29128   7.01503   1.000 75.60351  ? 65  ARG A N   1 
ATOM 487 C CA  . ARG A 1 65  ? 5.37199   4.26720   7.99419   1.000 72.11463  ? 65  ARG A CA  1 
ATOM 488 C C   . ARG A 1 65  ? 6.38042   5.18273   7.31551   1.000 82.17069  ? 65  ARG A C   1 
ATOM 489 O O   . ARG A 1 65  ? 7.45122   4.73063   6.89232   1.000 68.02696  ? 65  ARG A O   1 
ATOM 490 C CB  . ARG A 1 65  ? 5.99084   3.58697   9.21476   1.000 68.15505  ? 65  ARG A CB  1 
ATOM 491 C CG  . ARG A 1 65  ? 6.53788   4.56553   10.23830  1.000 73.11703  ? 65  ARG A CG  1 
ATOM 492 C CD  . ARG A 1 65  ? 6.92186   3.87778   11.53381  1.000 81.12205  ? 65  ARG A CD  1 
ATOM 493 N NE  . ARG A 1 65  ? 7.31581   4.84445   12.55503  1.000 85.87463  ? 65  ARG A NE  1 
ATOM 494 C CZ  . ARG A 1 65  ? 8.56767   5.23718   12.77299  1.000 98.24328  ? 65  ARG A CZ  1 
ATOM 495 N NH1 . ARG A 1 65  ? 9.55389   4.73980   12.03857  1.000 98.02764  ? 65  ARG A NH1 1 
ATOM 496 N NH2 . ARG A 1 65  ? 8.83408   6.12726   13.72364  1.000 81.14498  ? 65  ARG A NH2 1 
ATOM 497 N N   . ALA A 1 66  ? 6.02501   6.45855   7.18313   1.000 81.09986  ? 66  ALA A N   1 
ATOM 498 C CA  . ALA A 1 66  ? 6.91964   7.42155   6.55866   1.000 93.74357  ? 66  ALA A CA  1 
ATOM 499 C C   . ALA A 1 66  ? 7.86504   8.05376   7.56254   1.000 100.12446 ? 66  ALA A C   1 
ATOM 500 O O   . ALA A 1 66  ? 8.98780   8.42663   7.20189   1.000 101.80552 ? 66  ALA A O   1 
ATOM 501 C CB  . ALA A 1 66  ? 6.11443   8.51346   5.84752   1.000 100.45591 ? 66  ALA A CB  1 
ATOM 502 N N   . GLY A 1 67  ? 7.43862   8.16911   8.81143   1.000 103.70859 ? 67  GLY A N   1 
ATOM 503 C CA  . GLY A 1 67  ? 8.30044   8.73022   9.83008   1.000 90.97292  ? 67  GLY A CA  1 
ATOM 504 C C   . GLY A 1 67  ? 7.63779   8.68017   11.18434  1.000 90.24824  ? 67  GLY A C   1 
ATOM 505 O O   . GLY A 1 67  ? 6.64165   7.98024   11.38085  1.000 97.45269  ? 67  GLY A O   1 
ATOM 506 N N   . ASP A 1 68  ? 8.19896   9.44516   12.11803  1.000 78.25741  ? 68  ASP A N   1 
ATOM 507 C CA  . ASP A 1 68  ? 7.70638   9.44538   13.48758  1.000 81.30920  ? 68  ASP A CA  1 
ATOM 508 C C   . ASP A 1 68  ? 6.26426   9.92754   13.53214  1.000 80.97731  ? 68  ASP A C   1 
ATOM 509 O O   . ASP A 1 68  ? 5.98824   11.10085  13.26228  1.000 101.42851 ? 68  ASP A O   1 
ATOM 510 C CB  . ASP A 1 68  ? 8.59289   10.31786  14.37791  1.000 98.38058  ? 68  ASP A CB  1 
ATOM 511 C CG  . ASP A 1 68  ? 9.99644   9.76569   14.52551  1.000 98.36911  ? 68  ASP A CG  1 
ATOM 512 O OD1 . ASP A 1 68  ? 10.27991  8.68990   13.95500  1.000 101.17169 ? 68  ASP A OD1 1 
ATOM 513 O OD2 . ASP A 1 68  ? 10.81642  10.41011  15.21358  1.000 104.23137 ? 68  ASP A OD2 1 
ATOM 514 N N   . ASN A 1 69  ? 5.34235   9.02440   13.87171  1.000 93.07627  ? 69  ASN A N   1 
ATOM 515 C CA  . ASN A 1 69  ? 3.90977   9.32156   13.90463  1.000 92.56542  ? 69  ASN A CA  1 
ATOM 516 C C   . ASN A 1 69  ? 3.39830   9.79066   12.54561  1.000 92.58130  ? 69  ASN A C   1 
ATOM 517 O O   . ASN A 1 69  ? 2.40464   10.51812  12.46219  1.000 91.10457  ? 69  ASN A O   1 
ATOM 518 C CB  . ASN A 1 69  ? 3.57633   10.35456  14.98544  1.000 90.75916  ? 69  ASN A CB  1 
ATOM 519 C CG  . ASN A 1 69  ? 3.65995   9.78020   16.38334  1.000 99.16192  ? 69  ASN A CG  1 
ATOM 520 O OD1 . ASN A 1 69  ? 3.34183   8.61157   16.60408  1.000 105.99760 ? 69  ASN A OD1 1 
ATOM 521 N ND2 . ASN A 1 69  ? 4.08957   10.59863  17.33646  1.000 93.58089  ? 69  ASN A ND2 1 
ATOM 522 N N   . LYS A 1 70  ? 4.07516   9.38344   11.47230  1.000 78.78373  ? 70  LYS A N   1 
ATOM 523 C CA  . LYS A 1 70  ? 3.67184   9.72272   10.10846  1.000 83.33230  ? 70  LYS A CA  1 
ATOM 524 C C   . LYS A 1 70  ? 3.51783   8.42848   9.31429   1.000 84.92059  ? 70  LYS A C   1 
ATOM 525 O O   . LYS A 1 70  ? 4.51706   7.79992   8.94346   1.000 75.99986  ? 70  LYS A O   1 
ATOM 526 C CB  . LYS A 1 70  ? 4.67430   10.66600  9.44899   1.000 97.70911  ? 70  LYS A CB  1 
ATOM 527 C CG  . LYS A 1 70  ? 4.33256   12.14268  9.61545   1.000 100.98661 ? 70  LYS A CG  1 
ATOM 528 C CD  . LYS A 1 70  ? 5.15449   12.79915  10.70856  1.000 104.29911 ? 70  LYS A CD  1 
ATOM 529 C CE  . LYS A 1 70  ? 6.57751   13.07511  10.24688  1.000 105.58059 ? 70  LYS A CE  1 
ATOM 530 N NZ  . LYS A 1 70  ? 6.63113   14.15176  9.21758   1.000 100.30542 ? 70  LYS A NZ  1 
ATOM 531 N N   . TYR A 1 71  ? 2.26166   8.05135   9.06446   1.000 86.98589  ? 71  TYR A N   1 
ATOM 532 C CA  . TYR A 1 71  ? 1.88806   6.87397   8.29560   1.000 86.90611  ? 71  TYR A CA  1 
ATOM 533 C C   . TYR A 1 71  ? 1.04342   7.27884   7.09538   1.000 81.29167  ? 71  TYR A C   1 
ATOM 534 O O   . TYR A 1 71  ? 0.33295   8.28830   7.12906   1.000 84.04796  ? 71  TYR A O   1 
ATOM 535 C CB  . TYR A 1 71  ? 1.07916   5.87954   9.13904   1.000 92.79490  ? 71  TYR A CB  1 
ATOM 536 C CG  . TYR A 1 71  ? 1.82796   5.24660   10.28151  1.000 82.94339  ? 71  TYR A CG  1 
ATOM 537 C CD1 . TYR A 1 71  ? 2.41196   3.99652   10.14138  1.000 83.61573  ? 71  TYR A CD1 1 
ATOM 538 C CD2 . TYR A 1 71  ? 1.93482   5.88802   11.50515  1.000 86.97660  ? 71  TYR A CD2 1 
ATOM 539 C CE1 . TYR A 1 71  ? 3.09131   3.40559   11.18603  1.000 95.36690  ? 71  TYR A CE1 1 
ATOM 540 C CE2 . TYR A 1 71  ? 2.61399   5.30524   12.55739  1.000 102.75577 ? 71  TYR A CE2 1 
ATOM 541 C CZ  . TYR A 1 71  ? 3.18969   4.06366   12.39006  1.000 92.90230  ? 71  TYR A CZ  1 
ATOM 542 O OH  . TYR A 1 71  ? 3.86657   3.47772   13.42864  1.000 98.70961  ? 71  TYR A OH  1 
ATOM 543 N N   . MET A 1 72  ? 1.10468   6.46183   6.04318   1.000 85.13421  ? 72  MET A N   1 
ATOM 544 C CA  . MET A 1 72  ? 0.28108   6.63192   4.85377   1.000 82.15418  ? 72  MET A CA  1 
ATOM 545 C C   . MET A 1 72  ? -0.30979  5.28865   4.44890   1.000 74.56312  ? 72  MET A C   1 
ATOM 546 O O   . MET A 1 72  ? 0.24374   4.22957   4.75885   1.000 75.03281  ? 72  MET A O   1 
ATOM 547 C CB  . MET A 1 72  ? 1.08318   7.20146   3.67577   1.000 90.63395  ? 72  MET A CB  1 
ATOM 548 C CG  . MET A 1 72  ? 2.00782   8.34829   4.03482   1.000 103.08924 ? 72  MET A CG  1 
ATOM 549 S SD  . MET A 1 72  ? 3.03687   8.83875   2.64055   1.000 99.08557  ? 72  MET A SD  1 
ATOM 550 C CE  . MET A 1 72  ? 1.79997   9.51714   1.54082   1.000 96.20222  ? 72  MET A CE  1 
ATOM 551 N N   . HIS A 1 73  ? -1.43719  5.33863   3.74627   1.000 72.42555  ? 73  HIS A N   1 
ATOM 552 C CA  . HIS A 1 73  ? -2.07695  4.14533   3.20230   1.000 75.09914  ? 73  HIS A CA  1 
ATOM 553 C C   . HIS A 1 73  ? -2.00194  4.19665   1.68232   1.000 72.56289  ? 73  HIS A C   1 
ATOM 554 O O   . HIS A 1 73  ? -2.56808  5.10029   1.06174   1.000 71.97080  ? 73  HIS A O   1 
ATOM 555 C CB  . HIS A 1 73  ? -3.52919  4.03133   3.66625   1.000 70.83486  ? 73  HIS A CB  1 
ATOM 556 C CG  . HIS A 1 73  ? -3.67760  3.55474   5.07667   1.000 67.38572  ? 73  HIS A CG  1 
ATOM 557 N ND1 . HIS A 1 73  ? -4.90501  3.31306   5.65452   1.000 72.31267  ? 73  HIS A ND1 1 
ATOM 558 C CD2 . HIS A 1 73  ? -2.75308  3.27090   6.02420   1.000 69.64717  ? 73  HIS A CD2 1 
ATOM 559 C CE1 . HIS A 1 73  ? -4.73149  2.90553   6.89905   1.000 76.16142  ? 73  HIS A CE1 1 
ATOM 560 N NE2 . HIS A 1 73  ? -3.43461  2.86983   7.14765   1.000 73.97421  ? 73  HIS A NE2 1 
ATOM 561 N N   . LEU A 1 74  ? -1.30693  3.23135   1.09166   1.000 83.73222  ? 74  LEU A N   1 
ATOM 562 C CA  . LEU A 1 74  ? -1.11650  3.16091   -0.35002  1.000 82.42013  ? 74  LEU A CA  1 
ATOM 563 C C   . LEU A 1 74  ? -2.03430  2.10422   -0.95160  1.000 75.15041  ? 74  LEU A C   1 
ATOM 564 O O   . LEU A 1 74  ? -2.19484  1.01572   -0.39220  1.000 79.13456  ? 74  LEU A O   1 
ATOM 565 C CB  . LEU A 1 74  ? 0.34074   2.83091   -0.68790  1.000 89.77359  ? 74  LEU A CB  1 
ATOM 566 C CG  . LEU A 1 74  ? 1.37923   3.95284   -0.80059  1.000 86.01410  ? 74  LEU A CG  1 
ATOM 567 C CD1 . LEU A 1 74  ? 1.08591   5.10382   0.14493   1.000 67.56248  ? 74  LEU A CD1 1 
ATOM 568 C CD2 . LEU A 1 74  ? 2.77530   3.39963   -0.54695  1.000 65.97338  ? 74  LEU A CD2 1 
ATOM 569 N N   . LYS A 1 75  ? -2.62983  2.42855   -2.09806  1.000 73.79507  ? 75  LYS A N   1 
ATOM 570 C CA  . LYS A 1 75  ? -3.43873  1.50070   -2.88065  1.000 67.96889  ? 75  LYS A CA  1 
ATOM 571 C C   . LYS A 1 75  ? -2.73424  1.31672   -4.21551  1.000 79.53786  ? 75  LYS A C   1 
ATOM 572 O O   . LYS A 1 75  ? -2.75724  2.22136   -5.06064  1.000 83.86902  ? 75  LYS A O   1 
ATOM 573 C CB  . LYS A 1 75  ? -4.86044  2.02548   -3.07891  1.000 72.46111  ? 75  LYS A CB  1 
ATOM 574 C CG  . LYS A 1 75  ? -5.71707  1.14720   -3.97793  1.000 82.39123  ? 75  LYS A CG  1 
ATOM 575 C CD  . LYS A 1 75  ? -7.06408  1.78706   -4.28569  1.000 85.58275  ? 75  LYS A CD  1 
ATOM 576 C CE  . LYS A 1 75  ? -7.83990  0.96490   -5.31441  1.000 85.12817  ? 75  LYS A CE  1 
ATOM 577 N NZ  . LYS A 1 75  ? -9.12903  1.60838   -5.71211  1.000 78.43534  ? 75  LYS A NZ  1 
ATOM 578 N N   . VAL A 1 76  ? -2.11147  0.15142   -4.39635  1.000 75.41111  ? 76  VAL A N   1 
ATOM 579 C CA  . VAL A 1 76  ? -1.28068  -0.15194  -5.55649  1.000 80.16175  ? 76  VAL A CA  1 
ATOM 580 C C   . VAL A 1 76  ? -1.93476  -1.27735  -6.34783  1.000 85.30132  ? 76  VAL A C   1 
ATOM 581 O O   . VAL A 1 76  ? -2.33113  -2.29819  -5.77331  1.000 92.56569  ? 76  VAL A O   1 
ATOM 582 C CB  . VAL A 1 76  ? 0.14780   -0.54130  -5.12979  1.000 87.35835  ? 76  VAL A CB  1 
ATOM 583 C CG1 . VAL A 1 76  ? 0.92861   -1.14052  -6.29840  1.000 89.99834  ? 76  VAL A CG1 1 
ATOM 584 C CG2 . VAL A 1 76  ? 0.87385   0.66457   -4.55845  1.000 75.86782  ? 76  VAL A CG2 1 
ATOM 585 N N   . PHE A 1 77  ? -2.03676  -1.09638  -7.66129  1.000 98.59407  ? 77  PHE A N   1 
ATOM 586 C CA  . PHE A 1 77  ? -2.55548  -2.14480  -8.53878  1.000 96.17089  ? 77  PHE A CA  1 
ATOM 587 C C   . PHE A 1 77  ? -1.41909  -2.97035  -9.13279  1.000 84.46490  ? 77  PHE A C   1 
ATOM 588 O O   . PHE A 1 77  ? -1.17431  -4.10372  -8.71153  1.000 92.60007  ? 77  PHE A O   1 
ATOM 589 C CB  . PHE A 1 77  ? -3.40857  -1.54654  -9.65884  1.000 106.45407 ? 77  PHE A CB  1 
ATOM 590 C CG  . PHE A 1 77  ? -3.95596  -2.57171  -10.61774 1.000 126.82256 ? 77  PHE A CG  1 
ATOM 591 C CD1 . PHE A 1 77  ? -5.10242  -3.28726  -10.30921 1.000 120.55662 ? 77  PHE A CD1 1 
ATOM 592 C CD2 . PHE A 1 77  ? -3.32570  -2.81863  -11.82775 1.000 120.36811 ? 77  PHE A CD2 1 
ATOM 593 C CE1 . PHE A 1 77  ? -5.60550  -4.23056  -11.18528 1.000 93.90277  ? 77  PHE A CE1 1 
ATOM 594 C CE2 . PHE A 1 77  ? -3.82543  -3.75981  -12.70441 1.000 106.51194 ? 77  PHE A CE2 1 
ATOM 595 C CZ  . PHE A 1 77  ? -4.96693  -4.46582  -12.38209 1.000 95.91589  ? 77  PHE A CZ  1 
ATOM 596 N N   . ARG A 1 93  ? 2.87102   -2.40590  -11.47555 1.000 112.14628 ? 93  ARG A N   1 
ATOM 597 C CA  . ARG A 1 93  ? 2.41654   -1.96782  -10.15921 1.000 115.79927 ? 93  ARG A CA  1 
ATOM 598 C C   . ARG A 1 93  ? 2.23656   -0.45030  -10.12366 1.000 107.83515 ? 93  ARG A C   1 
ATOM 599 O O   . ARG A 1 93  ? 3.17304   0.28814   -9.81113  1.000 92.91599  ? 93  ARG A O   1 
ATOM 600 C CB  . ARG A 1 93  ? 3.40274   -2.41478  -9.07920  1.000 99.60380  ? 93  ARG A CB  1 
ATOM 601 N N   . VAL A 1 94  ? 1.02348   0.00355   -10.43862 1.000 105.85794 ? 94  VAL A N   1 
ATOM 602 C CA  . VAL A 1 94  ? 0.71568   1.42220   -10.59626 1.000 102.32921 ? 94  VAL A CA  1 
ATOM 603 C C   . VAL A 1 94  ? -0.06046  1.91050   -9.37957  1.000 99.77415  ? 94  VAL A C   1 
ATOM 604 O O   . VAL A 1 94  ? -1.10971  1.35135   -9.03402  1.000 100.91169 ? 94  VAL A O   1 
ATOM 605 C CB  . VAL A 1 94  ? -0.07441  1.67183   -11.89251 1.000 96.09843  ? 94  VAL A CB  1 
ATOM 606 C CG1 . VAL A 1 94  ? -0.99261  0.49032   -12.18876 1.000 94.25664  ? 94  VAL A CG1 1 
ATOM 607 C CG2 . VAL A 1 94  ? -0.87094  2.97061   -11.79751 1.000 82.87612  ? 94  VAL A CG2 1 
ATOM 608 N N   . LEU A 1 95  ? 0.44847   2.96340   -8.73898  1.000 103.50933 ? 95  LEU A N   1 
ATOM 609 C CA  . LEU A 1 95  ? -0.18462  3.53806   -7.55427  1.000 96.84202  ? 95  LEU A CA  1 
ATOM 610 C C   . LEU A 1 95  ? -1.51766  4.16332   -7.93617  1.000 84.85633  ? 95  LEU A C   1 
ATOM 611 O O   . LEU A 1 95  ? -1.55472  5.22582   -8.56474  1.000 92.35300  ? 95  LEU A O   1 
ATOM 612 C CB  . LEU A 1 95  ? 0.72899   4.58096   -6.91876  1.000 96.23219  ? 95  LEU A CB  1 
ATOM 613 C CG  . LEU A 1 95  ? 0.17115   5.26708   -5.66960  1.000 98.08008  ? 95  LEU A CG  1 
ATOM 614 C CD1 . LEU A 1 95  ? 0.20732   4.32765   -4.46986  1.000 82.51446  ? 95  LEU A CD1 1 
ATOM 615 C CD2 . LEU A 1 95  ? 0.92870   6.54787   -5.37665  1.000 103.33010 ? 95  LEU A CD2 1 
ATOM 616 N N   . THR A 1 96  ? -2.61691  3.51946   -7.54851  1.000 80.11657  ? 96  THR A N   1 
ATOM 617 C CA  . THR A 1 96  ? -3.93466  4.04428   -7.87964  1.000 76.12786  ? 96  THR A CA  1 
ATOM 618 C C   . THR A 1 96  ? -4.51873  4.92768   -6.78695  1.000 80.45953  ? 96  THR A C   1 
ATOM 619 O O   . THR A 1 96  ? -5.42915  5.71026   -7.07182  1.000 81.10041  ? 96  THR A O   1 
ATOM 620 C CB  . THR A 1 96  ? -4.91285  2.90173   -8.18250  1.000 96.09088  ? 96  THR A CB  1 
ATOM 621 O OG1 . THR A 1 96  ? -5.13050  2.12062   -7.00245  1.000 101.35633 ? 96  THR A OG1 1 
ATOM 622 C CG2 . THR A 1 96  ? -4.35981  1.99929   -9.27901  1.000 108.60356 ? 96  THR A CG2 1 
ATOM 623 N N   . GLY A 1 97  ? -4.02616  4.83786   -5.55213  1.000 84.39229  ? 97  GLY A N   1 
ATOM 624 C CA  . GLY A 1 97  ? -4.57856  5.70343   -4.52418  1.000 88.23960  ? 97  GLY A CA  1 
ATOM 625 C C   . GLY A 1 97  ? -3.64574  5.85996   -3.34591  1.000 81.87355  ? 97  GLY A C   1 
ATOM 626 O O   . GLY A 1 97  ? -2.69494  5.09671   -3.16883  1.000 77.70847  ? 97  GLY A O   1 
ATOM 627 N N   . TYR A 1 98  ? -3.94568  6.85983   -2.52014  1.000 65.96577  ? 98  TYR A N   1 
ATOM 628 C CA  . TYR A 1 98  ? -3.18496  7.06205   -1.29571  1.000 70.41065  ? 98  TYR A CA  1 
ATOM 629 C C   . TYR A 1 98  ? -3.96569  7.96149   -0.35124  1.000 81.48739  ? 98  TYR A C   1 
ATOM 630 O O   . TYR A 1 98  ? -4.69570  8.86133   -0.77804  1.000 84.00209  ? 98  TYR A O   1 
ATOM 631 C CB  . TYR A 1 98  ? -1.79727  7.65942   -1.57022  1.000 73.26257  ? 98  TYR A CB  1 
ATOM 632 C CG  . TYR A 1 98  ? -1.81329  9.02982   -2.21100  1.000 92.95355  ? 98  TYR A CG  1 
ATOM 633 C CD1 . TYR A 1 98  ? -1.69528  10.18194  -1.44119  1.000 82.26795  ? 98  TYR A CD1 1 
ATOM 634 C CD2 . TYR A 1 98  ? -1.93554  9.17251   -3.58745  1.000 99.23779  ? 98  TYR A CD2 1 
ATOM 635 C CE1 . TYR A 1 98  ? -1.70351  11.43254  -2.02614  1.000 84.71496  ? 98  TYR A CE1 1 
ATOM 636 C CE2 . TYR A 1 98  ? -1.94746  10.42151  -4.17940  1.000 87.49070  ? 98  TYR A CE2 1 
ATOM 637 C CZ  . TYR A 1 98  ? -1.83006  11.54536  -3.39673  1.000 91.03527  ? 98  TYR A CZ  1 
ATOM 638 O OH  . TYR A 1 98  ? -1.84286  12.78805  -3.98927  1.000 105.86888 ? 98  TYR A OH  1 
ATOM 639 N N   . GLN A 1 99  ? -3.80660  7.68822   0.93773   1.000 76.29421  ? 99  GLN A N   1 
ATOM 640 C CA  . GLN A 1 99  ? -4.32072  8.52920   2.00728   1.000 80.48127  ? 99  GLN A CA  1 
ATOM 641 C C   . GLN A 1 99  ? -3.15367  8.93649   2.89459   1.000 77.59028  ? 99  GLN A C   1 
ATOM 642 O O   . GLN A 1 99  ? -2.38896  8.08011   3.35373   1.000 78.28315  ? 99  GLN A O   1 
ATOM 643 C CB  . GLN A 1 99  ? -5.39302  7.80086   2.82189   1.000 81.39771  ? 99  GLN A CB  1 
ATOM 644 C CG  . GLN A 1 99  ? -6.65635  7.47427   2.04371   1.000 71.98434  ? 99  GLN A CG  1 
ATOM 645 C CD  . GLN A 1 99  ? -7.62405  6.62295   2.84246   1.000 74.43069  ? 99  GLN A CD  1 
ATOM 646 O OE1 . GLN A 1 99  ? -7.22054  5.69596   3.54458   1.000 89.98469  ? 99  GLN A OE1 1 
ATOM 647 N NE2 . GLN A 1 99  ? -8.90831  6.93983   2.74767   1.000 82.47264  ? 99  GLN A NE2 1 
ATOM 648 N N   . VAL A 1 100 ? -3.01249  10.23679  3.12054   1.000 86.10561  ? 100 VAL A N   1 
ATOM 649 C CA  . VAL A 1 100 ? -1.92159  10.77548  3.91123   1.000 84.36444  ? 100 VAL A CA  1 
ATOM 650 C C   . VAL A 1 100 ? -2.42775  11.02891  5.32524   1.000 75.80795  ? 100 VAL A C   1 
ATOM 651 O O   . VAL A 1 100 ? -3.63298  11.06814  5.58441   1.000 88.51451  ? 100 VAL A O   1 
ATOM 652 C CB  . VAL A 1 100 ? -1.34648  12.06444  3.27434   1.000 87.98209  ? 100 VAL A CB  1 
ATOM 653 C CG1 . VAL A 1 100 ? 0.04147   12.37293  3.81961   1.000 106.12294 ? 100 VAL A CG1 1 
ATOM 654 C CG2 . VAL A 1 100 ? -1.30181  11.92994  1.76236   1.000 90.49316  ? 100 VAL A CG2 1 
ATOM 655 N N   . ASP A 1 101 ? -1.48812  11.18303  6.26015   1.000 70.44754  ? 101 ASP A N   1 
ATOM 656 C CA  . ASP A 1 101 ? -1.78308  11.53752  7.64971   1.000 73.36808  ? 101 ASP A CA  1 
ATOM 657 C C   . ASP A 1 101 ? -2.73161  10.52076  8.28957   1.000 85.83834  ? 101 ASP A C   1 
ATOM 658 O O   . ASP A 1 101 ? -3.85518  10.83610  8.68787   1.000 88.28604  ? 101 ASP A O   1 
ATOM 659 C CB  . ASP A 1 101 ? -2.35565  12.95909  7.76074   1.000 77.08449  ? 101 ASP A CB  1 
ATOM 660 C CG  . ASP A 1 101 ? -1.42282  14.02703  7.20255   1.000 76.69716  ? 101 ASP A CG  1 
ATOM 661 O OD1 . ASP A 1 101 ? -0.22487  13.75464  6.99294   1.000 73.58620  ? 101 ASP A OD1 1 
ATOM 662 O OD2 . ASP A 1 101 ? -1.89702  15.15928  6.98131   1.000 85.12145  ? 101 ASP A OD2 1 
ATOM 663 N N   . LYS A 1 102 ? -2.25857  9.28349   8.37565   1.000 93.13121  ? 102 LYS A N   1 
ATOM 664 C CA  . LYS A 1 102 ? -2.95171  8.23461   9.10512   1.000 90.00911  ? 102 LYS A CA  1 
ATOM 665 C C   . LYS A 1 102 ? -2.15603  7.87929   10.35430  1.000 95.04251  ? 102 LYS A C   1 
ATOM 666 O O   . LYS A 1 102 ? -0.94843  8.12172   10.43678  1.000 97.09795  ? 102 LYS A O   1 
ATOM 667 C CB  . LYS A 1 102 ? -3.15537  6.99436   8.22724   1.000 79.93436  ? 102 LYS A CB  1 
ATOM 668 C CG  . LYS A 1 102 ? -3.66648  7.31212   6.82443   1.000 86.23128  ? 102 LYS A CG  1 
ATOM 669 C CD  . LYS A 1 102 ? -4.90225  6.49862   6.46630   1.000 73.07689  ? 102 LYS A CD  1 
ATOM 670 C CE  . LYS A 1 102 ? -6.05071  6.79091   7.40808   1.000 76.73212  ? 102 LYS A CE  1 
ATOM 671 N NZ  . LYS A 1 102 ? -7.29019  6.06308   7.03410   1.000 81.65581  ? 102 LYS A NZ  1 
ATOM 672 N N   . ASN A 1 103 ? -2.84438  7.31544   11.33984  1.000 89.94143  ? 103 ASN A N   1 
ATOM 673 C CA  . ASN A 1 103 ? -2.18495  6.88628   12.56228  1.000 100.77667 ? 103 ASN A CA  1 
ATOM 674 C C   . ASN A 1 103 ? -1.91032  5.38542   12.52527  1.000 98.04590  ? 103 ASN A C   1 
ATOM 675 O O   . ASN A 1 103 ? -2.40261  4.65177   11.66476  1.000 85.32622  ? 103 ASN A O   1 
ATOM 676 C CB  . ASN A 1 103 ? -3.01201  7.26712   13.79607  1.000 126.62834 ? 103 ASN A CB  1 
ATOM 677 C CG  . ASN A 1 103 ? -4.49260  7.03708   13.60378  1.000 138.65904 ? 103 ASN A CG  1 
ATOM 678 O OD1 . ASN A 1 103 ? -5.20482  7.90382   13.09854  1.000 145.63417 ? 103 ASN A OD1 1 
ATOM 679 N ND2 . ASN A 1 103 ? -4.96986  5.87107   14.02177  1.000 151.19940 ? 103 ASN A ND2 1 
ATOM 680 N N   . LYS A 1 104 ? -1.09850  4.93857   13.48775  1.000 110.34429 ? 104 LYS A N   1 
ATOM 681 C CA  . LYS A 1 104 ? -0.59753  3.56719   13.47628  1.000 100.44460 ? 104 LYS A CA  1 
ATOM 682 C C   . LYS A 1 104 ? -1.73030  2.55109   13.55065  1.000 85.75314  ? 104 LYS A C   1 
ATOM 683 O O   . LYS A 1 104 ? -1.68481  1.51260   12.88331  1.000 80.94849  ? 104 LYS A O   1 
ATOM 684 C CB  . LYS A 1 104 ? 0.38018   3.36698   14.63553  1.000 116.27294 ? 104 LYS A CB  1 
ATOM 685 C CG  . LYS A 1 104 ? 0.91623   1.95058   14.77727  1.000 128.61404 ? 104 LYS A CG  1 
ATOM 686 C CD  . LYS A 1 104 ? 1.82518   1.82803   15.99284  1.000 122.83867 ? 104 LYS A CD  1 
ATOM 687 C CE  . LYS A 1 104 ? 1.08354   2.17635   17.27100  1.000 126.75050 ? 104 LYS A CE  1 
ATOM 688 N NZ  . LYS A 1 104 ? 1.97756   2.12403   18.45889  1.000 138.85667 ? 104 LYS A NZ  1 
ATOM 689 N N   . ASP A 1 105 ? -2.75562  2.83214   14.34867  1.000 93.05615  ? 105 ASP A N   1 
ATOM 690 C CA  . ASP A 1 105 ? -3.82876  1.87835   14.59373  1.000 97.06248  ? 105 ASP A CA  1 
ATOM 691 C C   . ASP A 1 105 ? -4.95351  1.94902   13.56562  1.000 94.61880  ? 105 ASP A C   1 
ATOM 692 O O   . ASP A 1 105 ? -5.92291  1.19104   13.68274  1.000 91.95791  ? 105 ASP A O   1 
ATOM 693 C CB  . ASP A 1 105 ? -4.40034  2.08986   15.99948  1.000 102.71547 ? 105 ASP A CB  1 
ATOM 694 C CG  . ASP A 1 105 ? -3.34304  1.97195   17.07814  1.000 121.29553 ? 105 ASP A CG  1 
ATOM 695 O OD1 . ASP A 1 105 ? -2.31836  1.30237   16.82747  1.000 121.76145 ? 105 ASP A OD1 1 
ATOM 696 O OD2 . ASP A 1 105 ? -3.53322  2.54721   18.17271  1.000 126.36167 ? 105 ASP A OD2 1 
ATOM 697 N N   . ASP A 1 106 ? -4.85543  2.82955   12.57015  1.000 93.24622  ? 106 ASP A N   1 
ATOM 698 C CA  . ASP A 1 106 ? -5.90011  2.93977   11.55669  1.000 85.06615  ? 106 ASP A CA  1 
ATOM 699 C C   . ASP A 1 106 ? -5.96949  1.65513   10.74109  1.000 88.29696  ? 106 ASP A C   1 
ATOM 700 O O   . ASP A 1 106 ? -4.96565  1.22105   10.16413  1.000 84.07218  ? 106 ASP A O   1 
ATOM 701 C CB  . ASP A 1 106 ? -5.63996  4.13692   10.64346  1.000 82.01201  ? 106 ASP A CB  1 
ATOM 702 C CG  . ASP A 1 106 ? -6.17922  5.43681   11.21085  1.000 91.32936  ? 106 ASP A CG  1 
ATOM 703 O OD1 . ASP A 1 106 ? -6.97295  5.38609   12.17598  1.000 91.13674  ? 106 ASP A OD1 1 
ATOM 704 O OD2 . ASP A 1 106 ? -5.80414  6.51207   10.69385  1.000 84.04168  ? 106 ASP A OD2 1 
ATOM 705 N N   . GLU A 1 107 ? -7.15142  1.04683   10.69308  1.000 86.36335  ? 107 GLU A N   1 
ATOM 706 C CA  . GLU A 1 107 ? -7.33705  -0.14327  9.87586   1.000 92.39215  ? 107 GLU A CA  1 
ATOM 707 C C   . GLU A 1 107 ? -7.25143  0.21143   8.39646   1.000 81.45882  ? 107 GLU A C   1 
ATOM 708 O O   . GLU A 1 107 ? -7.66935  1.29222   7.97199   1.000 81.29633  ? 107 GLU A O   1 
ATOM 709 C CB  . GLU A 1 107 ? -8.68255  -0.80433  10.18075  1.000 96.53354  ? 107 GLU A CB  1 
ATOM 710 C CG  . GLU A 1 107 ? -8.72418  -1.58098  11.49302  1.000 115.87082 ? 107 GLU A CG  1 
ATOM 711 C CD  . GLU A 1 107 ? -8.75437  -0.67936  12.71418  1.000 131.67401 ? 107 GLU A CD  1 
ATOM 712 O OE1 . GLU A 1 107 ? -9.14783  0.49740   12.57482  1.000 140.11292 ? 107 GLU A OE1 1 
ATOM 713 O OE2 . GLU A 1 107 ? -8.38292  -1.14509  13.81292  1.000 134.43829 ? 107 GLU A OE2 1 
ATOM 714 N N   . LEU A 1 108 ? -6.68575  -0.70124  7.61363   1.000 86.66704  ? 108 LEU A N   1 
ATOM 715 C CA  . LEU A 1 108 ? -6.63751  -0.53060  6.16807   1.000 82.23287  ? 108 LEU A CA  1 
ATOM 716 C C   . LEU A 1 108 ? -8.01418  -0.80703  5.58026   1.000 89.44129  ? 108 LEU A C   1 
ATOM 717 O O   . LEU A 1 108 ? -8.58834  -1.87913  5.79967   1.000 84.23979  ? 108 LEU A O   1 
ATOM 718 C CB  . LEU A 1 108 ? -5.59310  -1.46141  5.55900   1.000 85.95641  ? 108 LEU A CB  1 
ATOM 719 C CG  . LEU A 1 108 ? -4.13221  -1.09843  5.82971   1.000 89.79997  ? 108 LEU A CG  1 
ATOM 720 C CD1 . LEU A 1 108 ? -3.22441  -2.28707  5.56300   1.000 84.49461  ? 108 LEU A CD1 1 
ATOM 721 C CD2 . LEU A 1 108 ? -3.72180  0.09164   4.97725   1.000 72.64224  ? 108 LEU A CD2 1 
ATOM 722 N N   . THR A 1 109 ? -8.54763  0.16189   4.84342   1.000 101.62280 ? 109 THR A N   1 
ATOM 723 C CA  . THR A 1 109 ? -9.86617  0.04670   4.24425   1.000 102.26158 ? 109 THR A CA  1 
ATOM 724 C C   . THR A 1 109 ? -9.79555  0.44551   2.77810   1.000 98.99917  ? 109 THR A C   1 
ATOM 725 O O   . THR A 1 109 ? -8.93827  1.23522   2.37136   1.000 99.01174  ? 109 THR A O   1 
ATOM 726 C CB  . THR A 1 109 ? -10.89666 0.91771   4.97875   1.000 102.24113 ? 109 THR A CB  1 
ATOM 727 O OG1 . THR A 1 109 ? -12.17140 0.79914   4.33593   1.000 125.22013 ? 109 THR A OG1 1 
ATOM 728 C CG2 . THR A 1 109 ? -10.46449 2.37512   4.97817   1.000 97.55364  ? 109 THR A CG2 1 
ATOM 729 N N   . GLY A 1 110 ? -10.70202 -0.11754  1.98509   1.000 89.87798  ? 110 GLY A N   1 
ATOM 730 C CA  . GLY A 1 110 ? -10.75593 0.22837   0.58124   1.000 81.37040  ? 110 GLY A CA  1 
ATOM 731 C C   . GLY A 1 110 ? -11.32118 1.61803   0.36315   1.000 92.64046  ? 110 GLY A C   1 
ATOM 732 O O   . GLY A 1 110 ? -12.16294 2.10386   1.11932   1.000 101.55378 ? 110 GLY A O   1 
ATOM 733 N N   . PHE A 1 111 ? -10.84121 2.26780   -0.69440  1.000 100.72362 ? 111 PHE A N   1 
ATOM 734 C CA  . PHE A 1 111 ? -11.29800 3.60461   -1.04218  1.000 106.57514 ? 111 PHE A CA  1 
ATOM 735 C C   . PHE A 1 111 ? -11.18252 3.79766   -2.54661  1.000 118.78024 ? 111 PHE A C   1 
ATOM 736 O O   . PHE A 1 111 ? -10.35229 3.16637   -3.20689  1.000 120.92613 ? 111 PHE A O   1 
ATOM 737 C CB  . PHE A 1 111 ? -10.50233 4.68493   -0.29808  1.000 95.94184  ? 111 PHE A CB  1 
ATOM 738 C CG  . PHE A 1 111 ? -9.01237  4.49575   -0.35921  1.000 86.91097  ? 111 PHE A CG  1 
ATOM 739 C CD1 . PHE A 1 111 ? -8.27947  4.98845   -1.42684  1.000 76.82908  ? 111 PHE A CD1 1 
ATOM 740 C CD2 . PHE A 1 111 ? -8.34336  3.83290   0.65753   1.000 87.52023  ? 111 PHE A CD2 1 
ATOM 741 C CE1 . PHE A 1 111 ? -6.90838  4.81721   -1.48300  1.000 79.04667  ? 111 PHE A CE1 1 
ATOM 742 C CE2 . PHE A 1 111 ? -6.97314  3.65975   0.60805   1.000 84.71955  ? 111 PHE A CE2 1 
ATOM 743 C CZ  . PHE A 1 111 ? -6.25465  4.15276   -0.46438  1.000 77.47446  ? 111 PHE A CZ  1 
ATOM 744 N N   . GLU A 1 112 ? -12.02856 4.67599   -3.08006  1.000 133.10647 ? 112 GLU A N   1 
ATOM 745 C CA  . GLU A 1 112 ? -12.01805 4.95560   -4.50729  1.000 140.77739 ? 112 GLU A CA  1 
ATOM 746 C C   . GLU A 1 112 ? -10.68743 5.57886   -4.92134  1.000 139.86528 ? 112 GLU A C   1 
ATOM 747 O O   . GLU A 1 112 ? -9.96258  6.16576   -4.11328  1.000 126.74182 ? 112 GLU A O   1 
ATOM 748 C CB  . GLU A 1 112 ? -13.17431 5.88399   -4.88040  1.000 138.13454 ? 112 GLU A CB  1 
ATOM 749 N N   . ASN A 1 113 ? -10.36911 5.44002   -6.20340  1.000 148.21690 ? 113 ASN A N   1 
ATOM 750 C CA  . ASN A 1 113 ? -9.11758  5.96087   -6.73821  1.000 142.86101 ? 113 ASN A CA  1 
ATOM 751 C C   . ASN A 1 113 ? -9.34859  7.21317   -7.57864  1.000 140.96944 ? 113 ASN A C   1 
ATOM 752 O O   . ASN A 1 113 ? -8.50318  8.10676   -7.62081  1.000 136.51617 ? 113 ASN A O   1 
ATOM 753 C CB  . ASN A 1 113 ? -8.40494  4.88821   -7.56667  1.000 140.05161 ? 113 ASN A CB  1 
ATOM 754 C CG  . ASN A 1 113 ? -9.32293  4.21428   -8.56907  1.000 139.34549 ? 113 ASN A CG  1 
ATOM 755 O OD1 . ASN A 1 113 ? -10.42184 4.69718   -8.84791  1.000 141.31209 ? 113 ASN A OD1 1 
ATOM 756 N ND2 . ASN A 1 113 ? -8.87324  3.08865   -9.11858  1.000 121.40603 ? 113 ASN A ND2 1 
# 
loop_
_atom_site_anisotrop.id 
_atom_site_anisotrop.type_symbol 
_atom_site_anisotrop.pdbx_label_atom_id 
_atom_site_anisotrop.pdbx_label_alt_id 
_atom_site_anisotrop.pdbx_label_comp_id 
_atom_site_anisotrop.pdbx_label_asym_id 
_atom_site_anisotrop.pdbx_label_seq_id 
_atom_site_anisotrop.pdbx_PDB_ins_code 
_atom_site_anisotrop.U[1][1] 
_atom_site_anisotrop.U[2][2] 
_atom_site_anisotrop.U[3][3] 
_atom_site_anisotrop.U[1][2] 
_atom_site_anisotrop.U[1][3] 
_atom_site_anisotrop.U[2][3] 
_atom_site_anisotrop.pdbx_auth_seq_id 
_atom_site_anisotrop.pdbx_auth_comp_id 
_atom_site_anisotrop.pdbx_auth_asym_id 
_atom_site_anisotrop.pdbx_auth_atom_id 
1   N N   . ARG A 4   ? 1.58045 1.78691 2.10668 -0.11038 -0.47800 -0.00682 4   ARG A N   
2   C CA  . ARG A 4   ? 1.66252 1.84371 2.09013 -0.06709 -0.43315 -0.00804 4   ARG A CA  
3   C C   . ARG A 4   ? 1.73860 1.97092 2.17060 -0.09784 -0.35130 -0.00137 4   ARG A C   
4   O O   . ARG A 4   ? 1.73767 2.01519 2.18128 -0.07443 -0.29984 -0.00979 4   ARG A O   
5   C CB  . ARG A 4   ? 1.67635 1.88806 2.14023 -0.01426 -0.43575 -0.02280 4   ARG A CB  
6   C CG  . ARG A 4   ? 1.71532 2.03957 2.34868 -0.02709 -0.42206 -0.03519 4   ARG A CG  
7   C CD  . ARG A 4   ? 1.69640 2.04025 2.35379 0.02833  -0.42133 -0.04835 4   ARG A CD  
8   N NE  . ARG A 4   ? 1.73823 1.99103 2.31067 0.07265  -0.49277 -0.04744 4   ARG A NE  
9   C CZ  . ARG A 4   ? 1.70123 1.87559 2.13780 0.11302  -0.48698 -0.04225 4   ARG A CZ  
10  N NH1 . ARG A 4   ? 1.78172 1.87083 2.13559 0.15026  -0.54835 -0.04145 4   ARG A NH1 
11  N NH2 . ARG A 4   ? 1.61370 1.79376 1.99635 0.11492  -0.41959 -0.03804 4   ARG A NH2 
12  N N   . GLY A 5   ? 1.77849 1.99403 2.19257 -0.15142 -0.34284 0.01425  5   GLY A N   
13  C CA  . GLY A 5   ? 1.71070 1.95826 2.10740 -0.18430 -0.27073 0.02297  5   GLY A CA  
14  C C   . GLY A 5   ? 1.58399 1.76545 1.84775 -0.15256 -0.25404 0.02756  5   GLY A C   
15  O O   . GLY A 5   ? 1.65415 1.74975 1.82592 -0.12168 -0.29846 0.03051  5   GLY A O   
16  N N   . LEU A 6   ? 1.36450 1.58763 1.62153 -0.15982 -0.18880 0.02608  6   LEU A N   
17  C CA  . LEU A 6   ? 1.28148 1.45447 1.43065 -0.13344 -0.17172 0.02935  6   LEU A CA  
18  C C   . LEU A 6   ? 1.31504 1.42223 1.37500 -0.17162 -0.17580 0.05082  6   LEU A C   
19  O O   . LEU A 6   ? 1.39946 1.51743 1.48148 -0.22813 -0.16444 0.06413  6   LEU A O   
20  C CB  . LEU A 6   ? 1.25696 1.49389 1.43229 -0.12308 -0.10815 0.01611  6   LEU A CB  
21  C CG  . LEU A 6   ? 1.33227 1.58727 1.52786 -0.06512 -0.10760 -0.00125 6   LEU A CG  
22  C CD1 . LEU A 6   ? 1.33465 1.64299 1.55089 -0.06219 -0.04619 -0.01475 6   LEU A CD1 
23  C CD2 . LEU A 6   ? 1.37370 1.54980 1.47359 -0.02393 -0.14176 0.00444  6   LEU A CD2 
24  N N   . SER A 7   ? 1.27680 1.31462 1.23840 -0.14051 -0.19226 0.05497  7   SER A N   
25  C CA  . SER A 7   ? 1.39613 1.36371 1.26748 -0.16785 -0.20171 0.07461  7   SER A CA  
26  C C   . SER A 7   ? 1.44345 1.44125 1.29384 -0.19787 -0.14528 0.07962  7   SER A C   
27  O O   . SER A 7   ? 1.37008 1.43836 1.26849 -0.18881 -0.09842 0.06410  7   SER A O   
28  C CB  . SER A 7   ? 1.57460 1.46514 1.36262 -0.11893 -0.23888 0.07370  7   SER A CB  
29  O OG  . SER A 7   ? 1.82402 1.67967 1.61578 -0.08768 -0.28654 0.06566  7   SER A OG  
30  N N   . GLU A 8   ? 1.46059 1.39480 1.22978 -0.23337 -0.15323 0.10110  8   GLU A N   
31  C CA  . GLU A 8   ? 1.52861 1.46832 1.24751 -0.26057 -0.10822 0.10746  8   GLU A CA  
32  C C   . GLU A 8   ? 1.50406 1.42675 1.17516 -0.21192 -0.11078 0.09673  8   GLU A C   
33  O O   . GLU A 8   ? 1.62308 1.50821 1.27780 -0.16590 -0.15127 0.09266  8   GLU A O   
34  C CB  . GLU A 8   ? 1.70273 1.56610 1.33756 -0.31538 -0.12261 0.13764  8   GLU A CB  
35  C CG  . GLU A 8   ? 1.97955 1.84977 1.55966 -0.35932 -0.06902 0.14682  8   GLU A CG  
36  C CD  . GLU A 8   ? 2.12024 1.91276 1.61749 -0.42234 -0.07995 0.18128  8   GLU A CD  
37  O OE1 . GLU A 8   ? 2.12610 1.87174 1.62994 -0.43712 -0.12556 0.19665  8   GLU A OE1 
38  O OE2 . GLU A 8   ? 2.09934 1.86963 1.51711 -0.45818 -0.04476 0.19341  8   GLU A OE2 
39  N N   . ALA A 9   ? 1.50043 1.45226 1.15211 -0.22280 -0.06535 0.09044  9   ALA A N   
40  C CA  . ALA A 9   ? 1.60320 1.54347 1.21900 -0.18330 -0.06815 0.07988  9   ALA A CA  
41  C C   . ALA A 9   ? 1.67446 1.52361 1.19913 -0.17880 -0.11790 0.09823  9   ALA A C   
42  O O   . ALA A 9   ? 1.75421 1.54971 1.20226 -0.22116 -0.12312 0.11847  9   ALA A O   
43  C CB  . ALA A 9   ? 1.68327 1.66219 1.28717 -0.20159 -0.01389 0.06810  9   ALA A CB  
44  N N   . LYS A 10  ? 1.46730 1.29679 0.99990 -0.12685 -0.15367 0.09137  10  LYS A N   
45  C CA  . LYS A 10  ? 1.44343 1.19510 0.90982 -0.11074 -0.20285 0.10331  10  LYS A CA  
46  C C   . LYS A 10  ? 1.53404 1.29971 1.00137 -0.07482 -0.20161 0.09094  10  LYS A C   
47  O O   . LYS A 10  ? 1.49865 1.32692 1.02698 -0.04745 -0.17250 0.07214  10  LYS A O   
48  C CB  . LYS A 10  ? 1.59596 1.30869 1.07333 -0.07728 -0.24669 0.10325  10  LYS A CB  
49  C CG  . LYS A 10  ? 1.69403 1.39786 1.18822 -0.10693 -0.25486 0.11087  10  LYS A CG  
50  C CD  . LYS A 10  ? 1.64806 1.30948 1.14594 -0.06650 -0.29870 0.10422  10  LYS A CD  
51  C CE  . LYS A 10  ? 1.72290 1.29397 1.15232 -0.04872 -0.34803 0.11348  10  LYS A CE  
52  N NZ  . LYS A 10  ? 1.78677 1.28785 1.15444 -0.10313 -0.37321 0.13979  10  LYS A NZ  
53  N N   . PRO A 11  ? 1.67537 1.38140 1.07934 -0.07540 -0.23653 0.10186  11  PRO A N   
54  C CA  . PRO A 11  ? 1.50727 1.22811 0.92803 -0.03935 -0.24490 0.08962  11  PRO A CA  
55  C C   . PRO A 11  ? 1.44732 1.18950 0.93261 0.01741  -0.25626 0.07669  11  PRO A C   
56  O O   . PRO A 11  ? 1.50252 1.21466 0.98790 0.03309  -0.27815 0.07989  11  PRO A O   
57  C CB  . PRO A 11  ? 1.55063 1.19088 0.88953 -0.05278 -0.29394 0.10706  11  PRO A CB  
58  C CG  . PRO A 11  ? 1.73341 1.30634 1.02091 -0.07833 -0.32115 0.12831  11  PRO A CG  
59  C CD  . PRO A 11  ? 1.75043 1.36947 1.06644 -0.11080 -0.27385 0.12723  11  PRO A CD  
60  N N   . ALA A 12  ? 1.45149 1.24238 0.98803 0.04665  -0.23919 0.06150  12  ALA A N   
61  C CA  . ALA A 12  ? 1.35109 1.16874 0.94774 0.09692  -0.23595 0.04977  12  ALA A CA  
62  C C   . ALA A 12  ? 1.49133 1.26917 1.08563 0.13099  -0.27920 0.05119  12  ALA A C   
63  O O   . ALA A 12  ? 1.41521 1.15750 0.97803 0.12095  -0.31356 0.05878  12  ALA A O   
64  C CB  . ALA A 12  ? 1.21919 1.10460 0.87774 0.11175  -0.19645 0.03523  12  ALA A CB  
65  N N   . THR A 13  ? 1.44131 1.22336 1.06829 0.17399  -0.27770 0.04236  13  THR A N   
66  C CA  . THR A 13  ? 1.47210 1.22053 1.10749 0.21495  -0.31212 0.03856  13  THR A CA  
67  C C   . THR A 13  ? 1.57211 1.37853 1.28318 0.25949  -0.28093 0.02302  13  THR A C   
68  O O   . THR A 13  ? 1.66007 1.51935 1.40329 0.25635  -0.23668 0.01831  13  THR A O   
69  C CB  . THR A 13  ? 1.41453 1.09872 1.00384 0.22479  -0.33822 0.04072  13  THR A CB  
70  O OG1 . THR A 13  ? 1.40750 1.11590 1.00845 0.23597  -0.30527 0.03207  13  THR A OG1 
71  C CG2 . THR A 13  ? 1.37806 1.00391 0.89706 0.17394  -0.36738 0.06000  13  THR A CG2 
72  N N   . PRO A 14  ? 1.49678 1.29570 1.24181 0.30066  -0.30084 0.01521  14  PRO A N   
73  C CA  . PRO A 14  ? 1.44634 1.30575 1.26896 0.33997  -0.26186 0.00153  14  PRO A CA  
74  C C   . PRO A 14  ? 1.51006 1.37914 1.32213 0.35898  -0.21843 -0.00516 14  PRO A C   
75  O O   . PRO A 14  ? 1.51746 1.44075 1.37836 0.37111  -0.17297 -0.00965 14  PRO A O   
76  C CB  . PRO A 14  ? 1.55221 1.39219 1.40842 0.38225  -0.29514 -0.00719 14  PRO A CB  
77  C CG  . PRO A 14  ? 1.43055 1.21837 1.24599 0.35558  -0.35593 0.00522  14  PRO A CG  
78  C CD  . PRO A 14  ? 1.57318 1.31623 1.29916 0.30928  -0.35924 0.01954  14  PRO A CD  
79  N N   . GLU A 15  ? 1.50201 1.31399 1.24769 0.36018  -0.23423 -0.00491 15  GLU A N   
80  C CA  . GLU A 15  ? 1.49233 1.30362 1.21664 0.37815  -0.20132 -0.01151 15  GLU A CA  
81  C C   . GLU A 15  ? 1.41407 1.26541 1.14480 0.34536  -0.17132 -0.00387 15  GLU A C   
82  O O   . GLU A 15  ? 1.33388 1.21077 1.07649 0.36149  -0.13307 -0.00719 15  GLU A O   
83  C CB  . GLU A 15  ? 1.52736 1.26093 1.17911 0.38637  -0.23522 -0.01512 15  GLU A CB  
84  C CG  . GLU A 15  ? 1.81560 1.50250 1.42526 0.34321  -0.28167 -0.00168 15  GLU A CG  
85  C CD  . GLU A 15  ? 2.08222 1.72086 1.68195 0.35292  -0.32791 -0.00017 15  GLU A CD  
86  O OE1 . GLU A 15  ? 2.05835 1.72063 1.70658 0.38827  -0.32363 -0.00941 15  GLU A OE1 
87  O OE2 . GLU A 15  ? 2.15348 1.72936 1.70077 0.32447  -0.37029 0.01114  15  GLU A OE2 
88  N N   . ILE A 16  ? 1.45837 1.31258 1.17924 0.30024  -0.18664 0.00618  16  ILE A N   
89  C CA  . ILE A 16  ? 1.53310 1.43120 1.27295 0.27247  -0.15675 0.00950  16  ILE A CA  
90  C C   . ILE A 16  ? 1.39381 1.34832 1.19374 0.28074  -0.12263 0.00645  16  ILE A C   
91  O O   . ILE A 16  ? 1.26808 1.25305 1.08907 0.28280  -0.08899 0.00552  16  ILE A O   
92  C CB  . ILE A 16  ? 1.46793 1.35913 1.18557 0.22339  -0.17354 0.01811  16  ILE A CB  
93  C CG1 . ILE A 16  ? 1.49707 1.35495 1.17714 0.20607  -0.18972 0.02197  16  ILE A CG1 
94  C CG2 . ILE A 16  ? 1.36809 1.31285 1.12082 0.19929  -0.14155 0.01660  16  ILE A CG2 
95  C CD1 . ILE A 16  ? 1.38658 1.17476 1.01874 0.21810  -0.23190 0.02405  16  ILE A CD1 
96  N N   . GLN A 17  ? 1.17356 1.13848 1.00425 0.28535  -0.13567 0.00546  17  GLN A N   
97  C CA  . GLN A 17  ? 1.20414 1.22208 1.10212 0.29096  -0.10888 0.00237  17  GLN A CA  
98  C C   . GLN A 17  ? 1.43511 1.47354 1.36254 0.32688  -0.06953 -0.00120 17  GLN A C   
99  O O   . GLN A 17  ? 1.43814 1.51258 1.40054 0.32290  -0.03358 0.00059  17  GLN A O   
100 C CB  . GLN A 17  ? 1.19185 1.21323 1.12278 0.29256  -0.14092 0.00104  17  GLN A CB  
101 C CG  . GLN A 17  ? 1.20863 1.28589 1.22078 0.29425  -0.12124 -0.00262 17  GLN A CG  
102 C CD  . GLN A 17  ? 1.20993 1.31077 1.22497 0.26201  -0.09769 -0.00185 17  GLN A CD  
103 O OE1 . GLN A 17  ? 1.21909 1.30381 1.19743 0.22957  -0.11725 -0.00147 17  GLN A OE1 
104 N NE2 . GLN A 17  ? 1.03574 1.16898 1.08844 0.27131  -0.05404 -0.00193 17  GLN A NE2 
105 N N   . GLU A 18  ? 1.45470 1.46353 1.36066 0.36180  -0.07434 -0.00633 18  GLU A N   
106 C CA  . GLU A 18  ? 1.53350 1.55341 1.44927 0.39586  -0.03075 -0.01003 18  GLU A CA  
107 C C   . GLU A 18  ? 1.56946 1.57127 1.43380 0.39005  -0.00990 -0.00483 18  GLU A C   
108 O O   . GLU A 18  ? 1.55420 1.57234 1.42820 0.40268  0.03231  -0.00147 18  GLU A O   
109 C CB  . GLU A 18  ? 1.72582 1.71086 1.62053 0.43774  -0.03994 -0.02137 18  GLU A CB  
110 C CG  . GLU A 18  ? 1.89263 1.89544 1.84949 0.45164  -0.06489 -0.02807 18  GLU A CG  
111 C CD  . GLU A 18  ? 1.92170 1.99840 1.98008 0.44605  -0.03868 -0.02618 18  GLU A CD  
112 O OE1 . GLU A 18  ? 1.87334 1.97052 1.95733 0.41056  -0.05963 -0.01920 18  GLU A OE1 
113 O OE2 . GLU A 18  ? 1.99005 2.10264 2.10154 0.47577  0.00411  -0.03234 18  GLU A OE2 
114 N N   . ILE A 19  ? 1.49975 1.46718 1.31255 0.36964  -0.04025 -0.00281 19  ILE A N   
115 C CA  . ILE A 19  ? 1.44895 1.40370 1.22688 0.36331  -0.02978 0.00136  19  ILE A CA  
116 C C   . ILE A 19  ? 1.37555 1.37669 1.20110 0.34324  -0.00122 0.00757  19  ILE A C   
117 O O   . ILE A 19  ? 1.29242 1.29271 1.11036 0.35388  0.02619  0.01252  19  ILE A O   
118 C CB  . ILE A 19  ? 1.41558 1.33651 1.15227 0.34072  -0.07002 0.00153  19  ILE A CB  
119 C CG1 . ILE A 19  ? 1.45575 1.31452 1.13269 0.36422  -0.09915 -0.00513 19  ILE A CG1 
120 C CG2 . ILE A 19  ? 1.20327 1.12985 0.93433 0.32789  -0.06404 0.00515  19  ILE A CG2 
121 C CD1 . ILE A 19  ? 1.44213 1.26489 1.08462 0.33787  -0.14131 -0.00336 19  ILE A CD1 
122 N N   . VAL A 20  ? 1.26802 1.30092 1.13457 0.31408  -0.00962 0.00725  20  VAL A N   
123 C CA  . VAL A 20  ? 1.28166 1.35114 1.19086 0.29630  0.01482  0.00935  20  VAL A CA  
124 C C   . VAL A 20  ? 1.35352 1.44810 1.30749 0.31252  0.04899  0.01300  20  VAL A C   
125 O O   . VAL A 20  ? 1.33348 1.43879 1.30448 0.30963  0.07623  0.01856  20  VAL A O   
126 C CB  . VAL A 20  ? 1.20851 1.29753 1.13756 0.26147  -0.00123 0.00486  20  VAL A CB  
127 C CG1 . VAL A 20  ? 1.02201 1.08504 0.90669 0.24333  -0.03194 0.00403  20  VAL A CG1 
128 C CG2 . VAL A 20  ? 1.29051 1.39949 1.25966 0.25870  -0.00761 0.00287  20  VAL A CG2 
129 N N   . ASP A 21  ? 1.30724 1.41037 1.28492 0.33037  0.04875  0.01048  21  ASP A N   
130 C CA  . ASP A 21  ? 1.15325 1.28925 1.18750 0.34387  0.08668  0.01415  21  ASP A CA  
131 C C   . ASP A 21  ? 1.24179 1.35520 1.23560 0.36773  0.12546  0.02159  21  ASP A C   
132 O O   . ASP A 21  ? 1.36403 1.49760 1.39088 0.36636  0.16519  0.03087  21  ASP A O   
133 C CB  . ASP A 21  ? 1.01189 1.16829 1.09352 0.36131  0.07630  0.00701  21  ASP A CB  
134 C CG  . ASP A 21  ? 1.11626 1.29182 1.23922 0.33660  0.03669  0.00253  21  ASP A CG  
135 O OD1 . ASP A 21  ? 1.12600 1.29452 1.22748 0.30582  0.02119  0.00331  21  ASP A OD1 
136 O OD2 . ASP A 21  ? 1.21751 1.41275 1.39259 0.34938  0.02019  -0.00290 21  ASP A OD2 
137 N N   . LYS A 22  ? 1.16612 1.23080 1.08224 0.38755  0.11272  0.01859  22  LYS A N   
138 C CA  . LYS A 22  ? 1.07947 1.10819 0.93529 0.41149  0.14440  0.02489  22  LYS A CA  
139 C C   . LYS A 22  ? 1.35457 1.36028 1.17477 0.39712  0.14309  0.03553  22  LYS A C   
140 O O   . LYS A 22  ? 1.56224 1.54323 1.34488 0.40878  0.17476  0.04692  22  LYS A O   
141 C CB  . LYS A 22  ? 1.11764 1.09343 0.89738 0.44127  0.12584  0.01422  22  LYS A CB  
142 C CG  . LYS A 22  ? 1.21328 1.20314 1.02271 0.46877  0.13755  0.00219  22  LYS A CG  
143 C CD  . LYS A 22  ? 1.36104 1.38204 1.20571 0.48549  0.20195  0.00725  22  LYS A CD  
144 C CE  . LYS A 22  ? 1.48500 1.52570 1.36963 0.51916  0.21778  -0.00862 22  LYS A CE  
145 N NZ  . LYS A 22  ? 1.49882 1.58721 1.47836 0.50743  0.18151  -0.01532 22  LYS A NZ  
146 N N   . VAL A 23  ? 1.28780 1.29875 1.11796 0.37282  0.10791  0.03220  23  VAL A N   
147 C CA  . VAL A 23  ? 1.19798 1.19546 1.01475 0.36211  0.10506  0.03937  23  VAL A CA  
148 C C   . VAL A 23  ? 1.27554 1.31093 1.15892 0.34014  0.12532  0.04400  23  VAL A C   
149 O O   . VAL A 23  ? 1.32499 1.34807 1.20537 0.33420  0.12505  0.04927  23  VAL A O   
150 C CB  . VAL A 23  ? 1.16701 1.15340 0.96742 0.34935  0.06162  0.03131  23  VAL A CB  
151 C CG1 . VAL A 23  ? 1.19239 1.13364 0.92721 0.36752  0.03448  0.02616  23  VAL A CG1 
152 C CG2 . VAL A 23  ? 1.05309 1.08213 0.90860 0.31990  0.04844  0.02250  23  VAL A CG2 
153 N N   . LYS A 24  ? 1.28037 1.35719 1.22536 0.32896  0.13753  0.04086  24  LYS A N   
154 C CA  . LYS A 24  ? 1.16663 1.27197 1.17250 0.30717  0.15337  0.04372  24  LYS A CA  
155 C C   . LYS A 24  ? 1.33086 1.41604 1.32937 0.31205  0.18806  0.06093  24  LYS A C   
156 O O   . LYS A 24  ? 1.22207 1.30357 1.24081 0.29673  0.18747  0.06292  24  LYS A O   
157 C CB  . LYS A 24  ? 1.17314 1.32190 1.24661 0.29677  0.15562  0.03820  24  LYS A CB  
158 C CG  . LYS A 24  ? 1.19061 1.36456 1.32773 0.27081  0.16314  0.03790  24  LYS A CG  
159 C CD  . LYS A 24  ? 1.28755 1.50336 1.49809 0.26275  0.16180  0.03406  24  LYS A CD  
160 C CE  . LYS A 24  ? 1.45111 1.67342 1.65466 0.26112  0.12077  0.02045  24  LYS A CE  
161 N NZ  . LYS A 24  ? 1.54361 1.80401 1.82295 0.25724  0.11002  0.01648  24  LYS A NZ  
162 N N   . PRO A 25  ? 1.39726 1.46417 1.36425 0.33189  0.22042  0.07361  25  PRO A N   
163 C CA  . PRO A 25  ? 1.42154 1.45764 1.36687 0.33162  0.25403  0.09450  25  PRO A CA  
164 C C   . PRO A 25  ? 1.55402 1.53788 1.43927 0.33602  0.23019  0.09991  25  PRO A C   
165 O O   . PRO A 25  ? 1.65218 1.61628 1.54586 0.32537  0.23935  0.11260  25  PRO A O   
166 C CB  . PRO A 25  ? 1.48820 1.50810 1.38913 0.35515  0.29391  0.10403  25  PRO A CB  
167 C CG  . PRO A 25  ? 1.49901 1.52556 1.38039 0.37475  0.26963  0.08511  25  PRO A CG  
168 C CD  . PRO A 25  ? 1.30550 1.37849 1.25908 0.35436  0.23354  0.06950  25  PRO A CD  
169 N N   . GLN A 26  ? 1.45169 1.41125 1.28275 0.35120  0.19543  0.09026  26  GLN A N   
170 C CA  . GLN A 26  ? 1.22843 1.14744 1.02153 0.35602  0.16446  0.09256  26  GLN A CA  
171 C C   . GLN A 26  ? 1.41359 1.36555 1.27787 0.33528  0.14694  0.08106  26  GLN A C   
172 O O   . GLN A 26  ? 1.31451 1.24036 1.17980 0.33565  0.14022  0.08754  26  GLN A O   
173 C CB  . GLN A 26  ? 1.19579 1.08990 0.93232 0.37240  0.12683  0.08243  26  GLN A CB  
174 C CG  . GLN A 26  ? 1.34499 1.20592 1.00874 0.39508  0.14244  0.08566  26  GLN A CG  
175 C CD  . GLN A 26  ? 1.39205 1.23071 1.01076 0.40679  0.09994  0.07123  26  GLN A CD  
176 O OE1 . GLN A 26  ? 1.55037 1.36956 1.15597 0.40546  0.05811  0.06763  26  GLN A OE1 
177 N NE2 . GLN A 26  ? 1.16148 1.00270 0.76336 0.41845  0.10834  0.06212  26  GLN A NE2 
178 N N   . LEU A 27  ? 1.27003 1.27317 1.18842 0.31858  0.13892  0.06315  27  LEU A N   
179 C CA  . LEU A 27  ? 1.29371 1.32551 1.26961 0.29899  0.12858  0.04848  27  LEU A CA  
180 C C   . LEU A 27  ? 1.25616 1.28461 1.26966 0.28774  0.15186  0.05604  27  LEU A C   
181 O O   . LEU A 27  ? 1.24840 1.26731 1.28410 0.28388  0.14396  0.04982  27  LEU A O   
182 C CB  . LEU A 27  ? 1.21868 1.29404 1.22536 0.28131  0.11861  0.03098  27  LEU A CB  
183 C CG  . LEU A 27  ? 1.14490 1.24696 1.19923 0.25904  0.11536  0.01326  27  LEU A CG  
184 C CD1 . LEU A 27  ? 1.08752 1.18532 1.14606 0.26275  0.10142  0.00248  27  LEU A CD1 
185 C CD2 . LEU A 27  ? 0.97024 1.10153 1.03369 0.24066  0.10506  0.00057  27  LEU A CD2 
186 N N   . GLU A 28  ? 1.28375 1.32013 1.31127 0.28240  0.18042  0.06843  28  GLU A N   
187 C CA  . GLU A 28  ? 1.24652 1.27817 1.31545 0.26629  0.20204  0.07801  28  GLU A CA  
188 C C   . GLU A 28  ? 1.39111 1.36316 1.41668 0.27685  0.21074  0.09967  28  GLU A C   
189 O O   . GLU A 28  ? 1.36907 1.32009 1.41960 0.26676  0.20853  0.10122  28  GLU A O   
190 C CB  . GLU A 28  ? 1.27229 1.33520 1.38049 0.25627  0.23131  0.08686  28  GLU A CB  
191 C CG  . GLU A 28  ? 1.19635 1.31125 1.35249 0.24519  0.21444  0.06684  28  GLU A CG  
192 C CD  . GLU A 28  ? 1.25679 1.40828 1.46626 0.24044  0.23868  0.07436  28  GLU A CD  
193 O OE1 . GLU A 28  ? 1.34073 1.48142 1.54126 0.24841  0.27668  0.09465  28  GLU A OE1 
194 O OE2 . GLU A 28  ? 1.26566 1.45611 1.52635 0.22883  0.21984  0.05999  28  GLU A OE2 
195 N N   . GLU A 29  ? 1.45420 1.38914 1.40648 0.29801  0.21723  0.11612  29  GLU A N   
196 C CA  . GLU A 29  ? 1.52184 1.38646 1.41352 0.30914  0.21884  0.13926  29  GLU A CA  
197 C C   . GLU A 29  ? 1.61468 1.45641 1.50745 0.31889  0.17577  0.12765  29  GLU A C   
198 O O   . GLU A 29  ? 1.73684 1.52635 1.61470 0.32178  0.16956  0.14185  29  GLU A O   
199 C CB  . GLU A 29  ? 1.67454 1.49749 1.47130 0.33118  0.23082  0.15556  29  GLU A CB  
200 C CG  . GLU A 29  ? 1.95211 1.68761 1.66102 0.34334  0.22988  0.18305  29  GLU A CG  
201 C CD  . GLU A 29  ? 2.04631 1.74168 1.70857 0.36566  0.17396  0.17530  29  GLU A CD  
202 O OE1 . GLU A 29  ? 2.06789 1.71965 1.72715 0.36896  0.14900  0.18348  29  GLU A OE1 
203 O OE2 . GLU A 29  ? 2.13721 1.84413 1.77224 0.37994  0.15172  0.16040  29  GLU A OE2 
204 N N   . LYS A 30  ? 1.58740 1.46727 1.50257 0.32368  0.14623  0.10228  30  LYS A N   
205 C CA  . LYS A 30  ? 1.41454 1.28766 1.35088 0.33326  0.10993  0.08765  30  LYS A CA  
206 C C   . LYS A 30  ? 1.58423 1.48419 1.59604 0.31770  0.11311  0.06883  30  LYS A C   
207 O O   . LYS A 30  ? 1.59084 1.46604 1.62170 0.32825  0.09405  0.06331  30  LYS A O   
208 C CB  . LYS A 30  ? 1.31854 1.22431 1.25543 0.34022  0.08179  0.06886  30  LYS A CB  
209 C CG  . LYS A 30  ? 1.53856 1.39963 1.42837 0.36444  0.04357  0.07544  30  LYS A CG  
210 C CD  . LYS A 30  ? 1.71696 1.51549 1.50680 0.37894  0.04982  0.10111  30  LYS A CD  
211 C CE  . LYS A 30  ? 1.71259 1.53394 1.47336 0.37701  0.06048  0.09562  30  LYS A CE  
212 N NZ  . LYS A 30  ? 1.79130 1.55196 1.45079 0.39330  0.07622  0.11609  30  LYS A NZ  
213 N N   . THR A 31  ? 1.58143 1.52622 1.63450 0.29500  0.13320  0.05705  31  THR A N   
214 C CA  . THR A 31  ? 1.55799 1.52129 1.66969 0.27968  0.13406  0.03497  31  THR A CA  
215 C C   . THR A 31  ? 1.54152 1.47793 1.67248 0.26343  0.15360  0.04830  31  THR A C   
216 O O   . THR A 31  ? 1.49823 1.43478 1.67064 0.25200  0.15048  0.02943  31  THR A O   
217 C CB  . THR A 31  ? 1.58849 1.60942 1.72673 0.26216  0.13474  0.01050  31  THR A CB  
218 O OG1 . THR A 31  ? 1.63026 1.66896 1.76274 0.25009  0.14967  0.02275  31  THR A OG1 
219 C CG2 . THR A 31  ? 1.58634 1.63264 1.71288 0.27170  0.11667  -0.00257 31  THR A CG2 
220 N N   . ASN A 32  ? 1.59410 1.50576 1.69564 0.26077  0.17539  0.07919  32  ASN A N   
221 C CA  . ASN A 32  ? 1.60234 1.49197 1.72940 0.23923  0.19827  0.09643  32  ASN A CA  
222 C C   . ASN A 32  ? 1.59023 1.52725 1.78416 0.21247  0.20058  0.07519  32  ASN A C   
223 O O   . ASN A 32  ? 1.71265 1.63044 1.94482 0.19370  0.20045  0.07194  32  ASN A O   
224 C CB  . ASN A 32  ? 1.77902 1.60049 1.89756 0.24435  0.18695  0.10573  32  ASN A CB  
225 C CG  . ASN A 32  ? 1.91382 1.67039 1.95629 0.26272  0.18925  0.13980  32  ASN A CG  
226 O OD1 . ASN A 32  ? 1.91827 1.67470 1.91567 0.26339  0.21410  0.16194  32  ASN A OD1 
227 N ND2 . ASN A 32  ? 1.93477 1.63080 1.95821 0.27970  0.16196  0.14298  32  ASN A ND2 
228 N N   . GLU A 33  ? 1.56185 1.55336 1.76491 0.21053  0.19731  0.06065  33  GLU A N   
229 C CA  . GLU A 33  ? 1.57228 1.60451 1.82704 0.18694  0.19134  0.04138  33  GLU A CA  
230 C C   . GLU A 33  ? 1.64484 1.72291 1.90449 0.18753  0.19792  0.04615  33  GLU A C   
231 O O   . GLU A 33  ? 1.65287 1.73879 1.87018 0.20677  0.19336  0.04609  33  GLU A O   
232 C CB  . GLU A 33  ? 1.54731 1.58853 1.80271 0.18550  0.16655  0.00631  33  GLU A CB  
233 C CG  . GLU A 33  ? 1.60805 1.67982 1.89388 0.16186  0.15366  -0.01448 33  GLU A CG  
234 C CD  . GLU A 33  ? 1.59954 1.67519 1.86470 0.16064  0.13687  -0.04817 33  GLU A CD  
235 O OE1 . GLU A 33  ? 1.61783 1.68005 1.86427 0.17788  0.13839  -0.05731 33  GLU A OE1 
236 O OE2 . GLU A 33  ? 1.51427 1.60574 1.78176 0.14249  0.12233  -0.06558 33  GLU A OE2 
237 N N   . THR A 34  ? 1.62321 1.72988 1.94036 0.16711  0.20506  0.04919  34  THR A N   
238 C CA  . THR A 34  ? 1.61070 1.76320 1.94927 0.17032  0.20909  0.05184  34  THR A CA  
239 C C   . THR A 34  ? 1.49975 1.67804 1.84424 0.16297  0.17296  0.02547  34  THR A C   
240 O O   . THR A 34  ? 1.52370 1.69726 1.88955 0.14266  0.15214  0.00767  34  THR A O   
241 C CB  . THR A 34  ? 1.65035 1.82849 2.06359 0.15274  0.23385  0.06831  34  THR A CB  
242 O OG1 . THR A 34  ? 1.71200 1.89256 2.18366 0.12314  0.21326  0.05563  34  THR A OG1 
243 C CG2 . THR A 34  ? 1.64144 1.78621 2.03414 0.15632  0.27598  0.09869  34  THR A CG2 
244 N N   . TYR A 35  ? 1.41358 1.60988 1.72979 0.17902  0.16421  0.02320  35  TYR A N   
245 C CA  . TYR A 35  ? 1.20639 1.41747 1.51306 0.17193  0.12939  0.00368  35  TYR A CA  
246 C C   . TYR A 35  ? 1.21754 1.46434 1.56996 0.17547  0.12210  0.00806  35  TYR A C   
247 O O   . TYR A 35  ? 1.36125 1.61784 1.70909 0.19770  0.14108  0.02034  35  TYR A O   
248 C CB  . TYR A 35  ? 1.02892 1.22430 1.26499 0.18549  0.11894  -0.00272 35  TYR A CB  
249 C CG  . TYR A 35  ? 1.01348 1.18220 1.21952 0.18891  0.12735  -0.00686 35  TYR A CG  
250 C CD1 . TYR A 35  ? 0.91652 1.07736 1.11737 0.17394  0.11643  -0.02822 35  TYR A CD1 
251 C CD2 . TYR A 35  ? 1.23630 1.38464 1.41748 0.20948  0.14463  0.00895  35  TYR A CD2 
252 C CE1 . TYR A 35  ? 1.00057 1.14252 1.18827 0.18180  0.12398  -0.03512 35  TYR A CE1 
253 C CE2 . TYR A 35  ? 1.03424 1.15831 1.19749 0.21591  0.14458  0.00474  35  TYR A CE2 
254 C CZ  . TYR A 35  ? 1.01834 1.14366 1.19296 0.20326  0.13494  -0.01799 35  TYR A CZ  
255 O OH  . TYR A 35  ? 1.16438 1.27089 1.33496 0.21418  0.13489  -0.02515 35  TYR A OH  
256 N N   . GLY A 36  ? 1.17633 1.43925 1.57178 0.15581  0.09196  -0.00406 36  GLY A N   
257 C CA  . GLY A 36  ? 1.28309 1.58407 1.74092 0.16062  0.07839  -0.00151 36  GLY A CA  
258 C C   . GLY A 36  ? 1.46121 1.75848 1.87352 0.17855  0.05238  -0.00592 36  GLY A C   
259 O O   . GLY A 36  ? 1.52168 1.84471 1.97087 0.19903  0.05538  -0.00038 36  GLY A O   
260 N N   . LYS A 37  ? 1.49562 1.75936 1.82933 0.17091  0.02843  -0.01631 37  LYS A N   
261 C CA  . LYS A 37  ? 1.30875 1.55852 1.59254 0.18135  -0.00036 -0.01814 37  LYS A CA  
262 C C   . LYS A 37  ? 1.26116 1.47634 1.45694 0.17340  -0.00100 -0.02312 37  LYS A C   
263 O O   . LYS A 37  ? 1.32443 1.52637 1.49786 0.15226  -0.00151 -0.03425 37  LYS A O   
264 C CB  . LYS A 37  ? 1.25129 1.50263 1.55607 0.16882  -0.05056 -0.02633 37  LYS A CB  
265 C CG  . LYS A 37  ? 1.36467 1.59252 1.61846 0.17971  -0.08571 -0.02485 37  LYS A CG  
266 C CD  . LYS A 37  ? 1.38419 1.62861 1.66461 0.21510  -0.06818 -0.01598 37  LYS A CD  
267 C CE  . LYS A 37  ? 1.51961 1.73537 1.76160 0.22754  -0.11178 -0.01565 37  LYS A CE  
268 N NZ  . LYS A 37  ? 1.58797 1.75296 1.72406 0.20931  -0.12696 -0.01449 37  LYS A NZ  
269 N N   . LEU A 38  ? 1.16932 1.37062 1.32028 0.19042  -0.00013 -0.01664 38  LEU A N   
270 C CA  . LEU A 38  ? 1.26021 1.43518 1.34007 0.18096  -0.00386 -0.01980 38  LEU A CA  
271 C C   . LEU A 38  ? 1.31594 1.46782 1.35296 0.18054  -0.03927 -0.01691 38  LEU A C   
272 O O   . LEU A 38  ? 1.37864 1.52511 1.41580 0.20458  -0.04418 -0.00963 38  LEU A O   
273 C CB  . LEU A 38  ? 1.28207 1.45338 1.34770 0.19865  0.02432  -0.01321 38  LEU A CB  
274 C CG  . LEU A 38  ? 1.06906 1.25084 1.16904 0.20182  0.05593  -0.01188 38  LEU A CG  
275 C CD1 . LEU A 38  ? 1.26717 1.43389 1.33917 0.21995  0.07224  -0.00452 38  LEU A CD1 
276 C CD2 . LEU A 38  ? 0.97453 1.15688 1.08024 0.17745  0.05572  -0.02633 38  LEU A CD2 
277 N N   . GLU A 39  ? 1.30836 1.43881 1.30063 0.15351  -0.06376 -0.02280 39  GLU A N   
278 C CA  . GLU A 39  ? 1.43457 1.53383 1.38674 0.14962  -0.10575 -0.01734 39  GLU A CA  
279 C C   . GLU A 39  ? 1.44866 1.51787 1.34130 0.14883  -0.11042 -0.00896 39  GLU A C   
280 O O   . GLU A 39  ? 1.72855 1.76504 1.59135 0.15262  -0.14598 -0.00145 39  GLU A O   
281 C CB  . GLU A 39  ? 1.58334 1.65828 1.49397 0.11846  -0.13328 -0.02428 39  GLU A CB  
282 C CG  . GLU A 39  ? 1.65238 1.69317 1.53874 0.11865  -0.18799 -0.01733 39  GLU A CG  
283 C CD  . GLU A 39  ? 1.85340 1.86093 1.68877 0.08868  -0.22058 -0.02391 39  GLU A CD  
284 O OE1 . GLU A 39  ? 1.94994 1.96228 1.76880 0.06848  -0.19638 -0.03686 39  GLU A OE1 
285 O OE2 . GLU A 39  ? 1.94281 1.91293 1.74938 0.08710  -0.27333 -0.01725 39  GLU A OE2 
286 N N   . ALA A 40  ? 1.09555 1.17246 0.97540 0.14418  -0.08041 -0.01008 40  ALA A N   
287 C CA  . ALA A 40  ? 1.07120 1.12311 0.90738 0.14110  -0.08695 -0.00235 40  ALA A CA  
288 C C   . ALA A 40  ? 1.05983 1.07215 0.82880 0.10810  -0.11356 0.00354  40  ALA A C   
289 O O   . ALA A 40  ? 1.19078 1.16407 0.92849 0.11163  -0.14993 0.01322  40  ALA A O   
290 C CB  . ALA A 40  ? 0.91190 0.95079 0.75820 0.17619  -0.09888 0.00392  40  ALA A CB  
291 N N   . VAL A 41  ? 1.28286 1.30179 1.02712 0.07634  -0.09378 -0.00317 41  VAL A N   
292 C CA  . VAL A 41  ? 1.22850 1.20652 0.89569 0.03904  -0.10902 0.00363  41  VAL A CA  
293 C C   . VAL A 41  ? 1.26815 1.21858 0.90226 0.02748  -0.11922 0.01840  41  VAL A C   
294 O O   . VAL A 41  ? 1.34249 1.24046 0.92680 0.02092  -0.15779 0.03285  41  VAL A O   
295 C CB  . VAL A 41  ? 1.25122 1.24557 0.89816 0.00971  -0.07335 -0.01038 41  VAL A CB  
296 C CG1 . VAL A 41  ? 1.22564 1.17331 0.77938 -0.03222 -0.08029 -0.00145 41  VAL A CG1 
297 C CG2 . VAL A 41  ? 1.44138 1.44924 1.11332 0.01893  -0.07248 -0.02578 41  VAL A CG2 
298 N N   . GLN A 42  ? 1.18396 1.16535 0.84787 0.02411  -0.08987 0.01502  42  GLN A N   
299 C CA  . GLN A 42  ? 1.24060 1.19878 0.88159 0.00655  -0.10027 0.02788  42  GLN A CA  
300 C C   . GLN A 42  ? 1.19217 1.18111 0.89100 0.03145  -0.09081 0.02280  42  GLN A C   
301 O O   . GLN A 42  ? 1.18071 1.20643 0.92933 0.05951  -0.07197 0.01125  42  GLN A O   
302 C CB  . GLN A 42  ? 1.19103 1.14906 0.79429 -0.04341 -0.07559 0.03120  42  GLN A CB  
303 C CG  . GLN A 42  ? 1.42207 1.44399 1.07821 -0.04945 -0.02485 0.01251  42  GLN A CG  
304 C CD  . GLN A 42  ? 1.49913 1.52704 1.12353 -0.09815 0.00853  0.01374  42  GLN A CD  
305 O OE1 . GLN A 42  ? 1.53890 1.51982 1.09811 -0.13213 -0.00623 0.03297  42  GLN A OE1 
306 N NE2 . GLN A 42  ? 1.40412 1.48759 1.07425 -0.10171 0.05597  -0.00684 42  GLN A NE2 
307 N N   . TYR A 43  ? 1.17892 1.14516 0.86570 0.01882  -0.10785 0.03268  43  TYR A N   
308 C CA  . TYR A 43  ? 1.13155 1.11325 0.86058 0.04165  -0.11089 0.02831  43  TYR A CA  
309 C C   . TYR A 43  ? 1.26826 1.23770 0.99425 0.00847  -0.12306 0.03708  43  TYR A C   
310 O O   . TYR A 43  ? 1.33281 1.26191 1.01066 -0.02542 -0.13870 0.05130  43  TYR A O   
311 C CB  . TYR A 43  ? 1.23689 1.18387 0.95396 0.08640  -0.13856 0.02870  43  TYR A CB  
312 C CG  . TYR A 43  ? 1.36702 1.24702 1.03206 0.08325  -0.18154 0.03993  43  TYR A CG  
313 C CD1 . TYR A 43  ? 1.48212 1.33035 1.13898 0.09606  -0.20664 0.03986  43  TYR A CD1 
314 C CD2 . TYR A 43  ? 1.56292 1.40266 1.18203 0.06823  -0.20257 0.04999  43  TYR A CD2 
315 C CE1 . TYR A 43  ? 1.63370 1.41188 1.24078 0.09432  -0.24879 0.04794  43  TYR A CE1 
316 C CE2 . TYR A 43  ? 1.74390 1.51360 1.31461 0.06724  -0.24607 0.06048  43  TYR A CE2 
317 C CZ  . TYR A 43  ? 1.87439 1.61358 1.44066 0.08041  -0.26766 0.05865  43  TYR A CZ  
318 O OH  . TYR A 43  ? 1.92995 1.59092 1.44573 0.08041  -0.31373 0.06703  43  TYR A OH  
319 N N   . LYS A 44  ? 1.03439 1.03595 0.81366 0.01726  -0.11896 0.02970  44  LYS A N   
320 C CA  . LYS A 44  ? 1.15314 1.14728 0.94897 -0.00824 -0.13884 0.03590  44  LYS A CA  
321 C C   . LYS A 44  ? 1.19124 1.16365 0.99636 0.02999  -0.17170 0.03058  44  LYS A C   
322 O O   . LYS A 44  ? 1.23987 1.22461 1.05608 0.07067  -0.16327 0.02111  44  LYS A O   
323 C CB  . LYS A 44  ? 1.12040 1.18377 0.98599 -0.04075 -0.10305 0.02935  44  LYS A CB  
324 C CG  . LYS A 44  ? 0.99743 1.07642 0.84303 -0.08651 -0.06606 0.03426  44  LYS A CG  
325 C CD  . LYS A 44  ? 1.01901 1.17714 0.94875 -0.10860 -0.02272 0.02146  44  LYS A CD  
326 C CE  . LYS A 44  ? 1.07207 1.24405 0.97508 -0.15880 0.02207  0.02556  44  LYS A CE  
327 N NZ  . LYS A 44  ? 1.00931 1.26440 1.00819 -0.17979 0.06736  0.01111  44  LYS A NZ  
328 N N   . THR A 45  ? 1.17577 1.10934 0.97002 0.01448  -0.21004 0.03724  45  THR A N   
329 C CA  . THR A 45  ? 1.31362 1.21029 1.09790 0.04841  -0.24859 0.03092  45  THR A CA  
330 C C   . THR A 45  ? 1.07862 1.00338 0.92635 0.02604  -0.26669 0.02832  45  THR A C   
331 O O   . THR A 45  ? 1.10750 1.06432 0.99909 -0.02272 -0.25748 0.03523  45  THR A O   
332 C CB  . THR A 45  ? 1.51292 1.32042 1.22027 0.05930  -0.29220 0.03635  45  THR A CB  
333 O OG1 . THR A 45  ? 1.43933 1.21648 1.14902 0.01812  -0.32675 0.04523  45  THR A OG1 
334 C CG2 . THR A 45  ? 1.44569 1.22992 1.10734 0.06017  -0.28108 0.04368  45  THR A CG2 
335 N N   . GLN A 46  ? 1.05718 0.96763 0.90884 0.06130  -0.29351 0.01876  46  GLN A N   
336 C CA  . GLN A 46  ? 1.30416 1.23710 1.22065 0.04759  -0.32340 0.01429  46  GLN A CA  
337 C C   . GLN A 46  ? 1.51423 1.36644 1.36869 0.07912  -0.38158 0.00921  46  GLN A C   
338 O O   . GLN A 46  ? 1.42189 1.24695 1.22985 0.12674  -0.38218 0.00220  46  GLN A O   
339 C CB  . GLN A 46  ? 1.19983 1.20950 1.19730 0.06126  -0.29477 0.00445  46  GLN A CB  
340 C CG  . GLN A 46  ? 1.15986 1.20307 1.24356 0.05088  -0.32885 -0.00190 46  GLN A CG  
341 C CD  . GLN A 46  ? 1.24495 1.34950 1.40003 0.07672  -0.30824 -0.01300 46  GLN A CD  
342 O OE1 . GLN A 46  ? 1.20431 1.29741 1.31795 0.11321  -0.28505 -0.01508 46  GLN A OE1 
343 N NE2 . GLN A 46  ? 1.11919 1.28917 1.38852 0.05752  -0.31737 -0.02015 46  GLN A NE2 
344 N N   . VAL A 47  ? 1.57523 1.38314 1.42217 0.05127  -0.42935 0.01273  47  VAL A N   
345 C CA  . VAL A 47  ? 1.62557 1.34666 1.40583 0.07896  -0.49057 0.00445  47  VAL A CA  
346 C C   . VAL A 47  ? 1.45234 1.19938 1.29040 0.08805  -0.52278 -0.00431 47  VAL A C   
347 O O   . VAL A 47  ? 1.42801 1.24531 1.37537 0.05097  -0.52506 -0.00242 47  VAL A O   
348 C CB  . VAL A 47  ? 1.85284 1.50595 1.60077 0.04462  -0.53652 0.01049  47  VAL A CB  
349 C CG1 . VAL A 47  ? 1.36618 0.96862 1.03546 0.05167  -0.51852 0.01699  47  VAL A CG1 
350 C CG2 . VAL A 47  ? 1.92456 1.63913 1.77565 -0.02158 -0.53609 0.02193  47  VAL A CG2 
351 N N   . LEU A 48  ? 1.49094 1.18089 1.25613 0.13817  -0.54702 -0.01394 48  LEU A N   
352 C CA  . LEU A 48  ? 1.59028 1.28397 1.38821 0.15365  -0.58915 -0.02139 48  LEU A CA  
353 C C   . LEU A 48  ? 1.92221 1.52085 1.65740 0.15831  -0.67043 -0.02990 48  LEU A C   
354 O O   . LEU A 48  ? 1.87271 1.48826 1.68083 0.13743  -0.72314 -0.03320 48  LEU A O   
355 C CB  . LEU A 48  ? 1.61681 1.30598 1.36804 0.20449  -0.56075 -0.02361 48  LEU A CB  
356 C CG  . LEU A 48  ? 1.55815 1.33271 1.36838 0.20415  -0.48686 -0.01780 48  LEU A CG  
357 C CD1 . LEU A 48  ? 1.35006 1.10561 1.10977 0.25121  -0.46768 -0.01769 48  LEU A CD1 
358 C CD2 . LEU A 48  ? 1.49375 1.36957 1.44733 0.16656  -0.47517 -0.01791 48  LEU A CD2 
359 N N   . ASP A 49  ? 2.19477 1.69281 1.79899 0.18688  -0.68340 -0.03587 49  ASP A N   
360 C CA  . ASP A 49  ? 2.43253 1.82511 1.95989 0.19190  -0.76084 -0.04755 49  ASP A CA  
361 C C   . ASP A 49  ? 2.39126 1.72067 1.85916 0.17865  -0.76529 -0.04819 49  ASP A C   
362 O O   . ASP A 49  ? 2.34761 1.72345 1.84879 0.15876  -0.71427 -0.03665 49  ASP A O   
363 C CB  . ASP A 49  ? 2.52858 1.83572 1.93139 0.24969  -0.78018 -0.06012 49  ASP A CB  
364 C CG  . ASP A 49  ? 2.56782 1.91510 2.02250 0.25970  -0.79342 -0.05860 49  ASP A CG  
365 O OD1 . ASP A 49  ? 2.57550 1.98087 2.14792 0.22622  -0.83668 -0.05569 49  ASP A OD1 
366 O OD2 . ASP A 49  ? 2.58929 1.91093 1.97292 0.29944  -0.75994 -0.06014 49  ASP A OD2 
367 N N   . THR A 50  ? 2.47197 1.68793 1.84654 0.19081  -0.82993 -0.06237 50  THR A N   
368 C CA  . THR A 50  ? 2.43280 1.57823 1.76140 0.17427  -0.84672 -0.06440 50  THR A CA  
369 C C   . THR A 50  ? 2.64128 1.71219 1.85101 0.22891  -0.80683 -0.07979 50  THR A C   
370 O O   . THR A 50  ? 2.89485 1.89950 2.02307 0.26965  -0.80642 -0.09956 50  THR A O   
371 C CB  . THR A 50  ? 2.41026 1.48369 1.74267 0.14425  -0.91868 -0.07304 50  THR A CB  
372 O OG1 . THR A 50  ? 2.51621 1.50694 1.76343 0.18667  -0.93380 -0.09504 50  THR A OG1 
373 C CG2 . THR A 50  ? 2.28307 1.44329 1.75498 0.08807  -0.95768 -0.05969 50  THR A CG2 
374 N N   . TYR A 51  ? 2.59443 1.67605 1.79644 0.22908  -0.77566 -0.07105 51  TYR A N   
375 C CA  . TYR A 51  ? 2.73404 1.74553 1.84333 0.27574  -0.74884 -0.08712 51  TYR A CA  
376 C C   . TYR A 51  ? 2.75115 1.73984 1.87198 0.24639  -0.76476 -0.07576 51  TYR A C   
377 O O   . TYR A 51  ? 2.84447 1.91204 2.03532 0.21683  -0.73007 -0.05396 51  TYR A O   
378 C CB  . TYR A 51  ? 2.58629 1.65206 1.68018 0.32095  -0.67958 -0.08630 51  TYR A CB  
379 C CG  . TYR A 51  ? 2.62250 1.61208 1.60968 0.38236  -0.65718 -0.11167 51  TYR A CG  
380 C CD1 . TYR A 51  ? 2.54923 1.55572 1.49616 0.42305  -0.61353 -0.11655 51  TYR A CD1 
381 C CD2 . TYR A 51  ? 2.69416 1.58972 1.61568 0.40122  -0.68095 -0.13046 51  TYR A CD2 
382 C CE1 . TYR A 51  ? 2.68174 1.61731 1.52211 0.48034  -0.59053 -0.13871 51  TYR A CE1 
383 C CE2 . TYR A 51  ? 2.74642 1.57138 1.56554 0.46362  -0.66115 -0.15645 51  TYR A CE2 
384 C CZ  . TYR A 51  ? 2.66198 1.50924 1.43889 0.50286  -0.61388 -0.16002 51  TYR A CZ  
385 O OH  . TYR A 51  ? 2.82828 1.60454 1.49371 0.56666  -0.58951 -0.18435 51  TYR A OH  
386 N N   . ARG A 52  ? 2.63749 1.51724 1.69671 0.25110  -0.80621 -0.09153 52  ARG A N   
387 C CA  . ARG A 52  ? 2.65808 1.50032 1.73612 0.20378  -0.84576 -0.07593 52  ARG A CA  
388 C C   . ARG A 52  ? 2.82846 1.69734 1.91213 0.20857  -0.81024 -0.06076 52  ARG A C   
389 O O   . ARG A 52  ? 2.88417 1.81445 2.03779 0.15542  -0.79610 -0.03296 52  ARG A O   
390 C CB  . ARG A 52  ? 2.87398 1.58019 1.87854 0.21351  -0.90143 -0.09771 52  ARG A CB  
391 C CG  . ARG A 52  ? 3.03665 1.68876 2.05692 0.15806  -0.95148 -0.07851 52  ARG A CG  
392 C CD  . ARG A 52  ? 3.09748 1.68276 2.12520 0.11901  -1.02049 -0.07996 52  ARG A CD  
393 N NE  . ARG A 52  ? 2.93513 1.61696 2.06451 0.06202  -1.03119 -0.05984 52  ARG A NE  
394 C CZ  . ARG A 52  ? 3.07208 1.72915 2.24693 0.01210  -1.08906 -0.05294 52  ARG A CZ  
395 N NH1 . ARG A 52  ? 3.24075 1.77265 2.35907 0.01239  -1.14213 -0.06061 52  ARG A NH1 
396 N NH2 . ARG A 52  ? 2.99770 1.75759 2.28253 -0.03709 -1.09465 -0.03842 52  ARG A NH2 
397 N N   . TYR A 53  ? 2.78466 1.61480 1.81008 0.26800  -0.78303 -0.08065 53  TYR A N   
398 C CA  . TYR A 53  ? 2.45829 1.30251 1.49624 0.27148  -0.76151 -0.06690 53  TYR A CA  
399 C C   . TYR A 53  ? 2.33295 1.30146 1.43829 0.27235  -0.69330 -0.05138 53  TYR A C   
400 O O   . TYR A 53  ? 2.48045 1.51502 1.65197 0.21942  -0.67693 -0.02524 53  TYR A O   
401 C CB  . TYR A 53  ? 2.68771 1.44911 1.65547 0.33476  -0.76240 -0.09679 53  TYR A CB  
402 N N   . ILE A 54  ? 2.32004 1.32004 1.40986 0.32910  -0.64756 -0.06844 54  ILE A N   
403 C CA  . ILE A 54  ? 2.16131 1.27489 1.31353 0.32875  -0.58539 -0.05905 54  ILE A CA  
404 C C   . ILE A 54  ? 2.13782 1.24722 1.24407 0.39430  -0.54803 -0.08118 54  ILE A C   
405 O O   . ILE A 54  ? 2.12394 1.19851 1.19645 0.44042  -0.53512 -0.09669 54  ILE A O   
406 C CB  . ILE A 54  ? 2.06648 1.25217 1.28348 0.30633  -0.54961 -0.03893 54  ILE A CB  
407 N N   . LEU A 55  ? 2.13935 1.28287 1.24481 0.39985  -0.52878 -0.08249 55  LEU A N   
408 C CA  . LEU A 55  ? 2.32701 1.48540 1.39943 0.45294  -0.47603 -0.09492 55  LEU A CA  
409 C C   . LEU A 55  ? 2.34302 1.59012 1.46773 0.44150  -0.43208 -0.08039 55  LEU A C   
410 O O   . LEU A 55  ? 2.39830 1.70029 1.54870 0.46334  -0.37400 -0.07777 55  LEU A O   
411 C CB  . LEU A 55  ? 2.63789 1.69173 1.59408 0.49688  -0.50118 -0.12091 55  LEU A CB  
412 N N   . ALA A 56  ? 2.26997 1.53159 1.41803 0.40750  -0.46127 -0.07137 56  ALA A N   
413 C CA  . ALA A 56  ? 2.29205 1.61259 1.47043 0.40680  -0.43136 -0.06226 56  ALA A CA  
414 C C   . ALA A 56  ? 2.18346 1.52942 1.41877 0.36178  -0.47410 -0.05300 56  ALA A C   
415 O O   . ALA A 56  ? 1.86276 1.19935 1.12933 0.32395  -0.51355 -0.04972 56  ALA A O   
416 C CB  . ALA A 56  ? 2.47276 1.73448 1.55148 0.45659  -0.41824 -0.07490 56  ALA A CB  
417 N N   . SER A 57  ? 2.20998 1.58857 1.46363 0.36568  -0.46556 -0.04808 57  SER A N   
418 C CA  . SER A 57  ? 2.17902 1.59737 1.50634 0.33011  -0.50055 -0.04125 57  SER A CA  
419 C C   . SER A 57  ? 1.89289 1.40627 1.33794 0.28211  -0.47667 -0.02836 57  SER A C   
420 O O   . SER A 57  ? 1.93084 1.45317 1.42548 0.24058  -0.51130 -0.02527 57  SER A O   
421 C CB  . SER A 57  ? 2.28273 1.62435 1.57127 0.31921  -0.57838 -0.05124 57  SER A CB  
422 O OG  . SER A 57  ? 2.27009 1.66746 1.66005 0.27770  -0.61050 -0.04431 57  SER A OG  
423 N N   . THR A 58  ? 1.76356 1.34522 1.25094 0.28532  -0.41658 -0.02089 58  THR A N   
424 C CA  . THR A 58  ? 1.75530 1.41731 1.33414 0.24304  -0.38878 -0.01114 58  THR A CA  
425 C C   . THR A 58  ? 1.47439 1.20961 1.10529 0.25027  -0.33527 -0.00696 58  THR A C   
426 O O   . THR A 58  ? 1.34440 1.06619 0.93499 0.28699  -0.30955 -0.00806 58  THR A O   
427 C CB  . THR A 58  ? 1.70443 1.34664 1.25911 0.23202  -0.37992 -0.00769 58  THR A CB  
428 O OG1 . THR A 58  ? 1.93915 1.65476 1.56172 0.19795  -0.34247 0.00219  58  THR A OG1 
429 C CG2 . THR A 58  ? 1.58469 1.18637 1.06949 0.28008  -0.35758 -0.01449 58  THR A CG2 
430 N N   . ASN A 59  ? 1.24476 1.05443 0.96425 0.21360  -0.31702 -0.00268 59  ASN A N   
431 C CA  . ASN A 59  ? 1.28871 1.16571 1.06068 0.21482  -0.26673 -0.00128 59  ASN A CA  
432 C C   . ASN A 59  ? 1.20441 1.11172 0.98989 0.18916  -0.23355 0.00324  59  ASN A C   
433 O O   . ASN A 59  ? 1.23794 1.14693 1.03483 0.15225  -0.24541 0.00756  59  ASN A O   
434 C CB  . ASN A 59  ? 1.03924 0.97724 0.90120 0.19826  -0.26800 -0.00470 59  ASN A CB  
435 C CG  . ASN A 59  ? 1.27229 1.19018 1.12445 0.23383  -0.28675 -0.00739 59  ASN A CG  
436 O OD1 . ASN A 59  ? 1.51752 1.38814 1.29663 0.26895  -0.27893 -0.00470 59  ASN A OD1 
437 N ND2 . ASN A 59  ? 1.27462 1.22784 1.20194 0.22457  -0.31117 -0.01206 59  ASN A ND2 
438 N N   . TYR A 60  ? 1.19743 1.12265 0.97740 0.20678  -0.19503 0.00358  60  TYR A N   
439 C CA  . TYR A 60  ? 1.16760 1.12209 0.96120 0.18433  -0.16704 0.00655  60  TYR A CA  
440 C C   . TYR A 60  ? 1.20792 1.22822 1.06479 0.17142  -0.12996 0.00194  60  TYR A C   
441 O O   . TYR A 60  ? 1.04328 1.07851 0.92086 0.19529  -0.11624 -0.00186 60  TYR A O   
442 C CB  . TYR A 60  ? 1.25550 1.18340 1.00667 0.21181  -0.15582 0.00787  60  TYR A CB  
443 C CG  . TYR A 60  ? 1.40887 1.27117 1.09987 0.22521  -0.18949 0.00867  60  TYR A CG  
444 C CD1 . TYR A 60  ? 1.50725 1.34714 1.18032 0.20129  -0.20788 0.01413  60  TYR A CD1 
445 C CD2 . TYR A 60  ? 1.37913 1.19301 1.02264 0.26272  -0.20407 0.00334  60  TYR A CD2 
446 C CE1 . TYR A 60  ? 1.49063 1.26312 1.10981 0.21650  -0.24250 0.01318  60  TYR A CE1 
447 C CE2 . TYR A 60  ? 1.43809 1.18647 1.02371 0.27884  -0.23430 -0.00057 60  TYR A CE2 
448 C CZ  . TYR A 60  ? 1.43352 1.16218 1.01206 0.25668  -0.25471 0.00380  60  TYR A CZ  
449 O OH  . TYR A 60  ? 1.74762 1.40380 1.26938 0.27582  -0.28841 -0.00170 60  TYR A OH  
450 N N   . TYR A 61  ? 1.03185 1.08371 0.91200 0.13347  -0.11425 0.00208  61  TYR A N   
451 C CA  . TYR A 61  ? 0.93269 1.03960 0.85985 0.12064  -0.07501 -0.00631 61  TYR A CA  
452 C C   . TYR A 61  ? 0.93874 1.03628 0.82916 0.10875  -0.06032 -0.00344 61  TYR A C   
453 O O   . TYR A 61  ? 1.17534 1.25994 1.03771 0.07626  -0.06538 0.00287  61  TYR A O   
454 C CB  . TYR A 61  ? 0.85888 1.01088 0.84168 0.08639  -0.06480 -0.01181 61  TYR A CB  
455 C CG  . TYR A 61  ? 0.98517 1.15749 1.02570 0.10116  -0.08236 -0.01770 61  TYR A CG  
456 C CD1 . TYR A 61  ? 1.01218 1.22511 1.11142 0.12001  -0.06270 -0.03009 61  TYR A CD1 
457 C CD2 . TYR A 61  ? 1.05301 1.19713 1.08845 0.09735  -0.12519 -0.01153 61  TYR A CD2 
458 C CE1 . TYR A 61  ? 0.96308 1.19008 1.11685 0.13615  -0.08720 -0.03495 61  TYR A CE1 
459 C CE2 . TYR A 61  ? 0.94104 1.09978 1.02963 0.11115  -0.15079 -0.01730 61  TYR A CE2 
460 C CZ  . TYR A 61  ? 0.95703 1.15808 1.10562 0.13138  -0.13269 -0.02836 61  TYR A CZ  
461 O OH  . TYR A 61  ? 1.24889 1.46016 1.45186 0.14760  -0.16607 -0.03355 61  TYR A OH  
462 N N   . ILE A 62  ? 1.00955 1.10916 0.89900 0.13330  -0.04569 -0.00650 62  ILE A N   
463 C CA  . ILE A 62  ? 1.01721 1.10463 0.87829 0.12858  -0.04250 -0.00427 62  ILE A CA  
464 C C   . ILE A 62  ? 0.93184 1.05446 0.81916 0.11601  -0.01122 -0.01580 62  ILE A C   
465 O O   . ILE A 62  ? 0.88538 1.03111 0.81194 0.13368  0.00760  -0.02374 62  ILE A O   
466 C CB  . ILE A 62  ? 0.93106 0.99523 0.77992 0.16508  -0.05141 0.00003  62  ILE A CB  
467 C CG1 . ILE A 62  ? 1.18848 1.21128 1.00432 0.18335  -0.07980 0.00605  62  ILE A CG1 
468 C CG2 . ILE A 62  ? 0.99927 1.05417 0.83300 0.16016  -0.05770 0.00192  62  ILE A CG2 
469 C CD1 . ILE A 62  ? 0.97410 0.97832 0.77956 0.22506  -0.07644 0.00665  62  ILE A CD1 
470 N N   . LYS A 63  ? 0.89915 1.01657 0.75604 0.08544  -0.00801 -0.01683 63  LYS A N   
471 C CA  . LYS A 63  ? 0.87072 1.00602 0.73279 0.07442  0.01599  -0.03017 63  LYS A CA  
472 C C   . LYS A 63  ? 0.98084 1.09814 0.83347 0.08972  0.00029  -0.02737 63  LYS A C   
473 O O   . LYS A 63  ? 0.99972 1.08543 0.81234 0.08310  -0.02719 -0.01775 63  LYS A O   
474 C CB  . LYS A 63  ? 0.88627 1.01649 0.70571 0.03335  0.02779  -0.03324 63  LYS A CB  
475 C CG  . LYS A 63  ? 0.96080 1.08523 0.75306 0.02151  0.04033  -0.04646 63  LYS A CG  
476 C CD  . LYS A 63  ? 0.98930 1.09632 0.71619 -0.02029 0.05441  -0.04803 63  LYS A CD  
477 C CE  . LYS A 63  ? 1.00398 1.15547 0.76612 -0.03365 0.10138  -0.06466 63  LYS A CE  
478 N NZ  . LYS A 63  ? 1.33203 1.46818 1.02700 -0.07751 0.12512  -0.06439 63  LYS A NZ  
479 N N   . VAL A 64  ? 1.05520 1.19166 0.95053 0.10983  0.01516  -0.03497 64  VAL A N   
480 C CA  . VAL A 64  ? 1.11209 1.24283 1.02021 0.12224  0.00408  -0.03302 64  VAL A CA  
481 C C   . VAL A 64  ? 1.00353 1.13887 0.91250 0.10409  0.01328  -0.04835 64  VAL A C   
482 O O   . VAL A 64  ? 0.91548 1.06560 0.83762 0.09819  0.03907  -0.06261 64  VAL A O   
483 C CB  . VAL A 64  ? 1.11540 1.25783 1.06840 0.15487  0.01481  -0.02715 64  VAL A CB  
484 C CG1 . VAL A 64  ? 1.00705 1.13246 0.94213 0.17506  0.00128  -0.01486 64  VAL A CG1 
485 C CG2 . VAL A 64  ? 0.94549 1.10494 0.92908 0.16053  0.04133  -0.03485 64  VAL A CG2 
486 N N   . ARG A 65  ? 0.95297 1.07193 0.84768 0.09673  -0.01175 -0.04750 65  ARG A N   
487 C CA  . ARG A 65  ? 0.91063 1.02525 0.80415 0.08161  -0.01236 -0.06304 65  ARG A CA  
488 C C   . ARG A 65  ? 1.00758 1.14209 0.97244 0.10028  -0.00969 -0.06266 65  ARG A C   
489 O O   . ARG A 65  ? 0.81581 0.95629 0.81261 0.11387  -0.02884 -0.05129 65  ARG A O   
490 C CB  . ARG A 65  ? 0.89207 0.97099 0.72651 0.06030  -0.04933 -0.06219 65  ARG A CB  
491 C CG  . ARG A 65  ? 0.96324 1.02777 0.78710 0.04458  -0.05903 -0.08006 65  ARG A CG  
492 C CD  . ARG A 65  ? 1.10852 1.12435 0.84940 0.02047  -0.09851 -0.07943 65  ARG A CD  
493 N NE  . ARG A 65  ? 1.18526 1.17743 0.90015 0.00389  -0.10991 -0.10017 65  ARG A NE  
494 C CZ  . ARG A 65  ? 1.33052 1.31810 1.08418 0.00677  -0.14946 -0.10338 65  ARG A CZ  
495 N NH1 . ARG A 65  ? 1.29451 1.30765 1.12244 0.02721  -0.17500 -0.08726 65  ARG A NH1 
496 N NH2 . ARG A 65  ? 1.13454 1.09236 0.85624 -0.01050 -0.16348 -0.12467 65  ARG A NH2 
497 N N   . ALA A 66  ? 0.98090 1.12555 0.97497 0.10123  0.01595  -0.07485 66  ALA A N   
498 C CA  . ALA A 66  ? 1.11479 1.27259 1.17445 0.11261  0.02185  -0.07194 66  ALA A CA  
499 C C   . ALA A 66  ? 1.19558 1.34225 1.26645 0.09419  -0.00096 -0.08438 66  ALA A C   
500 O O   . ALA A 66  ? 1.19146 1.35252 1.32416 0.09811  -0.00923 -0.07730 66  ALA A O   
501 C CB  . ALA A 66  ? 1.18977 1.35247 1.27462 0.12343  0.05405  -0.07626 66  ALA A CB  
502 N N   . GLY A 67  ? 1.26960 1.38975 1.28111 0.07290  -0.01103 -0.10315 67  GLY A N   
503 C CA  . GLY A 67  ? 1.11722 1.21512 1.12422 0.05436  -0.04108 -0.11747 67  GLY A CA  
504 C C   . GLY A 67  ? 1.15288 1.21107 1.06507 0.03206  -0.04680 -0.13830 67  GLY A C   
505 O O   . GLY A 67  ? 1.26481 1.31842 1.11953 0.02808  -0.02896 -0.13706 67  GLY A O   
506 N N   . ASP A 68  ? 1.01745 1.04428 0.91169 0.01560  -0.07069 -0.15793 68  ASP A N   
507 C CA  . ASP A 68  ? 1.10827 1.08577 0.89534 -0.00661 -0.07711 -0.18016 68  ASP A CA  
508 C C   . ASP A 68  ? 1.11300 1.09406 0.86971 -0.00385 -0.02210 -0.19873 68  ASP A C   
509 O O   . ASP A 68  ? 1.35653 1.34227 1.15502 0.00573  0.00070  -0.21652 68  ASP A O   
510 C CB  . ASP A 68  ? 1.34219 1.27907 1.11675 -0.02234 -0.11604 -0.20136 68  ASP A CB  
511 C CG  . ASP A 68  ? 1.33186 1.26654 1.13918 -0.02717 -0.17796 -0.18577 68  ASP A CG  
512 O OD1 . ASP A 68  ? 1.34846 1.31128 1.18432 -0.01554 -0.18741 -0.15994 68  ASP A OD1 
513 O OD2 . ASP A 68  ? 1.41593 1.31969 1.22469 -0.04135 -0.22005 -0.20126 68  ASP A OD2 
514 N N   . ASN A 69  ? 1.28904 1.26794 0.97950 -0.01250 -0.00148 -0.19450 69  ASN A N   
515 C CA  . ASN A 69  ? 1.28154 1.27701 0.95852 -0.01011 0.05358  -0.21130 69  ASN A CA  
516 C C   . ASN A 69  ? 1.23099 1.27678 1.00990 0.01806  0.08051  -0.20446 69  ASN A C   
517 O O   . ASN A 69  ? 1.20027 1.26105 1.00024 0.02806  0.11867  -0.22488 69  ASN A O   
518 C CB  . ASN A 69  ? 1.29056 1.24818 0.90970 -0.02016 0.07154  -0.25030 69  ASN A CB  
519 C CG  . ASN A 69  ? 1.45967 1.36049 0.94754 -0.05017 0.05806  -0.25839 69  ASN A CG  
520 O OD1 . ASN A 69  ? 1.56510 1.46298 0.99934 -0.06555 0.05970  -0.23807 69  ASN A OD1 
521 N ND2 . ASN A 69  ? 1.42733 1.27380 0.85452 -0.06008 0.04187  -0.28747 69  ASN A ND2 
522 N N   . LYS A 70  ? 1.02838 1.09687 0.86818 0.03279  0.06007  -0.17673 70  LYS A N   
523 C CA  . LYS A 70  ? 1.04779 1.15211 0.96635 0.05895  0.07998  -0.16544 70  LYS A CA  
524 C C   . LYS A 70  ? 1.05923 1.18472 0.98264 0.06598  0.07383  -0.13758 70  LYS A C   
525 O O   . LYS A 70  ? 0.94337 1.06710 0.87718 0.06982  0.04640  -0.11791 70  LYS A O   
526 C CB  . LYS A 70  ? 1.20900 1.31164 1.19185 0.07093  0.06742  -0.16022 70  LYS A CB  
527 C CG  . LYS A 70  ? 1.24851 1.33524 1.25328 0.07575  0.08458  -0.18541 70  LYS A CG  
528 C CD  . LYS A 70  ? 1.31275 1.36073 1.28942 0.05622  0.06086  -0.20633 70  LYS A CD  
529 C CE  . LYS A 70  ? 1.30944 1.35791 1.34423 0.05303  0.03083  -0.18850 70  LYS A CE  
530 N NZ  . LYS A 70  ? 1.21761 1.26987 1.32367 0.06760  0.04724  -0.18136 70  LYS A NZ  
531 N N   . TYR A 71  ? 1.07929 1.22489 1.00089 0.06841  0.09844  -0.13845 71  TYR A N   
532 C CA  . TYR A 71  ? 1.07244 1.23270 0.99689 0.07387  0.09219  -0.11587 71  TYR A CA  
533 C C   . TYR A 71  ? 0.97279 1.15980 0.95613 0.09832  0.10893  -0.11324 71  TYR A C   
534 O O   . TYR A 71  ? 0.99319 1.19209 1.00815 0.10612  0.13135  -0.13194 71  TYR A O   
535 C CB  . TYR A 71  ? 1.16798 1.32368 1.03412 0.04731  0.09930  -0.11637 71  TYR A CB  
536 C CG  . TYR A 71  ? 1.08240 1.19836 0.87071 0.02200  0.07534  -0.11302 71  TYR A CG  
537 C CD1 . TYR A 71  ? 1.10750 1.20271 0.86681 0.01816  0.04112  -0.08926 71  TYR A CD1 
538 C CD2 . TYR A 71  ? 1.15888 1.24989 0.89594 0.00357  0.08296  -0.13474 71  TYR A CD2 
539 C CE1 . TYR A 71  ? 1.29561 1.34669 0.98120 -0.00319 0.01117  -0.08447 71  TYR A CE1 
540 C CE2 . TYR A 71  ? 1.40219 1.44626 1.05580 -0.01974 0.05363  -0.13045 71  TYR A CE2 
541 C CZ  . TYR A 71  ? 1.29165 1.31623 0.92199 -0.02297 0.01591  -0.10388 71  TYR A CZ  
542 O OH  . TYR A 71  ? 1.41135 1.38205 0.95712 -0.04416 -0.02104 -0.09791 71  TYR A OH  
543 N N   . MET A 72  ? 1.01699 1.20741 1.01031 0.11210  0.09425  -0.09135 72  MET A N   
544 C CA  . MET A 72  ? 0.96085 1.16631 0.99433 0.13444  0.09973  -0.08585 72  MET A CA  
545 C C   . MET A 72  ? 0.87012 1.07768 0.88526 0.13005  0.08549  -0.07223 72  MET A C   
546 O O   . MET A 72  ? 0.89588 1.08570 0.86932 0.11779  0.06771  -0.06102 72  MET A O   
547 C CB  . MET A 72  ? 1.06434 1.25721 1.12212 0.16077  0.09384  -0.07194 72  MET A CB  
548 C CG  . MET A 72  ? 1.21934 1.40282 1.29476 0.15963  0.10083  -0.07897 72  MET A CG  
549 S SD  . MET A 72  ? 1.16508 1.33428 1.26544 0.18281  0.10105  -0.05625 72  MET A SD  
550 C CE  . MET A 72  ? 1.12560 1.28681 1.24282 0.20652  0.10802  -0.05394 72  MET A CE  
551 N N   . HIS A 73  ? 0.82581 1.05100 0.87503 0.14058  0.08800  -0.07358 73  HIS A N   
552 C CA  . HIS A 73  ? 0.86308 1.08704 0.90330 0.13694  0.06887  -0.06143 73  HIS A CA  
553 C C   . HIS A 73  ? 0.83424 1.04002 0.88280 0.16899  0.04936  -0.04885 73  HIS A C   
554 O O   . HIS A 73  ? 0.81121 1.02518 0.89816 0.18792  0.05262  -0.05389 73  HIS A O   
555 C CB  . HIS A 73  ? 0.78471 1.04542 0.86127 0.11834  0.08309  -0.07379 73  HIS A CB  
556 C CG  . HIS A 73  ? 0.74959 1.01740 0.79336 0.08090  0.10272  -0.08027 73  HIS A CG  
557 N ND1 . HIS A 73  ? 0.79053 1.09446 0.86256 0.05642  0.12528  -0.08996 73  HIS A ND1 
558 C CD2 . HIS A 73  ? 0.80836 1.04830 0.78962 0.06270  0.10268  -0.07748 73  HIS A CD2 
559 C CE1 . HIS A 73  ? 0.86164 1.15445 0.87770 0.02316  0.14327  -0.09152 73  HIS A CE1 
560 N NE2 . HIS A 73  ? 0.86800 1.11809 0.82460 0.02721  0.12539  -0.08395 73  HIS A NE2 
561 N N   . LEU A 74  ? 1.00001 1.17491 1.00653 0.17662  0.02816  -0.03344 74  LEU A N   
562 C CA  . LEU A 74  ? 0.99787 1.14416 0.98956 0.20704  0.01238  -0.02194 74  LEU A CA  
563 C C   . LEU A 74  ? 0.91490 1.04740 0.89308 0.20588  -0.01705 -0.01790 74  LEU A C   
564 O O   . LEU A 74  ? 0.97274 1.10157 0.93243 0.18364  -0.02930 -0.01617 74  LEU A O   
565 C CB  . LEU A 74  ? 1.11178 1.23174 1.06747 0.22116  0.01283  -0.01146 74  LEU A CB  
566 C CG  . LEU A 74  ? 1.05712 1.18052 1.03051 0.23274  0.03648  -0.00930 74  LEU A CG  
567 C CD1 . LEU A 74  ? 0.80103 0.95121 0.81483 0.21682  0.05433  -0.02246 74  LEU A CD1 
568 C CD2 . LEU A 74  ? 0.80913 0.92752 0.77004 0.23409  0.03703  -0.00412 74  LEU A CD2 
569 N N   . LYS A 75  ? 0.90096 1.01853 0.88439 0.22847  -0.03290 -0.01533 75  LYS A N   
570 C CA  . LYS A 75  ? 0.84033 0.93468 0.80750 0.23146  -0.06990 -0.01201 75  LYS A CA  
571 C C   . LYS A 75  ? 1.02836 1.06462 0.92910 0.26452  -0.08428 -0.00176 75  LYS A C   
572 O O   . LYS A 75  ? 1.09131 1.11001 0.98532 0.28814  -0.08257 0.00229  75  LYS A O   
573 C CB  . LYS A 75  ? 0.86616 0.99002 0.89701 0.23008  -0.08355 -0.02023 75  LYS A CB  
574 C CG  . LYS A 75  ? 1.00415 1.10150 1.02483 0.23318  -0.13080 -0.01731 75  LYS A CG  
575 C CD  . LYS A 75  ? 1.00817 1.13765 1.10593 0.23752  -0.15051 -0.02584 75  LYS A CD  
576 C CE  . LYS A 75  ? 1.01886 1.11283 1.10281 0.24289  -0.20806 -0.02275 75  LYS A CE  
577 N NZ  . LYS A 75  ? 0.89586 1.02041 1.06391 0.25143  -0.23715 -0.03107 75  LYS A NZ  
578 N N   . VAL A 76  ? 1.00579 1.00703 0.85246 0.26675  -0.09723 0.00213  76  VAL A N   
579 C CA  . VAL A 76  ? 1.10807 1.05378 0.88393 0.29913  -0.10124 0.00815  76  VAL A CA  
580 C C   . VAL A 76  ? 1.20616 1.10146 0.93344 0.30513  -0.14653 0.00616  76  VAL A C   
581 O O   . VAL A 76  ? 1.29555 1.19153 1.03001 0.28210  -0.16894 0.00304  76  VAL A O   
582 C CB  . VAL A 76  ? 1.20522 1.15038 0.96362 0.30375  -0.07720 0.00973  76  VAL A CB  
583 C CG1 . VAL A 76  ? 1.28126 1.17051 0.96776 0.33772  -0.07912 0.01151  76  VAL A CG1 
584 C CG2 . VAL A 76  ? 1.03118 1.01721 0.83424 0.30021  -0.03780 0.01184  76  VAL A CG2 
585 N N   . PHE A 77  ? 1.41072 1.25436 1.08105 0.33417  -0.16195 0.00872  77  PHE A N   
586 C CA  . PHE A 77  ? 1.42167 1.20261 1.02978 0.34395  -0.20973 0.00443  77  PHE A CA  
587 C C   . PHE A 77  ? 1.32116 1.04468 0.84344 0.37050  -0.20131 0.00172  77  PHE A C   
588 O O   . PHE A 77  ? 1.43255 1.14193 0.94389 0.36242  -0.21580 -0.00413 77  PHE A O   
589 C CB  . PHE A 77  ? 1.57279 1.31752 1.15447 0.36161  -0.24101 0.00661  77  PHE A CB  
590 C CG  . PHE A 77  ? 1.87941 1.55028 1.38898 0.37211  -0.29762 0.00030  77  PHE A CG  
591 C CD1 . PHE A 77  ? 1.77998 1.46259 1.33803 0.34514  -0.34645 -0.00592 77  PHE A CD1 
592 C CD2 . PHE A 77  ? 1.86482 1.45205 1.25657 0.40734  -0.30083 -0.00033 77  PHE A CD2 
593 C CE1 . PHE A 77  ? 1.48846 1.09773 0.98169 0.35236  -0.40510 -0.01295 77  PHE A CE1 
594 C CE2 . PHE A 77  ? 1.74116 1.25022 1.05558 0.41795  -0.35668 -0.00946 77  PHE A CE2 
595 C CZ  . PHE A 77  ? 1.58640 1.10492 0.95305 0.39004  -0.41285 -0.01592 77  PHE A CZ  
596 N N   . ARG A 93  ? 1.76034 1.40058 1.10012 0.47820  -0.05240 0.00606  93  ARG A N   
597 C CA  . ARG A 93  ? 1.74793 1.46034 1.19157 0.44161  -0.06088 0.01063  93  ARG A CA  
598 C C   . ARG A 93  ? 1.62287 1.36832 1.10605 0.43142  -0.03541 0.02484  93  ARG A C   
599 O O   . ARG A 93  ? 1.40723 1.19145 0.93169 0.42960  0.01005  0.03180  93  ARG A O   
600 C CB  . ARG A 93  ? 1.50551 1.26730 1.01168 0.43302  -0.04149 0.00591  93  ARG A CB  
601 N N   . VAL A 94  ? 1.60573 1.33413 1.08226 0.42488  -0.06908 0.02836  94  VAL A N   
602 C CA  . VAL A 94  ? 1.54897 1.28932 1.04975 0.42164  -0.05496 0.04107  94  VAL A CA  
603 C C   . VAL A 94  ? 1.45990 1.26730 1.06376 0.39183  -0.06606 0.03658  94  VAL A C   
604 O O   . VAL A 94  ? 1.46176 1.27984 1.09258 0.37783  -0.10572 0.02770  94  VAL A O   
605 C CB  . VAL A 94  ? 1.52251 1.18877 0.94003 0.44158  -0.08822 0.04758  94  VAL A CB  
606 C CG1 . VAL A 94  ? 1.52313 1.15245 0.90574 0.44305  -0.14796 0.03456  94  VAL A CG1 
607 C CG2 . VAL A 94  ? 1.33338 1.01574 0.79980 0.43383  -0.09870 0.05690  94  VAL A CG2 
608 N N   . LEU A 95  ? 1.47346 1.32449 1.13493 0.38116  -0.02926 0.04170  95  LEU A N   
609 C CA  . LEU A 95  ? 1.33936 1.24992 1.09028 0.35574  -0.03114 0.03406  95  LEU A CA  
610 C C   . LEU A 95  ? 1.18458 1.08589 0.95368 0.35957  -0.06298 0.03329  95  LEU A C   
611 O O   . LEU A 95  ? 1.29292 1.16737 1.04870 0.37370  -0.05778 0.04367  95  LEU A O   
612 C CB  . LEU A 95  ? 1.30538 1.24962 1.10139 0.34684  0.01144  0.03808  95  LEU A CB  
613 C CG  . LEU A 95  ? 1.28434 1.28168 1.16059 0.32326  0.01441  0.02641  95  LEU A CG  
614 C CD1 . LEU A 95  ? 1.06569 1.10146 0.96802 0.29952  0.01043  0.01418  95  LEU A CD1 
615 C CD2 . LEU A 95  ? 1.33659 1.34504 1.24446 0.31943  0.04756  0.03129  95  LEU A CD2 
616 N N   . THR A 96  ? 1.10513 1.02853 0.91041 0.34615  -0.09723 0.02185  96  THR A N   
617 C CA  . THR A 96  ? 1.04133 0.96652 0.88466 0.35096  -0.13206 0.01828  96  THR A CA  
618 C C   . THR A 96  ? 1.04027 1.03212 0.98470 0.33482  -0.11483 0.00645  96  THR A C   
619 O O   . THR A 96  ? 1.03287 1.02834 1.02024 0.34599  -0.13546 0.00312  96  THR A O   
620 C CB  . THR A 96  ? 1.29892 1.21354 1.13856 0.34505  -0.18187 0.01153  96  THR A CB  
621 O OG1 . THR A 96  ? 1.32916 1.29842 1.22350 0.31292  -0.17335 0.00129  96  THR A OG1 
622 C CG2 . THR A 96  ? 1.51996 1.35782 1.24865 0.36414  -0.20144 0.01849  96  THR A CG2 
623 N N   . GLY A 97  ? 1.06229 1.10193 1.04230 0.31129  -0.07986 -0.00157 97  GLY A N   
624 C CA  . GLY A 97  ? 1.06506 1.15989 1.12776 0.29826  -0.05998 -0.01647 97  GLY A CA  
625 C C   . GLY A 97  ? 0.97320 1.09543 1.04219 0.27827  -0.01967 -0.02180 97  GLY A C   
626 O O   . GLY A 97  ? 0.93918 1.04947 0.96392 0.27026  -0.01198 -0.01488 97  GLY A O   
627 N N   . TYR A 98  ? 0.74152 0.89782 0.86706 0.27199  0.00229  -0.03648 98  TYR A N   
628 C CA  . TYR A 98  ? 0.78928 0.96761 0.91838 0.25099  0.03452  -0.04535 98  TYR A CA  
629 C C   . TYR A 98  ? 0.89562 1.11290 1.08763 0.24382  0.05415  -0.06900 98  TYR A C   
630 O O   . TYR A 98  ? 0.91249 1.13089 1.14832 0.26372  0.04772  -0.07602 98  TYR A O   
631 C CB  . TYR A 98  ? 0.84675 0.99382 0.94307 0.25947  0.04937  -0.03306 98  TYR A CB  
632 C CG  . TYR A 98  ? 1.09931 1.22124 1.21125 0.27986  0.05293  -0.02903 98  TYR A CG  
633 C CD1 . TYR A 98  ? 0.94822 1.07987 1.09771 0.27441  0.07226  -0.04308 98  TYR A CD1 
634 C CD2 . TYR A 98  ? 1.20459 1.28238 1.28360 0.30415  0.03436  -0.01081 98  TYR A CD2 
635 C CE1 . TYR A 98  ? 0.98626 1.08496 1.14756 0.29204  0.07187  -0.03776 98  TYR A CE1 
636 C CE2 . TYR A 98  ? 1.06599 1.10907 1.14919 0.32092  0.03468  -0.00303 98  TYR A CE2 
637 C CZ  . TYR A 98  ? 1.09231 1.14628 1.22035 0.31451  0.05296  -0.01583 98  TYR A CZ  
638 O OH  . TYR A 98  ? 1.29416 1.30412 1.42425 0.33038  0.04970  -0.00657 98  TYR A OH  
639 N N   . GLN A 99  ? 0.82143 1.06524 1.01216 0.21687  0.07686  -0.08213 99  GLN A N   
640 C CA  . GLN A 99  ? 0.85055 1.12477 1.08260 0.20855  0.10477  -0.10845 99  GLN A CA  
641 C C   . GLN A 99  ? 0.83241 1.08892 1.02675 0.19490  0.12223  -0.11322 99  GLN A C   
642 O O   . GLN A 99  ? 0.86013 1.10765 1.00662 0.17538  0.11886  -0.10379 99  GLN A O   
643 C CB  . GLN A 99  ? 0.83788 1.15842 1.09645 0.18455  0.11859  -0.12249 99  GLN A CB  
644 C CG  . GLN A 99  ? 0.68954 1.03759 1.00794 0.19497  0.09863  -0.12175 99  GLN A CG  
645 C CD  . GLN A 99  ? 0.69385 1.09117 1.04300 0.16360  0.11579  -0.13129 99  GLN A CD  
646 O OE1 . GLN A 99  ? 0.91152 1.30144 1.20606 0.13247  0.12474  -0.12316 99  GLN A OE1 
647 N NE2 . GLN A 99  ? 0.74859 1.19595 1.18905 0.17081  0.12028  -0.14779 99  GLN A NE2 
648 N N   . VAL A 100 ? 0.93585 1.18250 1.15327 0.20587  0.13493  -0.12808 100 VAL A N   
649 C CA  . VAL A 100 ? 0.93042 1.15564 1.11940 0.19317  0.14477  -0.13471 100 VAL A CA  
650 C C   . VAL A 100 ? 0.81717 1.06023 1.00296 0.17521  0.17028  -0.16630 100 VAL A C   
651 O O   . VAL A 100 ? 0.95532 1.23118 1.17665 0.17791  0.18766  -0.18469 100 VAL A O   
652 C CB  . VAL A 100 ? 0.98114 1.17229 1.18949 0.21251  0.14081  -0.13022 100 VAL A CB  
653 C CG1 . VAL A 100 ? 1.22700 1.39514 1.41005 0.19601  0.14097  -0.12771 100 VAL A CG1 
654 C CG2 . VAL A 100 ? 1.01890 1.19114 1.22829 0.23446  0.12261  -0.10182 100 VAL A CG2 
655 N N   . ASP A 101 ? 0.77114 0.99218 0.91336 0.15629  0.17278  -0.17362 101 ASP A N   
656 C CA  . ASP A 101 ? 0.81713 1.03776 0.93276 0.13912  0.19657  -0.20536 101 ASP A CA  
657 C C   . ASP A 101 ? 0.97096 1.22389 1.06661 0.11897  0.21695  -0.21080 101 ASP A C   
658 O O   . ASP A 101 ? 0.98170 1.26450 1.10826 0.12164  0.24821  -0.23532 101 ASP A O   
659 C CB  . ASP A 101 ? 0.85125 1.06687 1.01074 0.15998  0.21434  -0.23549 101 ASP A CB  
660 C CG  . ASP A 101 ? 0.85470 1.02930 1.03015 0.17387  0.19485  -0.22858 101 ASP A CG  
661 O OD1 . ASP A 101 ? 0.82991 0.98449 0.98155 0.16251  0.17398  -0.20603 101 ASP A OD1 
662 O OD2 . ASP A 101 ? 0.95165 1.11377 1.16881 0.19595  0.20090  -0.24601 101 ASP A OD2 
663 N N   . LYS A 102 ? 1.08145 1.32781 1.12931 0.09838  0.19987  -0.18726 102 LYS A N   
664 C CA  . LYS A 102 ? 1.04859 1.31123 1.06012 0.07015  0.21632  -0.18681 102 LYS A CA  
665 C C   . LYS A 102 ? 1.15695 1.37938 1.07485 0.04083  0.21239  -0.18917 102 LYS A C   
666 O O   . LYS A 102 ? 1.20358 1.39102 1.09468 0.04313  0.18419  -0.18358 102 LYS A O   
667 C CB  . LYS A 102 ? 0.91335 1.18797 0.93582 0.06810  0.19358  -0.15687 102 LYS A CB  
668 C CG  . LYS A 102 ? 0.96046 1.25708 1.05885 0.09994  0.18138  -0.14971 102 LYS A CG  
669 C CD  . LYS A 102 ? 0.76835 1.10230 0.90595 0.09230  0.18417  -0.14466 102 LYS A CD  
670 C CE  . LYS A 102 ? 0.78956 1.16659 0.95932 0.07630  0.22804  -0.17129 102 LYS A CE  
671 N NZ  . LYS A 102 ? 0.81625 1.23972 1.04658 0.06655  0.23097  -0.16683 102 LYS A NZ  
672 N N   . ASN A 103 ? 1.10755 1.33373 0.97607 0.01170  0.24012  -0.19705 103 ASN A N   
673 C CA  . ASN A 103 ? 1.29712 1.47380 1.05814 -0.01862 0.23299  -0.19678 103 ASN A CA  
674 C C   . ASN A 103 ? 1.28510 1.44236 0.99783 -0.04103 0.20474  -0.16271 103 ASN A C   
675 O O   . ASN A 103 ? 1.09932 1.28405 0.85864 -0.03707 0.19865  -0.14348 103 ASN A O   
676 C CB  . ASN A 103 ? 1.64146 1.81737 1.35247 -0.03916 0.28462  -0.22735 103 ASN A CB  
677 C CG  . ASN A 103 ? 1.75246 1.99019 1.52576 -0.04330 0.33232  -0.23407 103 ASN A CG  
678 O OD1 . ASN A 103 ? 1.79528 2.07797 1.66018 -0.01591 0.35524  -0.25562 103 ASN A OD1 
679 N ND2 . ASN A 103 ? 1.92577 2.16483 1.65430 -0.07863 0.34533  -0.21525 103 ASN A ND2 
680 N N   . LYS A 104 ? 1.49252 1.59366 1.10640 -0.06409 0.18164  -0.15622 104 LYS A N   
681 C CA  . LYS A 104 ? 1.39526 1.46268 0.95849 -0.08065 0.14266  -0.12352 104 LYS A CA  
682 C C   . LYS A 104 ? 1.20897 1.29080 0.75845 -0.10800 0.16810  -0.10907 104 LYS A C   
683 O O   . LYS A 104 ? 1.14499 1.22281 0.70787 -0.10858 0.14010  -0.08271 104 LYS A O   
684 C CB  . LYS A 104 ? 1.65511 1.65333 1.10939 -0.10107 0.11056  -0.12177 104 LYS A CB  
685 C CG  . LYS A 104 ? 1.84780 1.79892 1.24002 -0.11773 0.06491  -0.08887 104 LYS A CG  
686 C CD  . LYS A 104 ? 1.83693 1.71346 1.11693 -0.13723 0.02731  -0.08841 104 LYS A CD  
687 C CE  . LYS A 104 ? 1.93088 1.77715 1.10792 -0.17067 0.07122  -0.10695 104 LYS A CE  
688 N NZ  . LYS A 104 ? 2.15385 1.91555 1.20652 -0.18902 0.02830  -0.10792 104 LYS A NZ  
689 N N   . ASP A 105 ? 1.30379 1.40221 0.82971 -0.13144 0.22269  -0.12715 105 ASP A N   
690 C CA  . ASP A 105 ? 1.35458 1.46733 0.86600 -0.16663 0.25308  -0.11282 105 ASP A CA  
691 C C   . ASP A 105 ? 1.25545 1.44597 0.89366 -0.15259 0.27698  -0.11630 105 ASP A C   
692 O O   . ASP A 105 ? 1.21041 1.42383 0.85975 -0.18324 0.30252  -0.10520 105 ASP A O   
693 C CB  . ASP A 105 ? 1.46202 1.55679 0.88391 -0.20241 0.30799  -0.13016 105 ASP A CB  
694 C CG  . ASP A 105 ? 1.77451 1.78009 1.05408 -0.21934 0.27736  -0.12603 105 ASP A CG  
695 O OD1 . ASP A 105 ? 1.80627 1.76498 1.05513 -0.21455 0.21289  -0.10049 105 ASP A OD1 
696 O OD2 . ASP A 105 ? 1.87435 1.85436 1.07245 -0.23554 0.31559  -0.15002 105 ASP A OD2 
697 N N   . ASP A 106 ? 1.19407 1.42189 0.92697 -0.10947 0.26650  -0.12988 106 ASP A N   
698 C CA  . ASP A 106 ? 1.02936 1.32327 0.87949 -0.09271 0.27847  -0.13328 106 ASP A CA  
699 C C   . ASP A 106 ? 1.06956 1.35471 0.93062 -0.10158 0.23932  -0.10091 106 ASP A C   
700 O O   . ASP A 106 ? 1.03960 1.28290 0.87186 -0.08559 0.19051  -0.08236 106 ASP A O   
701 C CB  . ASP A 106 ? 0.95767 1.27304 0.88536 -0.04444 0.26634  -0.14980 106 ASP A CB  
702 C CG  . ASP A 106 ? 1.05471 1.39963 1.01576 -0.03239 0.31299  -0.18763 106 ASP A CG  
703 O OD1 . ASP A 106 ? 1.05140 1.41676 0.99462 -0.05860 0.36269  -0.20387 106 ASP A OD1 
704 O OD2 . ASP A 106 ? 0.94890 1.29289 0.95140 0.00314  0.30196  -0.20148 106 ASP A OD2 
705 N N   . GLU A 107 ? 1.01653 1.34135 0.92354 -0.12698 0.26118  -0.09591 107 GLU A N   
706 C CA  . GLU A 107 ? 1.09126 1.40488 1.01435 -0.13621 0.22110  -0.06835 107 GLU A CA  
707 C C   . GLU A 107 ? 0.92120 1.25184 0.92202 -0.09000 0.18317  -0.06959 107 GLU A C   
708 O O   . GLU A 107 ? 0.87854 1.25416 0.95619 -0.06054 0.19867  -0.09105 107 GLU A O   
709 C CB  . GLU A 107 ? 1.11447 1.47138 1.08199 -0.17856 0.25381  -0.06369 107 GLU A CB  
710 C CG  . GLU A 107 ? 1.40587 1.72461 1.27209 -0.23381 0.28261  -0.04901 107 GLU A CG  
711 C CD  . GLU A 107 ? 1.61913 1.94591 1.43797 -0.24282 0.34204  -0.07412 107 GLU A CD  
712 O OE1 . GLU A 107 ? 1.68159 2.06471 1.57736 -0.21260 0.37308  -0.10628 107 GLU A OE1 
713 O OE2 . GLU A 107 ? 1.71384 1.98271 1.41149 -0.27895 0.35487  -0.06240 107 GLU A OE2 
714 N N   . LEU A 108 ? 1.01153 1.29785 0.98357 -0.08229 0.13240  -0.04681 108 LEU A N   
715 C CA  . LEU A 108 ? 0.93635 1.22662 0.96150 -0.04198 0.09618  -0.04544 108 LEU A CA  
716 C C   . LEU A 108 ? 0.98302 1.32000 1.09534 -0.05116 0.09359  -0.04730 108 LEU A C   
717 O O   . LEU A 108 ? 0.92021 1.25268 1.02783 -0.08843 0.08708  -0.03337 108 LEU A O   
718 C CB  . LEU A 108 ? 1.02696 1.25178 0.98722 -0.02948 0.04731  -0.02455 108 LEU A CB  
719 C CG  . LEU A 108 ? 1.10741 1.29500 1.00958 -0.00951 0.04029  -0.02388 108 LEU A CG  
720 C CD1 . LEU A 108 ? 1.08170 1.20782 0.92089 -0.00655 -0.00250 -0.00412 108 LEU A CD1 
721 C CD2 . LEU A 108 ? 0.86956 1.07492 0.81559 0.03394  0.04278  -0.03569 108 LEU A CD2 
722 N N   . THR A 109 ? 1.09579 1.47480 1.29062 -0.01864 0.09487  -0.06365 109 THR A N   
723 C CA  . THR A 109 ? 1.05398 1.48316 1.34834 -0.02191 0.08546  -0.06865 109 THR A CA  
724 C C   . THR A 109 ? 1.00914 1.42130 1.33108 0.02423  0.03859  -0.06811 109 THR A C   
725 O O   . THR A 109 ? 1.02985 1.41357 1.31858 0.05984  0.03416  -0.07047 109 THR A O   
726 C CB  . THR A 109 ? 0.99718 1.50540 1.38212 -0.03038 0.13899  -0.09401 109 THR A CB  
727 O OG1 . THR A 109 ? 1.23109 1.79506 1.73164 -0.03106 0.12344  -0.09942 109 THR A OG1 
728 C CG2 . THR A 109 ? 0.93238 1.44629 1.32792 0.01040  0.15708  -0.11522 109 THR A CG2 
729 N N   . GLY A 110 ? 0.87039 1.29540 1.24916 0.02071  0.00213  -0.06381 110 GLY A N   
730 C CA  . GLY A 110 ? 0.76561 1.16628 1.15982 0.06269  -0.04672 -0.06312 110 GLY A CA  
731 C C   . GLY A 110 ? 0.86450 1.31178 1.34363 0.09436  -0.03424 -0.08289 110 GLY A C   
732 O O   . GLY A 110 ? 0.92468 1.44234 1.49156 0.08132  0.00355  -0.10099 110 GLY A O   
733 N N   . PHE A 111 ? 0.99157 1.39458 1.44088 0.13756  -0.06503 -0.07946 111 PHE A N   
734 C CA  . PHE A 111 ? 1.03455 1.46252 1.55231 0.17223  -0.06396 -0.09463 111 PHE A CA  
735 C C   . PHE A 111 ? 1.22040 1.58826 1.70445 0.21019  -0.12196 -0.08274 111 PHE A C   
736 O O   . PHE A 111 ? 1.30299 1.60363 1.68804 0.21586  -0.14537 -0.06511 111 PHE A O   
737 C CB  . PHE A 111 ? 0.90864 1.33582 1.40089 0.18315  -0.01599 -0.10465 111 PHE A CB  
738 C CG  . PHE A 111 ? 0.85374 1.21683 1.23165 0.18605  -0.01227 -0.08794 111 PHE A CG  
739 C CD1 . PHE A 111 ? 0.76238 1.06799 1.08878 0.21992  -0.03652 -0.07543 111 PHE A CD1 
740 C CD2 . PHE A 111 ? 0.88039 1.24049 1.20449 0.15454  0.01576  -0.08428 111 PHE A CD2 
741 C CE1 . PHE A 111 ? 0.83545 1.09364 1.07432 0.22232  -0.02794 -0.06160 111 PHE A CE1 
742 C CE2 . PHE A 111 ? 0.89118 1.19985 1.12792 0.15967  0.01528  -0.07086 111 PHE A CE2 
743 C CZ  . PHE A 111 ? 0.82600 1.08967 1.02800 0.19367  -0.00405 -0.06057 111 PHE A CZ  
744 N N   . GLU A 112 ? 1.36828 1.75706 1.93209 0.23775  -0.14501 -0.09347 112 GLU A N   
745 C CA  . GLU A 112 ? 1.50043 1.82391 2.02456 0.27420  -0.20369 -0.08145 112 GLU A CA  
746 C C   . GLU A 112 ? 1.54983 1.80127 1.96314 0.29761  -0.18922 -0.06703 112 GLU A C   
747 O O   . GLU A 112 ? 1.38362 1.64713 1.78486 0.29288  -0.13915 -0.07151 112 GLU A O   
748 C CB  . GLU A 112 ? 1.41772 1.77636 2.05441 0.30091  -0.23309 -0.09614 112 GLU A CB  
749 N N   . ASN A 113 ? 1.70921 1.88293 2.03943 0.32138  -0.23367 -0.04979 113 ASN A N   
750 C CA  . ASN A 113 ? 1.69974 1.80400 1.92433 0.34142  -0.21760 -0.03316 113 ASN A CA  
751 C C   . ASN A 113 ? 1.69025 1.75241 1.91353 0.37686  -0.24193 -0.02738 113 ASN A C   
752 O O   . ASN A 113 ? 1.65842 1.68869 1.83988 0.38836  -0.21277 -0.01846 113 ASN A O   
753 C CB  . ASN A 113 ? 1.72535 1.76144 1.83453 0.34278  -0.23799 -0.01693 113 ASN A CB  
754 C CG  . ASN A 113 ? 1.73171 1.73299 1.82980 0.35145  -0.30613 -0.01556 113 ASN A CG  
755 O OD1 . ASN A 113 ? 1.72544 1.74550 1.89828 0.36215  -0.34471 -0.02275 113 ASN A OD1 
756 N ND2 . ASN A 113 ? 1.55274 1.50039 1.55975 0.34850  -0.32524 -0.00831 113 ASN A ND2 
# 
